data_7ZRL
#
_entry.id   7ZRL
#
loop_
_entity.id
_entity.type
_entity.pdbx_description
1 polymer 'Potassium-transporting ATPase potassium-binding subunit'
2 polymer 'Potassium-transporting ATPase ATP-binding subunit'
3 polymer 'Potassium-transporting ATPase KdpC subunit'
4 polymer 'Potassium-transporting ATPase KdpF subunit'
5 non-polymer 'POTASSIUM ION'
#
loop_
_entity_poly.entity_id
_entity_poly.type
_entity_poly.pdbx_seq_one_letter_code
_entity_poly.pdbx_strand_id
1 'polypeptide(L)'
;MAAQGFLLIATFLLVLMVLARPLGSGLARLINDIPLPGTTGVERVLFRALGVSDREMNWKQYLCAILGLNMLGLAVLFFM
LLGQHYLPLNPQQLPGLSWDLALNTAVSFVTNTNWQSYSGETTLSYFSQMAGLTVQNFLSAASGIAVIFALIRAFTRQSM
STLGNAWVDLLRITLWVLVPVALLIALFFIQQGALQNFLPYQAVNTVEGAQQLLPMGPVASQEAIKMLGTNGGGFFNANS
SHPFENPTALTNFVQMLAIFLIPTALCFAFGEVMGDRRQGRMLLWAMSVIFVICVGVVMWAEVQGNPHLLALGTDSSINM
EGKESRFGVLVSSLFAVVTTAASCGAVIAMHDSFTALGGMVPMWLMQIGEVVFGGVGSGLYGMMLFVLLAVFIAGLMIGR
TPEYLGKKIDVREMKLTALAILVTPTLVLMGAALAMMTDAGRSAMLNPGPHGFSEVLYAVSSAANNNGSAFAGLSANSPF
WNCLLAFCMFVGRFGVIIPVMAIAGSLVSKKSQAASSGTLPTHGPLFVGLLIGTVLLVGALTFIPALALGPVAEYLS
;
A
2 'polypeptide(L)'
;MSRKQLALFEPTLVVQALKEAVKKLNPQAQWRNPVMFIVWIGSLLTTCISIAMASGAMPGNALFSAAISGWLWITVLFAN
FAEALAEGRSKAQANSLKGVKKTAFARKLREPKYGAAADKVPADQLRKGDIVLVEAGDIIPCDGEVIEGGASVDESAITG
EAAPVIRESGGDFASVTGGTRILSDWLVIECSVNPGETFLDRMIAMVEGAQRRKTPNEIALTILLIALTIVFLLATATLW
PFSAWGGNAVSVTVLVALLVCLIPTTIGGLLSAIGVAGMSRMLGANVIATSGRAVEAAGDVDVLLL(PHD)KTGTITLGN
RQASEFIPAQGVDEKTLADAAQLASLADETPEGRSIVILAKQRFNLRERDVQSLHATFVPFTAQSRMSGINIDNRMIRKG
SVDAIRRHVEANGGHFPTDVDQKVDQVARQGATPLVVVEGSRVLGVIALKDIVKGGIKERFAQLRKMGIKTVMITGDNRL
TAAAIAAEAGVDDFLAEATPEAKLALIRQYQAEGRLVAMTGDGTNDAPALAQADVAVAMNSGTQAAKEAGNMVDLDSNPT
KLIEVVHIGKQMLMTRGSLTTFSIANDVAKYFAIIPAAFAATYPQLNALNIMCLHSPDSAILSAVIFNALIIVFLIPLAL
KGVSYKPLTASAMLRRNLWIYGLGGLLVPFIGIKVIDLLLTVCGLV
;
B
3 'polypeptide(L)'
;MSGLRPALSTFIFLLLITGGVYPLLTTVLGQWWFPWQANGSLIREGDTVRGSALIGQNFTGNGYFHGRPSATAEMPYNPQ
ASGGSNLAVSNPELDKLIAARVAALRAANPDASASVPVELVTASASGLDNNITPQAAAWQIPRVAKARNLSVEQLTQLIA
KYSQQPLVKYIGQPVVNIVELNLALDKLDE
;
C
4 'polypeptide(L)' MSAGVITGVLLVFLLLGYLVYALINAE D
#
loop_
_chem_comp.id
_chem_comp.type
_chem_comp.name
_chem_comp.formula
K non-polymer 'POTASSIUM ION' 'K 1'
#
# COMPACT_ATOMS: atom_id res chain seq x y z
N MET A 1 18.02 1.47 40.77
CA MET A 1 17.24 0.63 39.87
C MET A 1 17.36 1.13 38.44
N ALA A 2 18.06 2.25 38.25
CA ALA A 2 18.19 2.83 36.91
C ALA A 2 19.07 1.97 36.02
N ALA A 3 20.23 1.56 36.51
CA ALA A 3 21.15 0.75 35.71
C ALA A 3 20.72 -0.71 35.61
N GLN A 4 19.89 -1.17 36.54
CA GLN A 4 19.44 -2.56 36.54
C GLN A 4 18.63 -2.87 35.28
N GLY A 5 17.79 -1.93 34.85
CA GLY A 5 17.07 -2.11 33.61
C GLY A 5 17.98 -2.19 32.40
N PHE A 6 19.05 -1.38 32.38
CA PHE A 6 20.00 -1.43 31.28
C PHE A 6 20.72 -2.77 31.23
N LEU A 7 21.15 -3.28 32.39
CA LEU A 7 21.78 -4.60 32.43
C LEU A 7 20.81 -5.69 32.01
N LEU A 8 19.55 -5.60 32.43
CA LEU A 8 18.56 -6.61 32.07
C LEU A 8 18.30 -6.62 30.56
N ILE A 9 18.13 -5.42 29.96
CA ILE A 9 17.91 -5.33 28.53
C ILE A 9 19.12 -5.83 27.75
N ALA A 10 20.32 -5.45 28.20
CA ALA A 10 21.54 -5.89 27.51
C ALA A 10 21.71 -7.40 27.60
N THR A 11 21.47 -7.99 28.77
CA THR A 11 21.59 -9.44 28.94
C THR A 11 20.57 -10.17 28.07
N PHE A 12 19.32 -9.70 28.06
CA PHE A 12 18.29 -10.33 27.24
C PHE A 12 18.61 -10.24 25.76
N LEU A 13 19.07 -9.06 25.30
CA LEU A 13 19.38 -8.89 23.89
C LEU A 13 20.58 -9.74 23.47
N LEU A 14 21.62 -9.82 24.31
CA LEU A 14 22.78 -10.63 23.97
C LEU A 14 22.43 -12.11 23.95
N VAL A 15 21.65 -12.60 24.92
CA VAL A 15 21.31 -14.01 24.90
C VAL A 15 20.35 -14.33 23.73
N LEU A 16 19.51 -13.36 23.34
CA LEU A 16 18.66 -13.56 22.16
C LEU A 16 19.49 -13.64 20.89
N MET A 17 20.47 -12.75 20.72
CA MET A 17 21.33 -12.80 19.54
C MET A 17 22.20 -14.04 19.52
N VAL A 18 22.59 -14.55 20.69
CA VAL A 18 23.35 -15.80 20.75
C VAL A 18 22.47 -16.98 20.34
N LEU A 19 21.25 -17.05 20.89
CA LEU A 19 20.39 -18.19 20.63
C LEU A 19 19.76 -18.16 19.24
N ALA A 20 19.70 -17.00 18.58
CA ALA A 20 18.99 -16.89 17.32
C ALA A 20 19.74 -17.50 16.14
N ARG A 21 21.08 -17.43 16.15
CA ARG A 21 21.86 -17.78 14.95
C ARG A 21 21.74 -19.24 14.51
N PRO A 22 21.85 -20.26 15.39
CA PRO A 22 21.66 -21.63 14.88
C PRO A 22 20.24 -21.91 14.42
N LEU A 23 19.24 -21.43 15.17
CA LEU A 23 17.86 -21.56 14.70
C LEU A 23 17.61 -20.74 13.44
N GLY A 24 18.29 -19.60 13.30
CA GLY A 24 18.20 -18.84 12.07
C GLY A 24 18.75 -19.59 10.88
N SER A 25 19.89 -20.25 11.05
CA SER A 25 20.45 -21.05 9.95
C SER A 25 19.57 -22.24 9.62
N GLY A 26 19.02 -22.91 10.64
CA GLY A 26 18.10 -24.02 10.38
C GLY A 26 16.84 -23.58 9.66
N LEU A 27 16.26 -22.45 10.07
CA LEU A 27 15.09 -21.93 9.39
C LEU A 27 15.43 -21.51 7.96
N ALA A 28 16.63 -20.95 7.75
CA ALA A 28 17.07 -20.62 6.39
C ALA A 28 17.19 -21.87 5.53
N ARG A 29 17.60 -22.99 6.14
CA ARG A 29 17.54 -24.26 5.42
C ARG A 29 16.11 -24.65 5.10
N LEU A 30 15.16 -24.31 5.98
CA LEU A 30 13.75 -24.59 5.68
C LEU A 30 13.22 -23.73 4.52
N ILE A 31 13.62 -22.46 4.41
CA ILE A 31 13.31 -21.72 3.18
C ILE A 31 13.98 -22.38 1.97
N ASN A 32 15.26 -22.73 2.11
CA ASN A 32 16.01 -23.29 1.00
C ASN A 32 15.56 -24.69 0.59
N ASP A 33 14.68 -25.32 1.37
CA ASP A 33 14.08 -26.64 1.14
C ASP A 33 15.09 -27.78 1.21
N ILE A 34 16.32 -27.51 1.62
CA ILE A 34 17.28 -28.57 1.88
C ILE A 34 16.88 -29.29 3.18
N PRO A 35 16.83 -30.61 3.20
CA PRO A 35 16.43 -31.31 4.43
C PRO A 35 17.44 -31.10 5.56
N LEU A 36 16.92 -31.06 6.78
CA LEU A 36 17.77 -30.94 7.96
C LEU A 36 18.61 -32.20 8.13
N PRO A 37 19.81 -32.08 8.68
CA PRO A 37 20.67 -33.26 8.85
C PRO A 37 20.06 -34.27 9.81
N GLY A 38 20.18 -35.55 9.43
CA GLY A 38 19.60 -36.63 10.19
C GLY A 38 18.12 -36.86 9.94
N THR A 39 17.48 -36.06 9.09
CA THR A 39 16.05 -36.20 8.82
C THR A 39 15.76 -36.33 7.33
N THR A 40 16.75 -36.75 6.53
CA THR A 40 16.57 -36.79 5.08
C THR A 40 15.64 -37.93 4.66
N GLY A 41 15.84 -39.12 5.22
CA GLY A 41 15.07 -40.28 4.79
C GLY A 41 13.76 -40.44 5.52
N VAL A 42 13.74 -40.12 6.82
CA VAL A 42 12.54 -40.32 7.62
C VAL A 42 11.42 -39.37 7.16
N GLU A 43 11.79 -38.16 6.73
CA GLU A 43 10.77 -37.25 6.20
C GLU A 43 10.24 -37.72 4.86
N ARG A 44 11.08 -38.37 4.04
CA ARG A 44 10.61 -38.92 2.78
C ARG A 44 9.65 -40.08 3.02
N VAL A 45 9.97 -40.95 3.99
CA VAL A 45 9.07 -42.04 4.35
C VAL A 45 7.76 -41.50 4.89
N LEU A 46 7.83 -40.47 5.72
CA LEU A 46 6.61 -39.87 6.27
C LEU A 46 5.74 -39.24 5.19
N PHE A 47 6.36 -38.53 4.24
CA PHE A 47 5.59 -37.90 3.17
C PHE A 47 4.97 -38.95 2.25
N ARG A 48 5.70 -40.03 1.98
CA ARG A 48 5.14 -41.11 1.16
C ARG A 48 3.99 -41.81 1.89
N ALA A 49 4.11 -41.99 3.20
CA ALA A 49 3.05 -42.63 3.97
C ALA A 49 1.81 -41.75 4.05
N LEU A 50 1.99 -40.45 4.24
CA LEU A 50 0.85 -39.55 4.35
C LEU A 50 0.20 -39.31 3.00
N GLY A 51 0.96 -39.37 1.91
CA GLY A 51 0.44 -39.14 0.58
C GLY A 51 0.63 -37.75 0.04
N VAL A 52 1.30 -36.87 0.77
CA VAL A 52 1.54 -35.51 0.26
C VAL A 52 2.55 -35.54 -0.88
N SER A 53 3.57 -36.41 -0.78
CA SER A 53 4.63 -36.58 -1.76
C SER A 53 5.33 -35.26 -2.06
N ASP A 54 5.58 -34.98 -3.34
CA ASP A 54 6.07 -33.68 -3.78
C ASP A 54 5.15 -33.15 -4.86
N ARG A 55 4.63 -31.94 -4.65
CA ARG A 55 3.71 -31.33 -5.60
C ARG A 55 3.81 -29.81 -5.42
N GLU A 56 4.52 -29.15 -6.33
CA GLU A 56 4.68 -27.71 -6.27
C GLU A 56 3.36 -27.03 -6.60
N MET A 57 2.97 -26.07 -5.76
CA MET A 57 1.68 -25.40 -5.90
C MET A 57 1.89 -23.89 -5.91
N ASN A 58 0.96 -23.19 -6.53
CA ASN A 58 1.04 -21.75 -6.67
C ASN A 58 0.43 -21.07 -5.43
N TRP A 59 0.30 -19.75 -5.49
CA TRP A 59 -0.13 -18.98 -4.33
C TRP A 59 -1.60 -19.25 -3.99
N LYS A 60 -2.44 -19.44 -5.01
CA LYS A 60 -3.86 -19.71 -4.76
C LYS A 60 -4.05 -21.05 -4.07
N GLN A 61 -3.33 -22.08 -4.55
CA GLN A 61 -3.40 -23.39 -3.91
C GLN A 61 -2.83 -23.36 -2.50
N TYR A 62 -1.72 -22.63 -2.31
CA TYR A 62 -1.16 -22.47 -0.96
C TYR A 62 -2.14 -21.80 -0.02
N LEU A 63 -2.78 -20.73 -0.49
CA LEU A 63 -3.67 -19.92 0.35
C LEU A 63 -4.90 -20.71 0.74
N CYS A 64 -5.51 -21.40 -0.23
CA CYS A 64 -6.70 -22.19 0.09
C CYS A 64 -6.34 -23.39 0.93
N ALA A 65 -5.13 -23.95 0.78
CA ALA A 65 -4.69 -25.03 1.64
C ALA A 65 -4.55 -24.58 3.08
N ILE A 66 -3.90 -23.43 3.30
CA ILE A 66 -3.70 -22.92 4.66
C ILE A 66 -5.03 -22.58 5.31
N LEU A 67 -5.91 -21.89 4.58
CA LEU A 67 -7.21 -21.54 5.16
C LEU A 67 -8.13 -22.75 5.30
N GLY A 68 -8.00 -23.76 4.44
CA GLY A 68 -8.77 -24.97 4.64
C GLY A 68 -8.33 -25.75 5.86
N LEU A 69 -7.02 -25.82 6.10
CA LEU A 69 -6.52 -26.45 7.31
C LEU A 69 -6.97 -25.68 8.56
N ASN A 70 -6.89 -24.34 8.50
CA ASN A 70 -7.30 -23.52 9.63
C ASN A 70 -8.80 -23.65 9.90
N MET A 71 -9.62 -23.67 8.84
CA MET A 71 -11.06 -23.79 9.02
C MET A 71 -11.44 -25.18 9.52
N LEU A 72 -10.76 -26.22 9.04
CA LEU A 72 -11.04 -27.57 9.53
C LEU A 72 -10.66 -27.71 10.99
N GLY A 73 -9.52 -27.13 11.38
CA GLY A 73 -9.15 -27.11 12.79
C GLY A 73 -10.12 -26.30 13.63
N LEU A 74 -10.64 -25.20 13.06
CA LEU A 74 -11.64 -24.40 13.74
C LEU A 74 -12.92 -25.19 13.99
N ALA A 75 -13.39 -25.93 12.98
CA ALA A 75 -14.58 -26.75 13.15
C ALA A 75 -14.35 -27.88 14.15
N VAL A 76 -13.16 -28.50 14.10
CA VAL A 76 -12.82 -29.56 15.04
C VAL A 76 -12.80 -29.04 16.47
N LEU A 77 -12.19 -27.87 16.68
CA LEU A 77 -12.12 -27.30 18.02
C LEU A 77 -13.50 -26.83 18.50
N PHE A 78 -14.33 -26.30 17.60
CA PHE A 78 -15.67 -25.87 17.99
C PHE A 78 -16.51 -27.06 18.43
N PHE A 79 -16.47 -28.16 17.66
CA PHE A 79 -17.21 -29.36 18.07
C PHE A 79 -16.63 -29.98 19.33
N MET A 80 -15.31 -29.91 19.50
CA MET A 80 -14.67 -30.51 20.67
C MET A 80 -15.00 -29.74 21.94
N LEU A 81 -15.03 -28.40 21.85
CA LEU A 81 -15.47 -27.59 22.98
C LEU A 81 -16.96 -27.72 23.25
N LEU A 82 -17.77 -27.91 22.20
CA LEU A 82 -19.19 -28.12 22.41
C LEU A 82 -19.47 -29.45 23.12
N GLY A 83 -18.81 -30.52 22.69
CA GLY A 83 -19.00 -31.80 23.31
C GLY A 83 -18.04 -32.09 24.43
N GLN A 84 -17.99 -31.21 25.44
CA GLN A 84 -17.07 -31.39 26.55
C GLN A 84 -17.52 -32.51 27.48
N HIS A 85 -18.83 -32.78 27.54
CA HIS A 85 -19.35 -33.80 28.45
C HIS A 85 -18.88 -35.20 28.05
N TYR A 86 -18.94 -35.52 26.76
CA TYR A 86 -18.70 -36.89 26.32
C TYR A 86 -17.21 -37.25 26.28
N LEU A 87 -16.32 -36.26 26.27
CA LEU A 87 -14.91 -36.53 26.16
C LEU A 87 -14.35 -37.11 27.46
N PRO A 88 -13.33 -37.97 27.38
CA PRO A 88 -12.73 -38.51 28.61
C PRO A 88 -11.83 -37.50 29.30
N LEU A 89 -11.14 -37.95 30.36
CA LEU A 89 -10.22 -37.13 31.16
C LEU A 89 -10.92 -35.90 31.73
N ASN A 90 -11.90 -36.16 32.60
CA ASN A 90 -12.63 -35.11 33.29
C ASN A 90 -12.67 -35.46 34.76
N PRO A 91 -11.62 -35.10 35.52
CA PRO A 91 -11.62 -35.39 36.97
C PRO A 91 -12.76 -34.73 37.72
N GLN A 92 -13.11 -33.51 37.34
CA GLN A 92 -14.33 -32.87 37.79
C GLN A 92 -15.27 -32.75 36.60
N GLN A 93 -16.52 -33.16 36.79
CA GLN A 93 -17.48 -33.20 35.69
C GLN A 93 -17.90 -31.77 35.35
N LEU A 94 -17.02 -31.10 34.61
CA LEU A 94 -17.27 -29.72 34.24
C LEU A 94 -18.35 -29.65 33.16
N PRO A 95 -19.23 -28.65 33.22
CA PRO A 95 -20.24 -28.52 32.17
C PRO A 95 -19.63 -28.12 30.85
N GLY A 96 -20.29 -28.53 29.77
CA GLY A 96 -19.90 -28.07 28.44
C GLY A 96 -20.13 -26.58 28.30
N LEU A 97 -19.22 -25.93 27.58
CA LEU A 97 -19.28 -24.48 27.45
C LEU A 97 -20.45 -24.07 26.56
N SER A 98 -20.87 -22.81 26.72
CA SER A 98 -21.94 -22.27 25.91
C SER A 98 -21.47 -22.09 24.47
N TRP A 99 -22.44 -21.85 23.57
CA TRP A 99 -22.12 -21.72 22.15
C TRP A 99 -21.25 -20.49 21.88
N ASP A 100 -21.52 -19.38 22.56
CA ASP A 100 -20.76 -18.15 22.33
C ASP A 100 -19.31 -18.29 22.81
N LEU A 101 -19.11 -18.84 24.01
CA LEU A 101 -17.75 -19.03 24.52
C LEU A 101 -17.02 -20.11 23.73
N ALA A 102 -17.75 -21.13 23.27
CA ALA A 102 -17.14 -22.17 22.45
C ALA A 102 -16.67 -21.62 21.11
N LEU A 103 -17.50 -20.78 20.47
CA LEU A 103 -17.09 -20.15 19.22
C LEU A 103 -15.93 -19.21 19.44
N ASN A 104 -15.95 -18.46 20.54
CA ASN A 104 -14.86 -17.53 20.86
C ASN A 104 -13.55 -18.28 21.04
N THR A 105 -13.55 -19.35 21.82
CA THR A 105 -12.34 -20.13 22.05
C THR A 105 -11.89 -20.86 20.79
N ALA A 106 -12.85 -21.31 19.98
CA ALA A 106 -12.52 -22.05 18.76
C ALA A 106 -11.83 -21.14 17.74
N VAL A 107 -12.37 -19.94 17.54
CA VAL A 107 -11.71 -19.01 16.62
C VAL A 107 -10.49 -18.37 17.27
N SER A 108 -10.38 -18.44 18.60
CA SER A 108 -9.27 -17.80 19.30
C SER A 108 -8.02 -18.67 19.26
N PHE A 109 -8.14 -19.95 19.57
CA PHE A 109 -6.95 -20.80 19.60
C PHE A 109 -6.45 -21.14 18.21
N VAL A 110 -7.27 -20.96 17.18
CA VAL A 110 -6.80 -20.92 15.80
C VAL A 110 -6.43 -19.48 15.50
N THR A 111 -5.63 -19.29 14.44
CA THR A 111 -5.18 -17.98 13.96
C THR A 111 -4.41 -17.19 15.02
N ASN A 112 -3.65 -17.90 15.87
CA ASN A 112 -2.49 -17.36 16.61
C ASN A 112 -2.90 -16.32 17.66
N THR A 113 -4.16 -15.91 17.66
CA THR A 113 -4.61 -14.80 18.50
C THR A 113 -4.75 -15.22 19.96
N ASN A 114 -5.37 -16.37 20.22
CA ASN A 114 -5.31 -17.10 21.47
C ASN A 114 -5.80 -16.24 22.64
N TRP A 115 -6.85 -15.48 22.40
CA TRP A 115 -7.51 -14.69 23.42
C TRP A 115 -8.27 -15.59 24.39
N GLN A 116 -8.31 -15.18 25.66
CA GLN A 116 -9.01 -15.94 26.68
C GLN A 116 -10.01 -15.04 27.39
N SER A 117 -11.22 -15.57 27.60
CA SER A 117 -12.28 -14.86 28.29
C SER A 117 -12.84 -15.65 29.46
N TYR A 118 -12.20 -16.76 29.84
CA TYR A 118 -12.72 -17.65 30.86
C TYR A 118 -11.65 -17.88 31.92
N SER A 119 -11.97 -18.77 32.87
CA SER A 119 -11.01 -19.30 33.82
C SER A 119 -10.99 -20.81 33.64
N GLY A 120 -9.83 -21.35 33.25
CA GLY A 120 -9.76 -22.73 32.83
C GLY A 120 -9.92 -23.75 33.94
N GLU A 121 -9.73 -23.33 35.19
CA GLU A 121 -9.90 -24.26 36.31
C GLU A 121 -11.35 -24.67 36.49
N THR A 122 -12.29 -23.75 36.22
CA THR A 122 -13.70 -24.02 36.40
C THR A 122 -14.46 -24.23 35.10
N THR A 123 -13.83 -23.98 33.94
CA THR A 123 -14.50 -24.07 32.66
C THR A 123 -13.92 -25.15 31.76
N LEU A 124 -12.62 -25.12 31.50
CA LEU A 124 -12.00 -26.04 30.55
C LEU A 124 -11.60 -27.34 31.23
N SER A 125 -11.77 -28.44 30.51
CA SER A 125 -11.45 -29.76 31.02
C SER A 125 -10.01 -30.11 30.67
N TYR A 126 -9.57 -31.30 31.09
CA TYR A 126 -8.23 -31.76 30.78
C TYR A 126 -8.08 -32.04 29.29
N PHE A 127 -9.00 -32.80 28.71
CA PHE A 127 -8.80 -33.35 27.38
C PHE A 127 -8.86 -32.28 26.30
N SER A 128 -9.65 -31.23 26.52
CA SER A 128 -9.64 -30.11 25.59
C SER A 128 -8.28 -29.40 25.61
N GLN A 129 -7.79 -29.08 26.81
CA GLN A 129 -6.46 -28.49 26.97
C GLN A 129 -5.37 -29.42 26.43
N MET A 130 -5.46 -30.71 26.75
CA MET A 130 -4.38 -31.64 26.43
C MET A 130 -4.33 -31.91 24.94
N ALA A 131 -5.48 -32.17 24.31
CA ALA A 131 -5.51 -32.53 22.90
C ALA A 131 -5.78 -31.33 21.99
N GLY A 132 -6.93 -30.67 22.16
CA GLY A 132 -7.37 -29.73 21.14
C GLY A 132 -6.60 -28.42 21.15
N LEU A 133 -6.44 -27.82 22.33
CA LEU A 133 -5.87 -26.48 22.41
C LEU A 133 -4.37 -26.48 22.11
N THR A 134 -3.66 -27.51 22.55
CA THR A 134 -2.24 -27.60 22.29
C THR A 134 -1.96 -27.78 20.81
N VAL A 135 -2.69 -28.68 20.15
CA VAL A 135 -2.49 -28.84 18.70
C VAL A 135 -3.01 -27.63 17.94
N GLN A 136 -3.94 -26.87 18.50
CA GLN A 136 -4.37 -25.66 17.81
C GLN A 136 -3.31 -24.58 17.89
N ASN A 137 -2.63 -24.47 19.04
CA ASN A 137 -1.46 -23.59 19.14
C ASN A 137 -0.36 -24.04 18.19
N PHE A 138 -0.13 -25.35 18.10
CA PHE A 138 0.84 -25.91 17.17
C PHE A 138 0.53 -25.54 15.73
N LEU A 139 -0.72 -25.73 15.32
CA LEU A 139 -1.13 -25.44 13.95
C LEU A 139 -1.10 -23.94 13.65
N SER A 140 -1.46 -23.10 14.62
CA SER A 140 -1.40 -21.66 14.40
C SER A 140 0.04 -21.19 14.21
N ALA A 141 0.96 -21.68 15.07
CA ALA A 141 2.37 -21.32 14.92
C ALA A 141 2.95 -21.85 13.61
N ALA A 142 2.57 -23.08 13.24
CA ALA A 142 3.05 -23.65 11.99
C ALA A 142 2.51 -22.89 10.78
N SER A 143 1.25 -22.44 10.85
CA SER A 143 0.66 -21.69 9.75
C SER A 143 1.33 -20.33 9.59
N GLY A 144 1.61 -19.65 10.71
CA GLY A 144 2.34 -18.39 10.62
C GLY A 144 3.75 -18.55 10.08
N ILE A 145 4.43 -19.59 10.50
CA ILE A 145 5.84 -19.69 10.03
C ILE A 145 5.80 -20.21 8.60
N ALA A 146 4.76 -20.93 8.17
CA ALA A 146 4.64 -21.34 6.78
C ALA A 146 4.31 -20.18 5.85
N VAL A 147 3.42 -19.27 6.29
CA VAL A 147 3.09 -18.13 5.44
C VAL A 147 4.28 -17.18 5.32
N ILE A 148 5.09 -17.03 6.38
CA ILE A 148 6.29 -16.23 6.20
C ILE A 148 7.35 -16.97 5.39
N PHE A 149 7.40 -18.31 5.46
CA PHE A 149 8.29 -19.06 4.56
C PHE A 149 7.90 -18.86 3.11
N ALA A 150 6.60 -18.83 2.82
CA ALA A 150 6.15 -18.58 1.46
C ALA A 150 6.52 -17.19 0.99
N LEU A 151 6.35 -16.18 1.85
CA LEU A 151 6.73 -14.83 1.45
C LEU A 151 8.23 -14.72 1.18
N ILE A 152 9.05 -15.34 2.03
CA ILE A 152 10.49 -15.32 1.82
C ILE A 152 10.87 -16.09 0.54
N ARG A 153 10.20 -17.21 0.28
CA ARG A 153 10.45 -17.95 -0.95
C ARG A 153 10.04 -17.17 -2.18
N ALA A 154 8.95 -16.39 -2.08
CA ALA A 154 8.53 -15.54 -3.19
C ALA A 154 9.55 -14.44 -3.45
N PHE A 155 10.13 -13.87 -2.38
CA PHE A 155 11.20 -12.89 -2.58
C PHE A 155 12.44 -13.51 -3.18
N THR A 156 12.83 -14.71 -2.74
CA THR A 156 14.11 -15.27 -3.20
C THR A 156 13.99 -16.06 -4.48
N ARG A 157 12.78 -16.30 -4.99
CA ARG A 157 12.59 -17.05 -6.22
C ARG A 157 12.42 -16.08 -7.38
N GLN A 158 13.14 -16.32 -8.47
CA GLN A 158 13.13 -15.46 -9.64
C GLN A 158 12.55 -16.21 -10.82
N SER A 159 11.50 -15.63 -11.43
CA SER A 159 10.88 -16.13 -12.65
C SER A 159 10.37 -17.56 -12.50
N MET A 160 9.81 -17.88 -11.34
CA MET A 160 9.24 -19.19 -11.09
C MET A 160 7.72 -19.12 -11.22
N SER A 161 7.06 -20.24 -10.90
CA SER A 161 5.61 -20.31 -10.98
C SER A 161 4.98 -21.04 -9.81
N THR A 162 5.72 -21.23 -8.72
CA THR A 162 5.21 -21.98 -7.58
C THR A 162 5.90 -21.50 -6.31
N LEU A 163 5.32 -21.86 -5.17
CA LEU A 163 5.85 -21.48 -3.86
C LEU A 163 6.42 -22.65 -3.08
N GLY A 164 5.84 -23.82 -3.18
CA GLY A 164 6.31 -24.98 -2.45
C GLY A 164 5.18 -25.98 -2.30
N ASN A 165 5.15 -26.64 -1.13
CA ASN A 165 4.09 -27.58 -0.79
C ASN A 165 3.63 -27.30 0.62
N ALA A 166 2.30 -27.13 0.78
CA ALA A 166 1.74 -26.65 2.03
C ALA A 166 1.94 -27.63 3.16
N TRP A 167 1.51 -28.88 2.96
CA TRP A 167 1.52 -29.81 4.07
C TRP A 167 2.93 -30.33 4.34
N VAL A 168 3.75 -30.43 3.28
CA VAL A 168 5.17 -30.73 3.45
C VAL A 168 5.85 -29.66 4.29
N ASP A 169 5.57 -28.39 3.99
CA ASP A 169 6.14 -27.29 4.76
C ASP A 169 5.67 -27.34 6.21
N LEU A 170 4.37 -27.55 6.43
CA LEU A 170 3.85 -27.56 7.80
C LEU A 170 4.41 -28.73 8.61
N LEU A 171 4.55 -29.90 7.98
CA LEU A 171 5.15 -31.04 8.65
C LEU A 171 6.61 -30.77 9.02
N ARG A 172 7.40 -30.28 8.05
CA ARG A 172 8.81 -29.98 8.32
C ARG A 172 8.98 -28.84 9.31
N ILE A 173 7.95 -28.01 9.48
CA ILE A 173 7.99 -26.95 10.47
C ILE A 173 7.74 -27.51 11.86
N THR A 174 6.58 -28.16 12.03
CA THR A 174 6.12 -28.51 13.38
C THR A 174 6.65 -29.85 13.87
N LEU A 175 7.38 -30.61 13.06
CA LEU A 175 7.98 -31.85 13.54
C LEU A 175 9.41 -31.67 14.01
N TRP A 176 10.11 -30.65 13.53
CA TRP A 176 11.51 -30.49 13.86
C TRP A 176 11.92 -29.06 14.23
N VAL A 177 10.99 -28.10 14.24
CA VAL A 177 11.31 -26.74 14.62
C VAL A 177 10.70 -26.37 15.97
N LEU A 178 9.44 -26.72 16.19
CA LEU A 178 8.76 -26.37 17.43
C LEU A 178 8.91 -27.42 18.51
N VAL A 179 8.76 -28.70 18.16
CA VAL A 179 8.74 -29.81 19.12
C VAL A 179 10.05 -29.99 19.89
N PRO A 180 11.25 -30.02 19.27
CA PRO A 180 12.45 -30.18 20.12
C PRO A 180 12.70 -29.03 21.08
N VAL A 181 12.47 -27.78 20.63
CA VAL A 181 12.58 -26.64 21.53
C VAL A 181 11.52 -26.71 22.62
N ALA A 182 10.34 -27.25 22.28
CA ALA A 182 9.29 -27.44 23.27
C ALA A 182 9.72 -28.42 24.36
N LEU A 183 10.37 -29.53 23.96
CA LEU A 183 10.94 -30.44 24.96
C LEU A 183 11.99 -29.74 25.82
N LEU A 184 12.93 -29.04 25.17
CA LEU A 184 14.05 -28.45 25.91
C LEU A 184 13.62 -27.34 26.85
N ILE A 185 12.46 -26.70 26.63
CA ILE A 185 12.04 -25.68 27.59
C ILE A 185 10.99 -26.24 28.54
N ALA A 186 10.25 -27.27 28.13
CA ALA A 186 9.26 -27.87 29.01
C ALA A 186 9.92 -28.66 30.14
N LEU A 187 11.03 -29.35 29.84
CA LEU A 187 11.77 -30.01 30.90
C LEU A 187 12.38 -29.01 31.87
N PHE A 188 12.77 -27.83 31.39
CA PHE A 188 13.26 -26.79 32.29
C PHE A 188 12.14 -26.25 33.18
N PHE A 189 10.94 -26.10 32.61
CA PHE A 189 9.78 -25.70 33.40
C PHE A 189 9.48 -26.72 34.50
N ILE A 190 9.58 -28.01 34.16
CA ILE A 190 9.35 -29.06 35.15
C ILE A 190 10.45 -29.04 36.20
N GLN A 191 11.70 -28.77 35.79
CA GLN A 191 12.81 -28.69 36.74
C GLN A 191 12.61 -27.57 37.74
N GLN A 192 12.20 -26.40 37.28
CA GLN A 192 11.98 -25.28 38.19
C GLN A 192 10.61 -25.32 38.86
N GLY A 193 9.75 -26.25 38.48
CA GLY A 193 8.47 -26.42 39.14
C GLY A 193 7.27 -26.09 38.28
N ALA A 194 6.66 -27.13 37.70
CA ALA A 194 5.45 -26.98 36.89
C ALA A 194 4.68 -28.29 37.01
N LEU A 195 3.53 -28.36 36.35
CA LEU A 195 2.65 -29.51 36.46
C LEU A 195 2.53 -30.19 35.10
N GLN A 196 2.84 -31.48 35.07
CA GLN A 196 2.72 -32.30 33.86
C GLN A 196 2.16 -33.67 34.22
N ASN A 197 1.11 -33.67 35.04
CA ASN A 197 0.46 -34.90 35.48
C ASN A 197 -1.04 -34.82 35.21
N PHE A 198 -1.75 -35.89 35.58
CA PHE A 198 -3.18 -36.01 35.31
C PHE A 198 -3.97 -36.34 36.57
N LEU A 199 -3.49 -35.88 37.72
CA LEU A 199 -4.18 -36.14 38.97
C LEU A 199 -5.43 -35.26 39.09
N PRO A 200 -6.45 -35.72 39.81
CA PRO A 200 -7.63 -34.88 40.05
C PRO A 200 -7.30 -33.73 41.00
N TYR A 201 -8.26 -32.82 41.13
CA TYR A 201 -8.11 -31.66 41.99
C TYR A 201 -7.94 -32.08 43.45
N GLN A 202 -6.93 -31.51 44.11
CA GLN A 202 -6.49 -31.97 45.42
C GLN A 202 -6.91 -30.99 46.49
N ALA A 203 -7.50 -31.50 47.57
CA ALA A 203 -7.84 -30.69 48.71
C ALA A 203 -6.59 -30.33 49.50
N VAL A 204 -6.56 -29.12 50.03
CA VAL A 204 -5.43 -28.61 50.81
C VAL A 204 -5.96 -28.07 52.11
N ASN A 205 -5.44 -28.57 53.23
CA ASN A 205 -5.83 -28.13 54.56
C ASN A 205 -4.75 -27.20 55.10
N THR A 206 -5.06 -25.91 55.18
CA THR A 206 -4.11 -24.92 55.63
C THR A 206 -4.04 -24.91 57.16
N VAL A 207 -3.11 -24.10 57.69
CA VAL A 207 -3.01 -23.94 59.14
C VAL A 207 -4.09 -23.02 59.70
N GLU A 208 -4.76 -22.25 58.85
CA GLU A 208 -5.82 -21.37 59.29
C GLU A 208 -7.16 -22.09 59.45
N GLY A 209 -7.27 -23.32 58.97
CA GLY A 209 -8.51 -24.06 59.03
C GLY A 209 -9.41 -23.91 57.83
N ALA A 210 -9.08 -23.00 56.90
CA ALA A 210 -9.87 -22.79 55.71
C ALA A 210 -9.27 -23.61 54.58
N GLN A 211 -9.90 -24.73 54.26
CA GLN A 211 -9.40 -25.62 53.22
C GLN A 211 -9.63 -25.01 51.84
N GLN A 212 -8.83 -25.45 50.88
CA GLN A 212 -8.89 -24.96 49.52
C GLN A 212 -8.72 -26.13 48.55
N LEU A 213 -8.84 -25.84 47.26
CA LEU A 213 -8.74 -26.85 46.21
C LEU A 213 -7.70 -26.39 45.19
N LEU A 214 -6.63 -27.17 45.04
CA LEU A 214 -5.55 -26.79 44.14
C LEU A 214 -5.94 -27.06 42.69
N PRO A 215 -5.66 -26.11 41.78
CA PRO A 215 -5.84 -26.38 40.35
C PRO A 215 -4.90 -27.46 39.87
N MET A 216 -5.28 -28.11 38.78
CA MET A 216 -4.59 -29.31 38.35
C MET A 216 -4.61 -29.36 36.82
N GLY A 217 -3.51 -29.79 36.21
CA GLY A 217 -3.44 -29.90 34.77
C GLY A 217 -2.04 -29.97 34.21
N PRO A 218 -1.91 -30.38 32.93
CA PRO A 218 -0.59 -30.51 32.27
C PRO A 218 -0.02 -29.19 31.77
N VAL A 219 0.56 -28.43 32.71
CA VAL A 219 0.86 -27.02 32.47
C VAL A 219 2.00 -26.85 31.47
N ALA A 220 3.11 -27.59 31.66
CA ALA A 220 4.32 -27.33 30.90
C ALA A 220 4.18 -27.68 29.42
N SER A 221 3.35 -28.68 29.10
CA SER A 221 3.12 -29.04 27.71
C SER A 221 2.41 -27.92 26.95
N GLN A 222 1.63 -27.09 27.65
CA GLN A 222 1.04 -25.92 27.03
C GLN A 222 1.97 -24.72 27.10
N GLU A 223 2.79 -24.62 28.15
CA GLU A 223 3.77 -23.53 28.24
C GLU A 223 4.76 -23.56 27.09
N ALA A 224 5.25 -24.74 26.76
CA ALA A 224 6.33 -24.86 25.78
C ALA A 224 5.91 -24.49 24.38
N ILE A 225 4.61 -24.34 24.12
CA ILE A 225 4.12 -23.82 22.86
C ILE A 225 3.48 -22.44 23.01
N LYS A 226 2.94 -22.12 24.19
CA LYS A 226 2.39 -20.79 24.40
C LYS A 226 3.46 -19.71 24.35
N MET A 227 4.63 -19.99 24.93
CA MET A 227 5.73 -19.05 24.77
C MET A 227 6.42 -19.17 23.42
N LEU A 228 6.60 -20.38 22.89
CA LEU A 228 7.39 -20.54 21.68
C LEU A 228 6.64 -20.00 20.46
N GLY A 229 5.35 -20.29 20.34
CA GLY A 229 4.50 -19.83 19.28
C GLY A 229 3.78 -18.52 19.53
N THR A 230 4.10 -17.83 20.64
CA THR A 230 3.56 -16.50 20.98
C THR A 230 2.04 -16.48 21.00
N ASN A 231 1.44 -17.51 21.59
CA ASN A 231 -0.03 -17.60 21.61
C ASN A 231 -0.62 -16.77 22.76
N GLY A 232 -0.34 -17.16 23.99
CA GLY A 232 -0.65 -16.36 25.15
C GLY A 232 -1.92 -16.64 25.92
N GLY A 233 -2.40 -17.88 25.94
CA GLY A 233 -3.51 -18.24 26.81
C GLY A 233 -3.26 -19.55 27.53
N GLY A 234 -3.22 -19.50 28.85
CA GLY A 234 -2.83 -20.65 29.65
C GLY A 234 -4.01 -21.38 30.27
N PHE A 235 -3.65 -22.34 31.13
CA PHE A 235 -4.65 -23.04 31.94
C PHE A 235 -5.40 -22.09 32.85
N PHE A 236 -4.72 -21.11 33.40
CA PHE A 236 -5.24 -20.35 34.52
C PHE A 236 -5.61 -18.94 34.07
N ASN A 237 -6.35 -18.25 34.94
CA ASN A 237 -6.77 -16.88 34.63
C ASN A 237 -5.58 -15.94 34.54
N ALA A 238 -4.55 -16.18 35.35
CA ALA A 238 -3.27 -15.53 35.17
C ALA A 238 -2.49 -16.29 34.09
N ASN A 239 -2.22 -15.61 32.97
CA ASN A 239 -1.60 -16.27 31.83
C ASN A 239 -0.17 -16.71 32.14
N SER A 240 0.58 -15.88 32.88
CA SER A 240 1.93 -16.25 33.26
C SER A 240 2.27 -15.81 34.68
N SER A 241 1.28 -15.50 35.51
CA SER A 241 1.54 -15.03 36.87
C SER A 241 1.21 -16.07 37.93
N HIS A 242 0.51 -17.13 37.58
CA HIS A 242 0.20 -18.18 38.55
C HIS A 242 1.48 -18.93 38.93
N PRO A 243 1.64 -19.28 40.22
CA PRO A 243 2.86 -19.98 40.65
C PRO A 243 3.05 -21.35 40.01
N PHE A 244 1.96 -22.11 39.81
CA PHE A 244 2.10 -23.37 39.10
C PHE A 244 2.38 -23.15 37.62
N GLU A 245 2.03 -21.97 37.11
CA GLU A 245 2.17 -21.66 35.69
C GLU A 245 3.63 -21.30 35.41
N ASN A 246 4.09 -20.20 35.99
CA ASN A 246 5.46 -19.71 35.81
C ASN A 246 6.15 -19.62 37.16
N PRO A 247 7.06 -20.54 37.49
CA PRO A 247 7.54 -20.63 38.88
C PRO A 247 8.54 -19.54 39.29
N THR A 248 9.55 -19.26 38.45
CA THR A 248 10.74 -18.55 38.90
C THR A 248 11.14 -17.55 37.82
N ALA A 249 11.84 -16.49 38.24
CA ALA A 249 12.33 -15.49 37.30
C ALA A 249 13.29 -16.07 36.26
N LEU A 250 13.98 -17.16 36.59
CA LEU A 250 14.78 -17.86 35.58
C LEU A 250 13.88 -18.43 34.49
N THR A 251 12.75 -19.01 34.88
CA THR A 251 11.78 -19.44 33.87
C THR A 251 11.14 -18.27 33.17
N ASN A 252 11.02 -17.12 33.84
CA ASN A 252 10.53 -15.91 33.16
C ASN A 252 11.48 -15.50 32.05
N PHE A 253 12.79 -15.60 32.31
CA PHE A 253 13.78 -15.32 31.27
C PHE A 253 13.68 -16.32 30.12
N VAL A 254 13.47 -17.60 30.44
CA VAL A 254 13.30 -18.61 29.39
C VAL A 254 12.04 -18.33 28.59
N GLN A 255 10.98 -17.86 29.25
CA GLN A 255 9.74 -17.50 28.55
C GLN A 255 9.96 -16.31 27.61
N MET A 256 10.69 -15.29 28.07
CA MET A 256 11.01 -14.16 27.21
C MET A 256 11.81 -14.59 25.99
N LEU A 257 12.80 -15.46 26.22
CA LEU A 257 13.62 -15.99 25.13
C LEU A 257 12.78 -16.80 24.15
N ALA A 258 11.84 -17.59 24.66
CA ALA A 258 10.98 -18.37 23.78
C ALA A 258 10.01 -17.49 22.99
N ILE A 259 9.57 -16.38 23.59
CA ILE A 259 8.67 -15.48 22.86
C ILE A 259 9.41 -14.78 21.72
N PHE A 260 10.60 -14.25 21.99
CA PHE A 260 11.33 -13.59 20.91
C PHE A 260 12.21 -14.51 20.08
N LEU A 261 12.27 -15.82 20.36
CA LEU A 261 13.20 -16.69 19.65
C LEU A 261 12.80 -16.87 18.19
N ILE A 262 11.53 -17.22 17.94
CA ILE A 262 11.09 -17.50 16.57
C ILE A 262 11.15 -16.30 15.63
N PRO A 263 10.64 -15.10 15.99
CA PRO A 263 10.70 -13.99 15.01
C PRO A 263 12.10 -13.54 14.65
N THR A 264 13.03 -13.46 15.60
CA THR A 264 14.39 -13.06 15.22
C THR A 264 15.11 -14.19 14.50
N ALA A 265 14.73 -15.45 14.74
CA ALA A 265 15.26 -16.55 13.94
C ALA A 265 14.76 -16.46 12.51
N LEU A 266 13.50 -16.07 12.32
CA LEU A 266 12.98 -15.83 10.97
C LEU A 266 13.69 -14.68 10.29
N CYS A 267 14.00 -13.61 11.05
CA CYS A 267 14.73 -12.49 10.47
C CYS A 267 16.14 -12.89 10.05
N PHE A 268 16.84 -13.66 10.90
CA PHE A 268 18.17 -14.14 10.54
C PHE A 268 18.11 -15.12 9.36
N ALA A 269 17.06 -15.94 9.30
CA ALA A 269 16.88 -16.84 8.17
C ALA A 269 16.66 -16.07 6.87
N PHE A 270 15.85 -15.02 6.93
CA PHE A 270 15.62 -14.18 5.76
C PHE A 270 16.90 -13.49 5.32
N GLY A 271 17.69 -12.99 6.27
CA GLY A 271 18.97 -12.38 5.94
C GLY A 271 19.95 -13.38 5.34
N GLU A 272 19.96 -14.60 5.86
CA GLU A 272 20.90 -15.61 5.36
C GLU A 272 20.49 -16.10 3.97
N VAL A 273 19.19 -16.19 3.71
CA VAL A 273 18.75 -16.69 2.41
C VAL A 273 18.73 -15.59 1.36
N MET A 274 18.73 -14.31 1.77
CA MET A 274 18.86 -13.24 0.80
C MET A 274 20.26 -13.16 0.20
N GLY A 275 21.24 -13.80 0.84
CA GLY A 275 22.62 -13.75 0.41
C GLY A 275 23.46 -12.70 1.11
N ASP A 276 22.81 -11.71 1.73
CA ASP A 276 23.50 -10.66 2.47
C ASP A 276 22.85 -10.51 3.84
N ARG A 277 23.67 -10.52 4.89
CA ARG A 277 23.18 -10.36 6.26
C ARG A 277 22.87 -8.91 6.59
N ARG A 278 23.15 -7.98 5.68
CA ARG A 278 22.85 -6.57 5.92
C ARG A 278 21.36 -6.34 6.06
N GLN A 279 20.55 -7.02 5.25
CA GLN A 279 19.10 -6.89 5.35
C GLN A 279 18.59 -7.41 6.69
N GLY A 280 19.08 -8.58 7.11
CA GLY A 280 18.71 -9.18 8.38
C GLY A 280 19.05 -8.28 9.55
N ARG A 281 20.30 -7.81 9.59
CA ARG A 281 20.70 -6.87 10.62
C ARG A 281 19.95 -5.55 10.53
N MET A 282 19.48 -5.16 9.35
CA MET A 282 18.73 -3.92 9.21
C MET A 282 17.36 -4.03 9.85
N LEU A 283 16.62 -5.11 9.54
CA LEU A 283 15.34 -5.35 10.21
C LEU A 283 15.51 -5.52 11.72
N LEU A 284 16.51 -6.28 12.14
CA LEU A 284 16.70 -6.48 13.58
C LEU A 284 17.14 -5.21 14.31
N TRP A 285 17.90 -4.33 13.67
CA TRP A 285 18.23 -3.06 14.30
C TRP A 285 17.02 -2.15 14.35
N ALA A 286 16.17 -2.20 13.31
CA ALA A 286 14.96 -1.40 13.29
C ALA A 286 13.97 -1.85 14.35
N MET A 287 13.88 -3.15 14.61
CA MET A 287 13.03 -3.60 15.70
C MET A 287 13.68 -3.37 17.06
N SER A 288 15.01 -3.46 17.14
CA SER A 288 15.69 -3.34 18.42
C SER A 288 15.65 -1.92 18.95
N VAL A 289 15.71 -0.90 18.08
CA VAL A 289 15.65 0.47 18.58
C VAL A 289 14.28 0.77 19.19
N ILE A 290 13.20 0.34 18.51
CA ILE A 290 11.86 0.52 19.06
C ILE A 290 11.71 -0.25 20.36
N PHE A 291 12.22 -1.48 20.39
CA PHE A 291 12.12 -2.30 21.59
C PHE A 291 12.85 -1.67 22.78
N VAL A 292 14.04 -1.12 22.54
CA VAL A 292 14.80 -0.51 23.63
C VAL A 292 14.11 0.76 24.14
N ILE A 293 13.73 1.66 23.23
CA ILE A 293 13.11 2.91 23.65
C ILE A 293 11.73 2.67 24.28
N CYS A 294 11.06 1.57 23.93
CA CYS A 294 9.74 1.32 24.48
C CYS A 294 9.75 0.42 25.72
N VAL A 295 10.83 -0.31 25.99
CA VAL A 295 11.04 -0.81 27.34
C VAL A 295 11.39 0.35 28.25
N GLY A 296 12.19 1.29 27.76
CA GLY A 296 12.26 2.60 28.37
C GLY A 296 10.91 3.30 28.29
N VAL A 297 10.79 4.37 29.07
CA VAL A 297 9.55 5.10 29.36
C VAL A 297 8.57 4.23 30.14
N VAL A 298 8.32 3.00 29.70
CA VAL A 298 7.52 2.05 30.47
C VAL A 298 8.18 1.77 31.81
N MET A 299 9.50 1.48 31.79
CA MET A 299 10.21 1.21 33.03
C MET A 299 10.21 2.43 33.95
N TRP A 300 10.41 3.62 33.39
CA TRP A 300 10.40 4.85 34.18
C TRP A 300 9.04 5.11 34.79
N ALA A 301 7.97 4.89 34.01
CA ALA A 301 6.62 5.11 34.52
C ALA A 301 6.26 4.11 35.61
N GLU A 302 6.72 2.87 35.46
CA GLU A 302 6.39 1.87 36.47
C GLU A 302 7.22 2.04 37.74
N VAL A 303 8.44 2.58 37.64
CA VAL A 303 9.16 2.86 38.87
C VAL A 303 8.74 4.18 39.48
N GLN A 304 8.11 5.07 38.69
CA GLN A 304 7.45 6.23 39.28
C GLN A 304 6.20 5.80 40.04
N GLY A 305 5.37 4.97 39.42
CA GLY A 305 4.28 4.29 40.09
C GLY A 305 3.16 5.19 40.55
N ASN A 306 2.48 4.75 41.60
CA ASN A 306 1.30 5.44 42.11
C ASN A 306 1.70 6.70 42.86
N PRO A 307 1.19 7.87 42.49
CA PRO A 307 1.43 9.06 43.31
C PRO A 307 0.69 9.05 44.64
N HIS A 308 -0.41 8.29 44.75
CA HIS A 308 -1.16 8.22 45.99
C HIS A 308 -0.43 7.38 47.04
N LEU A 309 0.32 6.37 46.60
CA LEU A 309 0.93 5.44 47.53
C LEU A 309 2.05 6.07 48.34
N LEU A 310 2.75 7.05 47.76
CA LEU A 310 3.78 7.77 48.51
C LEU A 310 3.17 8.58 49.65
N ALA A 311 2.04 9.25 49.39
CA ALA A 311 1.39 10.05 50.40
C ALA A 311 0.52 9.24 51.35
N LEU A 312 0.23 7.99 51.02
CA LEU A 312 -0.62 7.15 51.86
C LEU A 312 0.15 6.35 52.89
N GLY A 313 1.47 6.50 52.97
CA GLY A 313 2.27 5.90 54.01
C GLY A 313 3.24 4.83 53.56
N THR A 314 3.19 4.42 52.29
CA THR A 314 4.13 3.42 51.79
C THR A 314 5.51 4.04 51.60
N ASP A 315 6.55 3.29 51.93
CA ASP A 315 7.91 3.80 51.82
C ASP A 315 8.32 3.99 50.37
N SER A 316 7.89 3.08 49.49
CA SER A 316 8.23 3.13 48.07
C SER A 316 6.96 3.30 47.26
N SER A 317 6.99 4.24 46.31
CA SER A 317 5.84 4.51 45.45
C SER A 317 5.87 3.68 44.17
N ILE A 318 6.54 2.53 44.18
CA ILE A 318 6.64 1.69 43.00
C ILE A 318 5.30 1.01 42.74
N ASN A 319 4.85 1.07 41.49
CA ASN A 319 3.62 0.42 41.03
C ASN A 319 3.67 -1.08 41.29
N MET A 320 2.86 -1.57 42.24
CA MET A 320 2.92 -2.96 42.65
C MET A 320 1.57 -3.63 42.88
N GLU A 321 0.46 -2.96 42.62
CA GLU A 321 -0.85 -3.59 42.77
C GLU A 321 -1.28 -4.38 41.55
N GLY A 322 -0.40 -4.55 40.57
CA GLY A 322 -0.73 -5.35 39.41
C GLY A 322 0.33 -6.38 39.08
N LYS A 323 1.36 -6.49 39.92
CA LYS A 323 2.48 -7.39 39.68
C LYS A 323 2.69 -8.33 40.85
N GLU A 324 3.77 -9.12 40.83
CA GLU A 324 4.10 -10.04 41.91
C GLU A 324 5.45 -9.66 42.51
N SER A 325 5.97 -10.53 43.37
CA SER A 325 7.20 -10.25 44.10
C SER A 325 8.37 -11.15 43.74
N ARG A 326 8.12 -12.37 43.26
CA ARG A 326 9.21 -13.24 42.83
C ARG A 326 9.96 -12.63 41.65
N PHE A 327 9.22 -12.13 40.68
CA PHE A 327 9.70 -11.21 39.68
C PHE A 327 9.29 -9.79 40.08
N GLY A 328 10.20 -8.85 39.92
CA GLY A 328 9.97 -7.50 40.41
C GLY A 328 9.10 -6.64 39.52
N VAL A 329 9.47 -5.37 39.40
CA VAL A 329 8.73 -4.41 38.60
C VAL A 329 9.41 -4.14 37.26
N LEU A 330 10.74 -4.14 37.24
CA LEU A 330 11.47 -3.88 35.99
C LEU A 330 11.30 -5.05 35.02
N VAL A 331 11.42 -6.29 35.52
CA VAL A 331 11.20 -7.45 34.67
C VAL A 331 9.72 -7.56 34.28
N SER A 332 8.82 -7.08 35.16
CA SER A 332 7.40 -7.02 34.80
C SER A 332 7.18 -6.10 33.61
N SER A 333 7.80 -4.92 33.64
CA SER A 333 7.69 -3.97 32.53
C SER A 333 8.31 -4.53 31.26
N LEU A 334 9.47 -5.19 31.40
CA LEU A 334 10.12 -5.80 30.24
C LEU A 334 9.24 -6.87 29.60
N PHE A 335 8.64 -7.74 30.42
CA PHE A 335 7.76 -8.77 29.88
C PHE A 335 6.51 -8.17 29.27
N ALA A 336 5.98 -7.09 29.87
CA ALA A 336 4.80 -6.45 29.31
C ALA A 336 5.09 -5.87 27.93
N VAL A 337 6.24 -5.21 27.76
CA VAL A 337 6.60 -4.69 26.45
C VAL A 337 6.86 -5.83 25.46
N VAL A 338 7.47 -6.92 25.94
CA VAL A 338 7.74 -8.08 25.07
C VAL A 338 6.44 -8.69 24.56
N THR A 339 5.50 -8.92 25.47
CA THR A 339 4.25 -9.58 25.11
C THR A 339 3.31 -8.66 24.34
N THR A 340 3.43 -7.34 24.49
CA THR A 340 2.65 -6.43 23.66
C THR A 340 3.32 -6.14 22.33
N ALA A 341 4.60 -6.47 22.18
CA ALA A 341 5.28 -6.33 20.91
C ALA A 341 5.20 -7.58 20.06
N ALA A 342 5.11 -8.76 20.67
CA ALA A 342 5.24 -10.01 19.95
C ALA A 342 3.91 -10.69 19.66
N SER A 343 2.79 -10.01 19.87
CA SER A 343 1.43 -10.55 19.69
C SER A 343 1.20 -11.81 20.52
N CYS A 344 1.86 -11.89 21.67
CA CYS A 344 1.67 -12.99 22.61
C CYS A 344 0.78 -12.50 23.74
N GLY A 345 -0.29 -13.23 24.01
CA GLY A 345 -1.22 -12.77 25.04
C GLY A 345 -0.82 -13.07 26.45
N ALA A 346 0.36 -13.63 26.66
CA ALA A 346 0.78 -14.05 28.00
C ALA A 346 1.14 -12.84 28.83
N VAL A 347 0.40 -12.60 29.89
CA VAL A 347 0.66 -11.48 30.79
C VAL A 347 1.41 -12.01 32.01
N ILE A 348 2.54 -11.37 32.31
CA ILE A 348 3.25 -11.71 33.54
C ILE A 348 2.58 -11.02 34.72
N ALA A 349 1.83 -9.95 34.46
CA ALA A 349 1.31 -9.08 35.48
C ALA A 349 0.01 -8.48 34.97
N MET A 350 -0.81 -8.01 35.90
CA MET A 350 -2.11 -7.44 35.54
C MET A 350 -1.90 -6.11 34.83
N HIS A 351 -2.08 -6.10 33.51
CA HIS A 351 -1.87 -4.90 32.71
C HIS A 351 -2.87 -3.80 33.03
N ASP A 352 -4.04 -4.15 33.58
CA ASP A 352 -5.05 -3.16 33.90
C ASP A 352 -4.63 -2.24 35.04
N SER A 353 -3.71 -2.69 35.89
CA SER A 353 -3.30 -1.92 37.06
C SER A 353 -2.01 -1.13 36.82
N PHE A 354 -1.53 -1.06 35.59
CA PHE A 354 -0.33 -0.30 35.31
C PHE A 354 -0.61 1.20 35.36
N THR A 355 0.48 1.96 35.43
CA THR A 355 0.43 3.41 35.30
C THR A 355 -0.04 3.76 33.88
N ALA A 356 -0.61 4.97 33.72
CA ALA A 356 -1.25 5.34 32.47
C ALA A 356 -0.27 5.34 31.29
N LEU A 357 0.90 5.98 31.46
CA LEU A 357 1.88 6.00 30.38
C LEU A 357 2.50 4.63 30.15
N GLY A 358 2.81 3.91 31.23
CA GLY A 358 3.37 2.58 31.18
C GLY A 358 2.39 1.50 30.82
N GLY A 359 1.14 1.87 30.57
CA GLY A 359 0.15 0.97 30.03
C GLY A 359 -0.21 1.38 28.63
N MET A 360 -0.04 2.67 28.32
CA MET A 360 -0.33 3.17 26.98
C MET A 360 0.77 2.81 25.99
N VAL A 361 2.04 2.87 26.41
CA VAL A 361 3.13 2.46 25.51
C VAL A 361 3.07 0.98 25.14
N PRO A 362 2.86 0.03 26.08
CA PRO A 362 2.55 -1.33 25.62
C PRO A 362 1.26 -1.40 24.83
N MET A 363 0.27 -0.57 25.16
CA MET A 363 -0.89 -0.48 24.27
C MET A 363 -0.53 0.19 22.95
N TRP A 364 0.48 1.07 22.92
CA TRP A 364 0.91 1.65 21.65
C TRP A 364 1.47 0.58 20.71
N LEU A 365 2.39 -0.24 21.23
CA LEU A 365 2.89 -1.38 20.45
C LEU A 365 1.81 -2.42 20.20
N MET A 366 0.79 -2.48 21.04
CA MET A 366 -0.38 -3.29 20.77
C MET A 366 -1.14 -2.77 19.57
N GLN A 367 -1.33 -1.45 19.49
CA GLN A 367 -2.21 -0.88 18.49
C GLN A 367 -1.54 -0.91 17.12
N ILE A 368 -0.21 -0.73 17.10
CA ILE A 368 0.52 -0.40 15.87
C ILE A 368 0.45 -1.54 14.84
N GLY A 369 0.31 -2.79 15.28
CA GLY A 369 0.15 -3.86 14.31
C GLY A 369 1.00 -5.10 14.54
N GLU A 370 1.65 -5.18 15.71
CA GLU A 370 2.46 -6.33 16.13
C GLU A 370 3.60 -6.62 15.14
N VAL A 371 4.33 -5.57 14.79
CA VAL A 371 5.37 -5.68 13.77
C VAL A 371 6.78 -5.59 14.35
N VAL A 372 6.95 -5.09 15.57
CA VAL A 372 8.26 -4.99 16.20
C VAL A 372 8.50 -6.22 17.08
N PHE A 373 9.47 -7.06 16.67
CA PHE A 373 9.72 -8.39 17.25
C PHE A 373 8.44 -9.18 17.40
N GLY A 374 7.68 -9.29 16.31
CA GLY A 374 6.28 -9.63 16.41
C GLY A 374 5.94 -11.09 16.62
N GLY A 375 4.94 -11.57 15.88
CA GLY A 375 4.38 -12.89 16.11
C GLY A 375 5.30 -14.02 15.73
N VAL A 376 4.78 -15.24 15.91
CA VAL A 376 5.55 -16.43 15.55
C VAL A 376 5.80 -16.47 14.04
N GLY A 377 4.86 -15.97 13.25
CA GLY A 377 5.13 -15.70 11.85
C GLY A 377 4.56 -14.36 11.44
N SER A 378 3.72 -13.77 12.31
CA SER A 378 2.96 -12.59 11.93
C SER A 378 3.83 -11.35 11.87
N GLY A 379 4.75 -11.21 12.82
CA GLY A 379 5.55 -9.99 12.91
C GLY A 379 6.49 -9.79 11.73
N LEU A 380 7.03 -10.88 11.19
CA LEU A 380 7.96 -10.71 10.07
C LEU A 380 7.25 -10.22 8.83
N TYR A 381 6.10 -10.82 8.47
CA TYR A 381 5.40 -10.29 7.31
C TYR A 381 4.73 -8.94 7.57
N GLY A 382 4.43 -8.62 8.83
CA GLY A 382 4.06 -7.24 9.14
C GLY A 382 5.18 -6.27 8.84
N MET A 383 6.40 -6.61 9.25
CA MET A 383 7.57 -5.80 8.90
C MET A 383 7.80 -5.77 7.40
N MET A 384 7.54 -6.87 6.70
CA MET A 384 7.70 -6.87 5.24
C MET A 384 6.69 -5.95 4.56
N LEU A 385 5.44 -5.96 5.05
CA LEU A 385 4.44 -5.03 4.54
C LEU A 385 4.84 -3.59 4.80
N PHE A 386 5.34 -3.31 6.00
CA PHE A 386 5.72 -1.93 6.32
C PHE A 386 7.02 -1.51 5.62
N VAL A 387 7.92 -2.44 5.31
CA VAL A 387 9.12 -2.04 4.58
C VAL A 387 8.76 -1.82 3.11
N LEU A 388 7.79 -2.59 2.57
CA LEU A 388 7.29 -2.27 1.24
C LEU A 388 6.60 -0.91 1.22
N LEU A 389 5.87 -0.58 2.30
CA LEU A 389 5.34 0.76 2.49
C LEU A 389 6.45 1.81 2.40
N ALA A 390 7.52 1.62 3.16
CA ALA A 390 8.64 2.55 3.16
C ALA A 390 9.34 2.60 1.80
N VAL A 391 9.38 1.48 1.09
CA VAL A 391 10.01 1.45 -0.23
C VAL A 391 9.24 2.32 -1.22
N PHE A 392 7.90 2.21 -1.26
CA PHE A 392 7.31 3.09 -2.26
C PHE A 392 7.14 4.52 -1.74
N ILE A 393 7.14 4.74 -0.42
CA ILE A 393 7.20 6.11 0.07
C ILE A 393 8.50 6.76 -0.35
N ALA A 394 9.62 6.01 -0.29
CA ALA A 394 10.89 6.51 -0.80
C ALA A 394 10.85 6.66 -2.32
N GLY A 395 10.14 5.77 -3.02
CA GLY A 395 10.08 5.87 -4.47
C GLY A 395 9.31 7.08 -4.95
N LEU A 396 8.18 7.38 -4.32
CA LEU A 396 7.43 8.59 -4.65
C LEU A 396 8.10 9.85 -4.08
N MET A 397 8.94 9.70 -3.05
CA MET A 397 9.74 10.83 -2.61
C MET A 397 10.91 11.09 -3.57
N ILE A 398 11.38 10.07 -4.26
CA ILE A 398 12.53 10.20 -5.14
C ILE A 398 12.11 10.45 -6.59
N GLY A 399 10.85 10.22 -6.93
CA GLY A 399 10.39 10.46 -8.28
C GLY A 399 10.78 9.40 -9.29
N ARG A 400 11.07 8.18 -8.85
CA ARG A 400 11.43 7.10 -9.75
C ARG A 400 10.69 5.83 -9.34
N THR A 401 10.83 4.79 -10.14
CA THR A 401 10.10 3.55 -9.92
C THR A 401 10.65 2.82 -8.70
N PRO A 402 9.79 2.45 -7.73
CA PRO A 402 10.30 1.81 -6.52
C PRO A 402 10.43 0.30 -6.66
N GLU A 403 11.63 -0.22 -6.39
CA GLU A 403 11.87 -1.65 -6.40
C GLU A 403 12.51 -2.06 -5.08
N TYR A 404 12.26 -3.31 -4.68
CA TYR A 404 12.76 -3.85 -3.43
C TYR A 404 13.48 -5.15 -3.70
N LEU A 405 14.71 -5.26 -3.18
CA LEU A 405 15.55 -6.46 -3.29
C LEU A 405 15.78 -6.86 -4.76
N GLY A 406 15.91 -5.86 -5.63
CA GLY A 406 16.08 -6.10 -7.04
C GLY A 406 14.83 -6.50 -7.78
N LYS A 407 13.66 -6.41 -7.16
CA LYS A 407 12.41 -6.80 -7.80
C LYS A 407 11.48 -5.58 -7.89
N LYS A 408 10.96 -5.33 -9.08
CA LYS A 408 10.09 -4.20 -9.31
C LYS A 408 8.73 -4.40 -8.64
N ILE A 409 8.15 -3.31 -8.14
CA ILE A 409 6.87 -3.34 -7.44
C ILE A 409 5.90 -2.44 -8.19
N ASP A 410 4.71 -2.97 -8.48
CA ASP A 410 3.72 -2.25 -9.28
C ASP A 410 2.38 -2.13 -8.59
N VAL A 411 1.34 -1.73 -9.34
CA VAL A 411 0.11 -1.21 -8.75
C VAL A 411 -0.71 -2.30 -8.06
N ARG A 412 -0.64 -3.54 -8.53
CA ARG A 412 -1.35 -4.62 -7.84
C ARG A 412 -0.78 -4.85 -6.45
N GLU A 413 0.54 -4.92 -6.36
CA GLU A 413 1.21 -4.99 -5.06
C GLU A 413 0.93 -3.76 -4.23
N MET A 414 0.80 -2.61 -4.89
CA MET A 414 0.52 -1.36 -4.20
C MET A 414 -0.81 -1.43 -3.46
N LYS A 415 -1.87 -1.82 -4.18
CA LYS A 415 -3.20 -1.91 -3.60
C LYS A 415 -3.28 -3.00 -2.54
N LEU A 416 -2.64 -4.15 -2.80
CA LEU A 416 -2.74 -5.26 -1.85
C LEU A 416 -1.97 -4.97 -0.57
N THR A 417 -0.81 -4.31 -0.68
CA THR A 417 -0.08 -3.87 0.52
C THR A 417 -0.87 -2.82 1.29
N ALA A 418 -1.52 -1.89 0.59
CA ALA A 418 -2.33 -0.90 1.28
C ALA A 418 -3.49 -1.54 2.04
N LEU A 419 -4.17 -2.51 1.42
CA LEU A 419 -5.24 -3.23 2.12
C LEU A 419 -4.71 -4.02 3.30
N ALA A 420 -3.59 -4.71 3.13
CA ALA A 420 -3.04 -5.52 4.22
C ALA A 420 -2.57 -4.67 5.38
N ILE A 421 -2.06 -3.47 5.09
CA ILE A 421 -1.62 -2.57 6.14
C ILE A 421 -2.81 -1.96 6.87
N LEU A 422 -3.83 -1.53 6.13
CA LEU A 422 -4.93 -0.77 6.72
C LEU A 422 -6.11 -1.63 7.17
N VAL A 423 -6.06 -2.95 7.01
CA VAL A 423 -7.18 -3.77 7.45
C VAL A 423 -7.27 -3.80 8.98
N THR A 424 -6.13 -3.88 9.67
CA THR A 424 -6.18 -3.96 11.13
C THR A 424 -6.50 -2.65 11.85
N PRO A 425 -6.02 -1.46 11.42
CA PRO A 425 -6.54 -0.23 12.05
C PRO A 425 -8.03 -0.03 11.86
N THR A 426 -8.55 -0.43 10.69
CA THR A 426 -9.99 -0.35 10.45
C THR A 426 -10.78 -1.18 11.44
N LEU A 427 -10.32 -2.40 11.69
CA LEU A 427 -11.04 -3.28 12.60
C LEU A 427 -10.90 -2.81 14.05
N VAL A 428 -9.69 -2.44 14.47
CA VAL A 428 -9.50 -2.05 15.87
C VAL A 428 -10.16 -0.71 16.17
N LEU A 429 -10.47 0.09 15.14
CA LEU A 429 -11.21 1.32 15.38
C LEU A 429 -12.71 1.09 15.31
N MET A 430 -13.20 0.39 14.28
CA MET A 430 -14.63 0.25 14.08
C MET A 430 -15.26 -0.68 15.10
N GLY A 431 -14.58 -1.78 15.46
CA GLY A 431 -15.12 -2.66 16.49
C GLY A 431 -15.17 -2.00 17.85
N ALA A 432 -14.13 -1.23 18.19
CA ALA A 432 -14.14 -0.49 19.45
C ALA A 432 -15.24 0.57 19.45
N ALA A 433 -15.43 1.26 18.32
CA ALA A 433 -16.50 2.25 18.22
C ALA A 433 -17.86 1.61 18.40
N LEU A 434 -18.08 0.45 17.76
CA LEU A 434 -19.34 -0.28 17.91
C LEU A 434 -19.53 -0.74 19.35
N ALA A 435 -18.45 -1.12 20.02
CA ALA A 435 -18.55 -1.50 21.44
C ALA A 435 -18.97 -0.32 22.31
N MET A 436 -18.44 0.88 22.02
CA MET A 436 -18.88 2.04 22.80
C MET A 436 -20.26 2.55 22.41
N MET A 437 -20.79 2.20 21.23
CA MET A 437 -22.20 2.50 20.97
C MET A 437 -23.11 1.68 21.89
N THR A 438 -22.89 0.38 21.97
CA THR A 438 -23.82 -0.51 22.64
C THR A 438 -23.73 -0.35 24.16
N ASP A 439 -24.89 -0.39 24.80
CA ASP A 439 -24.94 -0.35 26.27
C ASP A 439 -24.48 -1.67 26.88
N ALA A 440 -24.54 -2.77 26.12
CA ALA A 440 -24.09 -4.06 26.65
C ALA A 440 -22.59 -4.07 26.90
N GLY A 441 -21.80 -3.66 25.90
CA GLY A 441 -20.37 -3.55 26.08
C GLY A 441 -20.00 -2.50 27.13
N ARG A 442 -20.73 -1.39 27.13
CA ARG A 442 -20.58 -0.38 28.17
C ARG A 442 -21.07 -0.89 29.53
N SER A 443 -21.81 -2.00 29.57
CA SER A 443 -22.14 -2.65 30.82
C SER A 443 -21.00 -3.49 31.37
N ALA A 444 -19.94 -3.72 30.57
CA ALA A 444 -18.81 -4.53 31.00
C ALA A 444 -17.67 -3.71 31.60
N MET A 445 -17.98 -2.54 32.16
CA MET A 445 -16.95 -1.70 32.75
C MET A 445 -16.46 -2.28 34.05
N LEU A 446 -15.17 -2.06 34.33
CA LEU A 446 -14.60 -2.34 35.64
C LEU A 446 -14.05 -1.09 36.30
N ASN A 447 -13.26 -0.30 35.57
CA ASN A 447 -12.69 0.92 36.10
C ASN A 447 -13.42 2.13 35.53
N PRO A 448 -14.08 2.93 36.36
CA PRO A 448 -14.77 4.12 35.84
C PRO A 448 -13.78 5.16 35.33
N GLY A 449 -14.26 5.99 34.40
CA GLY A 449 -13.45 7.01 33.79
C GLY A 449 -12.91 6.57 32.45
N PRO A 450 -11.83 7.22 31.99
CA PRO A 450 -11.24 6.84 30.70
C PRO A 450 -10.61 5.45 30.69
N HIS A 451 -10.35 4.87 31.86
CA HIS A 451 -9.74 3.55 31.91
C HIS A 451 -10.68 2.45 31.40
N GLY A 452 -11.99 2.64 31.54
CA GLY A 452 -12.92 1.68 30.96
C GLY A 452 -12.88 1.67 29.44
N PHE A 453 -12.85 2.85 28.83
CA PHE A 453 -12.67 2.94 27.38
C PHE A 453 -11.30 2.42 26.96
N SER A 454 -10.28 2.63 27.79
CA SER A 454 -8.97 2.05 27.50
C SER A 454 -9.02 0.53 27.52
N GLU A 455 -9.78 -0.04 28.45
CA GLU A 455 -9.96 -1.49 28.52
C GLU A 455 -10.68 -2.02 27.28
N VAL A 456 -11.73 -1.30 26.83
CA VAL A 456 -12.45 -1.69 25.62
C VAL A 456 -11.54 -1.63 24.40
N LEU A 457 -10.76 -0.55 24.29
CA LEU A 457 -9.84 -0.40 23.16
C LEU A 457 -8.77 -1.48 23.17
N TYR A 458 -8.26 -1.82 24.36
CA TYR A 458 -7.30 -2.90 24.48
C TYR A 458 -7.90 -4.24 24.07
N ALA A 459 -9.14 -4.51 24.47
CA ALA A 459 -9.77 -5.77 24.11
C ALA A 459 -9.99 -5.88 22.60
N VAL A 460 -10.48 -4.81 21.97
CA VAL A 460 -10.73 -4.85 20.53
C VAL A 460 -9.42 -4.92 19.76
N SER A 461 -8.38 -4.22 20.22
CA SER A 461 -7.09 -4.29 19.57
C SER A 461 -6.43 -5.64 19.74
N SER A 462 -6.64 -6.29 20.89
CA SER A 462 -6.14 -7.64 21.08
C SER A 462 -6.85 -8.62 20.17
N ALA A 463 -8.15 -8.39 19.92
CA ALA A 463 -8.86 -9.22 18.97
C ALA A 463 -8.32 -9.05 17.56
N ALA A 464 -8.23 -7.81 17.09
CA ALA A 464 -7.97 -7.59 15.67
C ALA A 464 -6.49 -7.38 15.36
N ASN A 465 -5.60 -7.50 16.33
CA ASN A 465 -4.16 -7.53 16.07
C ASN A 465 -3.57 -8.89 16.41
N ASN A 466 -4.40 -9.86 16.77
CA ASN A 466 -4.02 -11.25 17.02
C ASN A 466 -2.98 -11.36 18.14
N ASN A 467 -3.34 -10.83 19.31
CA ASN A 467 -2.45 -10.83 20.46
C ASN A 467 -2.92 -11.75 21.58
N GLY A 468 -4.13 -11.52 22.12
CA GLY A 468 -4.63 -12.28 23.24
C GLY A 468 -4.44 -11.62 24.59
N SER A 469 -3.65 -10.57 24.68
CA SER A 469 -3.44 -9.88 25.95
C SER A 469 -4.67 -9.08 26.34
N ALA A 470 -4.82 -8.81 27.62
CA ALA A 470 -6.03 -8.16 28.07
C ALA A 470 -5.82 -7.40 29.37
N PHE A 471 -6.43 -6.21 29.45
CA PHE A 471 -6.78 -5.64 30.74
C PHE A 471 -7.83 -6.54 31.38
N ALA A 472 -7.45 -7.25 32.42
CA ALA A 472 -8.35 -8.21 33.04
C ALA A 472 -9.46 -7.49 33.80
N GLY A 473 -10.48 -8.25 34.18
CA GLY A 473 -11.66 -7.71 34.81
C GLY A 473 -12.76 -7.33 33.85
N LEU A 474 -12.51 -7.35 32.55
CA LEU A 474 -13.56 -7.14 31.58
C LEU A 474 -14.46 -8.36 31.54
N SER A 475 -15.77 -8.14 31.62
CA SER A 475 -16.74 -9.24 31.58
C SER A 475 -16.96 -9.63 30.12
N ALA A 476 -16.00 -10.40 29.59
CA ALA A 476 -16.03 -10.83 28.21
C ALA A 476 -16.80 -12.14 28.02
N ASN A 477 -17.62 -12.52 28.99
CA ASN A 477 -18.48 -13.68 28.87
C ASN A 477 -19.80 -13.37 28.17
N SER A 478 -20.03 -12.11 27.83
CA SER A 478 -21.26 -11.74 27.13
C SER A 478 -21.25 -12.30 25.71
N PRO A 479 -22.41 -12.74 25.19
CA PRO A 479 -22.45 -13.19 23.79
C PRO A 479 -22.09 -12.12 22.79
N PHE A 480 -22.47 -10.86 23.06
CA PHE A 480 -22.12 -9.76 22.16
C PHE A 480 -20.61 -9.57 22.11
N TRP A 481 -19.96 -9.52 23.28
CA TRP A 481 -18.50 -9.37 23.32
C TRP A 481 -17.81 -10.56 22.67
N ASN A 482 -18.29 -11.78 22.96
CA ASN A 482 -17.67 -12.98 22.40
C ASN A 482 -17.77 -13.00 20.88
N CYS A 483 -18.95 -12.68 20.34
CA CYS A 483 -19.13 -12.71 18.90
C CYS A 483 -18.37 -11.58 18.21
N LEU A 484 -18.33 -10.39 18.82
CA LEU A 484 -17.60 -9.26 18.25
C LEU A 484 -16.11 -9.54 18.19
N LEU A 485 -15.53 -10.03 19.31
CA LEU A 485 -14.13 -10.37 19.32
C LEU A 485 -13.83 -11.53 18.38
N ALA A 486 -14.75 -12.50 18.30
CA ALA A 486 -14.57 -13.64 17.41
C ALA A 486 -14.48 -13.21 15.96
N PHE A 487 -15.43 -12.37 15.53
CA PHE A 487 -15.42 -11.85 14.16
C PHE A 487 -14.19 -11.01 13.92
N CYS A 488 -13.79 -10.19 14.90
CA CYS A 488 -12.61 -9.34 14.74
C CYS A 488 -11.35 -10.16 14.54
N MET A 489 -11.15 -11.18 15.38
CA MET A 489 -9.97 -12.06 15.26
C MET A 489 -9.96 -12.77 13.91
N PHE A 490 -11.11 -13.32 13.51
CA PHE A 490 -11.24 -14.05 12.26
C PHE A 490 -10.88 -13.18 11.06
N VAL A 491 -11.62 -12.09 10.87
CA VAL A 491 -11.43 -11.29 9.66
C VAL A 491 -10.09 -10.56 9.72
N GLY A 492 -9.59 -10.23 10.91
CA GLY A 492 -8.30 -9.60 11.04
C GLY A 492 -7.17 -10.46 10.56
N ARG A 493 -7.00 -11.65 11.14
CA ARG A 493 -5.88 -12.48 10.69
C ARG A 493 -6.06 -12.95 9.25
N PHE A 494 -7.28 -13.32 8.85
CA PHE A 494 -7.39 -13.84 7.49
C PHE A 494 -7.33 -12.75 6.42
N GLY A 495 -7.82 -11.54 6.71
CA GLY A 495 -7.65 -10.43 5.81
C GLY A 495 -6.30 -9.79 5.86
N VAL A 496 -5.44 -10.21 6.78
CA VAL A 496 -4.01 -9.95 6.60
C VAL A 496 -3.36 -11.05 5.77
N ILE A 497 -3.70 -12.32 6.02
CA ILE A 497 -3.04 -13.45 5.38
C ILE A 497 -3.31 -13.49 3.88
N ILE A 498 -4.55 -13.26 3.46
CA ILE A 498 -4.90 -13.34 2.03
C ILE A 498 -4.11 -12.35 1.17
N PRO A 499 -3.98 -11.05 1.52
CA PRO A 499 -3.09 -10.20 0.73
C PRO A 499 -1.62 -10.60 0.78
N VAL A 500 -1.17 -11.29 1.82
CA VAL A 500 0.22 -11.77 1.84
C VAL A 500 0.45 -12.79 0.74
N MET A 501 -0.48 -13.73 0.56
CA MET A 501 -0.43 -14.63 -0.58
C MET A 501 -0.62 -13.92 -1.91
N ALA A 502 -1.39 -12.83 -1.93
CA ALA A 502 -1.51 -12.05 -3.15
C ALA A 502 -0.16 -11.42 -3.54
N ILE A 503 0.54 -10.84 -2.56
CA ILE A 503 1.87 -10.28 -2.80
C ILE A 503 2.85 -11.37 -3.21
N ALA A 504 2.80 -12.52 -2.52
CA ALA A 504 3.72 -13.62 -2.83
C ALA A 504 3.50 -14.13 -4.26
N GLY A 505 2.26 -14.31 -4.66
CA GLY A 505 1.98 -14.76 -6.02
C GLY A 505 2.36 -13.73 -7.07
N SER A 506 2.16 -12.45 -6.77
CA SER A 506 2.54 -11.42 -7.73
C SER A 506 4.05 -11.21 -7.79
N LEU A 507 4.78 -11.61 -6.76
CA LEU A 507 6.25 -11.54 -6.78
C LEU A 507 6.91 -12.79 -7.34
N VAL A 508 6.26 -13.95 -7.28
CA VAL A 508 6.81 -15.14 -7.90
C VAL A 508 6.90 -14.97 -9.42
N SER A 509 5.85 -14.40 -10.02
CA SER A 509 5.76 -14.27 -11.47
C SER A 509 6.77 -13.29 -12.06
N LYS A 510 7.44 -12.48 -11.24
CA LYS A 510 8.40 -11.50 -11.74
C LYS A 510 9.81 -12.06 -11.66
N LYS A 511 10.77 -11.23 -12.07
CA LYS A 511 12.18 -11.61 -12.12
C LYS A 511 13.02 -10.52 -11.44
N SER A 512 14.12 -10.94 -10.84
CA SER A 512 15.02 -10.01 -10.15
C SER A 512 15.72 -9.12 -11.16
N GLN A 513 15.35 -7.84 -11.18
CA GLN A 513 15.97 -6.89 -12.07
C GLN A 513 17.40 -6.57 -11.60
N ALA A 514 18.20 -6.06 -12.53
CA ALA A 514 19.59 -5.74 -12.24
C ALA A 514 19.68 -4.40 -11.49
N ALA A 515 20.91 -3.96 -11.26
CA ALA A 515 21.13 -2.70 -10.57
C ALA A 515 20.73 -1.52 -11.46
N SER A 516 20.13 -0.51 -10.84
CA SER A 516 19.65 0.66 -11.56
C SER A 516 19.97 1.91 -10.76
N SER A 517 19.91 3.06 -11.46
CA SER A 517 20.20 4.34 -10.81
C SER A 517 19.12 4.69 -9.78
N GLY A 518 17.86 4.39 -10.08
CA GLY A 518 16.76 4.70 -9.20
C GLY A 518 16.49 3.68 -8.11
N THR A 519 17.32 2.65 -8.02
CA THR A 519 17.14 1.62 -7.00
C THR A 519 17.58 2.15 -5.64
N LEU A 520 16.66 2.15 -4.69
CA LEU A 520 16.99 2.58 -3.33
C LEU A 520 17.84 1.54 -2.65
N PRO A 521 18.96 1.91 -2.03
CA PRO A 521 19.71 0.96 -1.18
C PRO A 521 18.87 0.53 0.01
N THR A 522 18.61 -0.77 0.12
CA THR A 522 17.69 -1.32 1.10
C THR A 522 18.38 -1.68 2.41
N HIS A 523 19.45 -0.99 2.77
CA HIS A 523 20.10 -1.18 4.06
C HIS A 523 20.77 0.11 4.48
N GLY A 524 21.08 0.21 5.77
CA GLY A 524 21.73 1.36 6.31
C GLY A 524 20.89 2.12 7.32
N PRO A 525 21.54 3.02 8.08
CA PRO A 525 20.81 3.80 9.08
C PRO A 525 19.75 4.71 8.48
N LEU A 526 19.97 5.21 7.26
CA LEU A 526 18.97 6.01 6.58
C LEU A 526 17.70 5.20 6.32
N PHE A 527 17.87 3.98 5.84
CA PHE A 527 16.70 3.15 5.56
C PHE A 527 16.03 2.68 6.84
N VAL A 528 16.80 2.43 7.89
CA VAL A 528 16.21 2.12 9.20
C VAL A 528 15.35 3.29 9.69
N GLY A 529 15.91 4.51 9.59
CA GLY A 529 15.15 5.67 10.01
C GLY A 529 13.90 5.89 9.19
N LEU A 530 14.00 5.67 7.87
CA LEU A 530 12.84 5.81 7.00
C LEU A 530 11.76 4.78 7.34
N LEU A 531 12.15 3.52 7.57
CA LEU A 531 11.18 2.48 7.88
C LEU A 531 10.50 2.72 9.22
N ILE A 532 11.28 3.07 10.25
CA ILE A 532 10.72 3.30 11.57
C ILE A 532 9.85 4.55 11.58
N GLY A 533 10.28 5.62 10.90
CA GLY A 533 9.43 6.78 10.75
C GLY A 533 8.14 6.45 10.02
N THR A 534 8.21 5.60 8.99
CA THR A 534 7.02 5.22 8.25
C THR A 534 6.01 4.51 9.15
N VAL A 535 6.46 3.46 9.84
CA VAL A 535 5.53 2.66 10.63
C VAL A 535 5.02 3.46 11.85
N LEU A 536 5.91 4.19 12.52
CA LEU A 536 5.51 4.96 13.70
C LEU A 536 4.56 6.08 13.33
N LEU A 537 4.81 6.77 12.22
CA LEU A 537 3.94 7.87 11.86
C LEU A 537 2.61 7.41 11.26
N VAL A 538 2.56 6.27 10.54
CA VAL A 538 1.24 5.80 10.11
C VAL A 538 0.44 5.30 11.31
N GLY A 539 1.10 4.67 12.28
CA GLY A 539 0.43 4.30 13.50
C GLY A 539 -0.05 5.51 14.28
N ALA A 540 0.74 6.59 14.29
CA ALA A 540 0.29 7.82 14.91
C ALA A 540 -0.93 8.39 14.19
N LEU A 541 -0.88 8.40 12.85
CA LEU A 541 -1.97 8.94 12.04
C LEU A 541 -3.28 8.23 12.33
N THR A 542 -3.24 6.91 12.52
CA THR A 542 -4.48 6.20 12.83
C THR A 542 -4.69 5.87 14.30
N PHE A 543 -3.83 6.33 15.23
CA PHE A 543 -4.09 6.02 16.62
C PHE A 543 -3.87 7.15 17.62
N ILE A 544 -3.65 8.39 17.19
CA ILE A 544 -3.56 9.50 18.15
C ILE A 544 -4.84 9.73 18.96
N PRO A 545 -6.04 9.84 18.35
CA PRO A 545 -7.21 10.14 19.20
C PRO A 545 -7.64 8.99 20.11
N ALA A 546 -7.46 7.74 19.67
CA ALA A 546 -7.87 6.60 20.50
C ALA A 546 -7.03 6.51 21.77
N LEU A 547 -5.72 6.75 21.65
CA LEU A 547 -4.88 6.78 22.85
C LEU A 547 -5.07 8.06 23.64
N ALA A 548 -5.35 9.18 22.97
CA ALA A 548 -5.48 10.44 23.67
C ALA A 548 -6.75 10.51 24.51
N LEU A 549 -7.84 9.90 24.05
CA LEU A 549 -9.08 9.93 24.81
C LEU A 549 -9.12 8.91 25.94
N GLY A 550 -8.11 8.05 26.05
CA GLY A 550 -8.08 7.05 27.09
C GLY A 550 -6.97 7.24 28.09
N PRO A 551 -5.88 6.47 27.92
CA PRO A 551 -4.79 6.50 28.90
C PRO A 551 -4.06 7.82 29.00
N VAL A 552 -3.92 8.56 27.90
CA VAL A 552 -3.31 9.89 27.98
C VAL A 552 -4.20 10.83 28.76
N ALA A 553 -5.52 10.70 28.59
CA ALA A 553 -6.47 11.47 29.40
C ALA A 553 -6.35 11.11 30.88
N GLU A 554 -6.19 9.82 31.17
CA GLU A 554 -6.01 9.39 32.56
C GLU A 554 -4.71 9.94 33.15
N TYR A 555 -3.64 9.96 32.35
CA TYR A 555 -2.37 10.50 32.83
C TYR A 555 -2.45 12.00 33.09
N LEU A 556 -3.09 12.75 32.18
CA LEU A 556 -3.20 14.19 32.35
C LEU A 556 -4.13 14.55 33.50
N SER A 557 -5.21 13.79 33.67
CA SER A 557 -6.15 14.05 34.76
C SER A 557 -5.59 13.58 36.09
N PHE B 9 2.13 32.28 -17.12
CA PHE B 9 0.74 32.71 -17.20
C PHE B 9 0.10 32.28 -18.51
N GLU B 10 -1.22 32.23 -18.53
CA GLU B 10 -2.01 31.81 -19.68
C GLU B 10 -3.02 32.91 -20.05
N PRO B 11 -3.46 32.95 -21.30
CA PRO B 11 -4.37 34.03 -21.72
C PRO B 11 -5.72 34.02 -21.01
N THR B 12 -6.27 35.23 -20.87
CA THR B 12 -7.45 35.46 -20.04
C THR B 12 -8.68 34.77 -20.62
N LEU B 13 -8.84 34.78 -21.95
CA LEU B 13 -10.01 34.16 -22.56
C LEU B 13 -10.02 32.65 -22.35
N VAL B 14 -8.86 31.99 -22.50
CA VAL B 14 -8.85 30.55 -22.33
C VAL B 14 -8.98 30.18 -20.85
N VAL B 15 -8.43 30.99 -19.94
CA VAL B 15 -8.61 30.62 -18.53
C VAL B 15 -10.04 30.93 -18.07
N GLN B 16 -10.72 31.89 -18.70
CA GLN B 16 -12.11 32.16 -18.36
C GLN B 16 -13.03 31.06 -18.87
N ALA B 17 -12.81 30.60 -20.11
CA ALA B 17 -13.58 29.46 -20.63
C ALA B 17 -13.28 28.20 -19.82
N LEU B 18 -12.02 28.03 -19.41
CA LEU B 18 -11.67 26.88 -18.59
C LEU B 18 -12.32 26.96 -17.21
N LYS B 19 -12.42 28.16 -16.63
CA LYS B 19 -13.09 28.30 -15.34
C LYS B 19 -14.59 28.06 -15.46
N GLU B 20 -15.18 28.41 -16.61
CA GLU B 20 -16.55 27.99 -16.88
C GLU B 20 -16.67 26.48 -16.92
N ALA B 21 -15.69 25.81 -17.54
CA ALA B 21 -15.66 24.35 -17.52
C ALA B 21 -15.48 23.81 -16.10
N VAL B 22 -14.77 24.54 -15.25
CA VAL B 22 -14.61 24.16 -13.85
C VAL B 22 -15.94 24.22 -13.12
N LYS B 23 -16.67 25.32 -13.31
CA LYS B 23 -18.00 25.45 -12.71
C LYS B 23 -18.99 24.45 -13.28
N LYS B 24 -18.70 23.90 -14.46
CA LYS B 24 -19.51 22.83 -15.03
C LYS B 24 -19.36 21.49 -14.29
N LEU B 25 -18.36 21.34 -13.42
CA LEU B 25 -18.21 20.10 -12.65
C LEU B 25 -19.36 19.84 -11.70
N ASN B 26 -20.11 18.78 -11.99
CA ASN B 26 -21.22 18.28 -11.19
C ASN B 26 -20.77 17.11 -10.33
N PRO B 27 -21.57 16.72 -9.33
CA PRO B 27 -21.26 15.47 -8.60
C PRO B 27 -21.29 14.21 -9.46
N GLN B 28 -21.91 14.27 -10.65
CA GLN B 28 -21.88 13.12 -11.54
C GLN B 28 -20.47 12.81 -12.02
N ALA B 29 -19.60 13.82 -12.10
CA ALA B 29 -18.22 13.63 -12.49
C ALA B 29 -17.23 14.04 -11.41
N GLN B 30 -17.71 14.44 -10.22
CA GLN B 30 -16.81 14.84 -9.15
C GLN B 30 -16.12 13.64 -8.49
N TRP B 31 -16.68 12.44 -8.61
CA TRP B 31 -16.12 11.27 -7.95
C TRP B 31 -14.99 10.62 -8.74
N ARG B 32 -14.54 11.25 -9.83
CA ARG B 32 -13.29 10.85 -10.44
C ARG B 32 -12.11 11.13 -9.51
N ASN B 33 -12.15 12.25 -8.79
CA ASN B 33 -11.10 12.60 -7.84
C ASN B 33 -11.59 12.36 -6.42
N PRO B 34 -11.06 11.35 -5.72
CA PRO B 34 -11.70 10.90 -4.47
C PRO B 34 -11.54 11.85 -3.30
N VAL B 35 -10.35 12.39 -3.07
CA VAL B 35 -10.12 13.29 -1.94
C VAL B 35 -10.92 14.57 -2.11
N MET B 36 -10.92 15.14 -3.33
CA MET B 36 -11.69 16.35 -3.57
C MET B 36 -13.20 16.08 -3.52
N PHE B 37 -13.64 14.88 -3.91
CA PHE B 37 -15.06 14.58 -3.75
C PHE B 37 -15.41 14.38 -2.28
N ILE B 38 -14.50 13.89 -1.45
CA ILE B 38 -14.77 13.78 -0.02
C ILE B 38 -14.84 15.17 0.61
N VAL B 39 -13.97 16.09 0.16
CA VAL B 39 -14.08 17.49 0.56
C VAL B 39 -15.41 18.07 0.11
N TRP B 40 -15.89 17.67 -1.08
CA TRP B 40 -17.18 18.12 -1.58
C TRP B 40 -18.35 17.63 -0.73
N ILE B 41 -18.30 16.36 -0.29
CA ILE B 41 -19.33 15.85 0.61
C ILE B 41 -19.29 16.58 1.94
N GLY B 42 -18.09 16.81 2.49
CA GLY B 42 -17.99 17.56 3.72
C GLY B 42 -18.51 18.98 3.58
N SER B 43 -18.26 19.60 2.42
CA SER B 43 -18.79 20.93 2.14
C SER B 43 -20.31 20.93 2.05
N LEU B 44 -20.88 19.89 1.43
CA LEU B 44 -22.34 19.79 1.36
C LEU B 44 -22.94 19.62 2.75
N LEU B 45 -22.34 18.78 3.59
CA LEU B 45 -22.86 18.60 4.93
C LEU B 45 -22.72 19.86 5.78
N THR B 46 -21.60 20.58 5.67
CA THR B 46 -21.48 21.79 6.48
C THR B 46 -22.36 22.92 5.94
N THR B 47 -22.61 22.96 4.63
CA THR B 47 -23.56 23.93 4.09
C THR B 47 -24.99 23.59 4.53
N CYS B 48 -25.33 22.30 4.55
CA CYS B 48 -26.65 21.88 5.01
C CYS B 48 -26.85 22.19 6.49
N ILE B 49 -25.82 21.96 7.31
CA ILE B 49 -25.98 22.29 8.73
C ILE B 49 -25.98 23.80 8.93
N SER B 50 -25.30 24.56 8.06
CA SER B 50 -25.34 26.02 8.15
C SER B 50 -26.72 26.57 7.82
N ILE B 51 -27.35 26.05 6.77
CA ILE B 51 -28.70 26.51 6.46
C ILE B 51 -29.72 25.94 7.45
N ALA B 52 -29.40 24.83 8.12
CA ALA B 52 -30.24 24.38 9.23
C ALA B 52 -30.13 25.32 10.42
N MET B 53 -28.92 25.82 10.69
CA MET B 53 -28.75 26.85 11.72
C MET B 53 -29.49 28.14 11.35
N ALA B 54 -29.45 28.50 10.07
CA ALA B 54 -30.23 29.65 9.61
C ALA B 54 -31.72 29.42 9.79
N SER B 55 -32.19 28.20 9.53
CA SER B 55 -33.57 27.84 9.78
C SER B 55 -33.84 27.55 11.27
N GLY B 56 -32.81 27.28 12.05
CA GLY B 56 -32.97 27.02 13.47
C GLY B 56 -32.72 25.57 13.85
N ALA B 57 -31.66 25.34 14.62
CA ALA B 57 -31.29 23.99 15.04
C ALA B 57 -30.89 24.04 16.52
N MET B 58 -30.35 22.93 17.01
CA MET B 58 -29.95 22.84 18.42
C MET B 58 -28.84 23.80 18.83
N PRO B 59 -27.68 23.92 18.10
CA PRO B 59 -26.65 24.86 18.57
C PRO B 59 -27.00 26.31 18.30
N GLY B 60 -26.06 27.22 18.54
CA GLY B 60 -26.31 28.64 18.35
C GLY B 60 -25.31 29.36 17.44
N ASN B 61 -24.28 28.67 16.98
CA ASN B 61 -23.23 29.27 16.16
C ASN B 61 -23.44 28.88 14.70
N ALA B 62 -23.60 29.87 13.83
CA ALA B 62 -23.88 29.65 12.43
C ALA B 62 -22.85 30.24 11.49
N LEU B 63 -22.31 31.42 11.81
CA LEU B 63 -21.37 32.08 10.90
C LEU B 63 -20.05 31.33 10.80
N PHE B 64 -19.66 30.63 11.86
CA PHE B 64 -18.44 29.82 11.83
C PHE B 64 -18.56 28.69 10.81
N SER B 65 -19.67 27.95 10.87
CA SER B 65 -19.90 26.90 9.87
C SER B 65 -20.11 27.48 8.48
N ALA B 66 -20.71 28.67 8.38
CA ALA B 66 -20.85 29.33 7.09
C ALA B 66 -19.50 29.67 6.48
N ALA B 67 -18.56 30.16 7.30
CA ALA B 67 -17.22 30.44 6.82
C ALA B 67 -16.48 29.17 6.44
N ILE B 68 -16.68 28.08 7.20
CA ILE B 68 -16.09 26.79 6.83
C ILE B 68 -16.61 26.33 5.47
N SER B 69 -17.93 26.43 5.25
CA SER B 69 -18.50 26.01 3.97
C SER B 69 -18.01 26.87 2.82
N GLY B 70 -17.91 28.19 3.04
CA GLY B 70 -17.42 29.08 1.99
C GLY B 70 -15.99 28.80 1.61
N TRP B 71 -15.11 28.65 2.61
CA TRP B 71 -13.71 28.38 2.31
C TRP B 71 -13.52 26.97 1.75
N LEU B 72 -14.39 26.03 2.13
CA LEU B 72 -14.34 24.69 1.53
C LEU B 72 -14.73 24.74 0.06
N TRP B 73 -15.74 25.54 -0.28
CA TRP B 73 -16.09 25.71 -1.69
C TRP B 73 -15.00 26.43 -2.47
N ILE B 74 -14.30 27.39 -1.84
CA ILE B 74 -13.14 27.99 -2.49
C ILE B 74 -12.06 26.95 -2.76
N THR B 75 -11.81 26.08 -1.77
CA THR B 75 -10.83 25.00 -1.94
C THR B 75 -11.22 24.06 -3.07
N VAL B 76 -12.49 23.65 -3.10
CA VAL B 76 -12.97 22.74 -4.15
C VAL B 76 -12.86 23.40 -5.52
N LEU B 77 -13.27 24.68 -5.60
CA LEU B 77 -13.22 25.41 -6.87
C LEU B 77 -11.80 25.55 -7.37
N PHE B 78 -10.85 25.85 -6.48
CA PHE B 78 -9.46 26.01 -6.92
C PHE B 78 -8.84 24.67 -7.28
N ALA B 79 -9.17 23.61 -6.55
CA ALA B 79 -8.64 22.29 -6.90
C ALA B 79 -9.14 21.83 -8.25
N ASN B 80 -10.44 22.01 -8.51
CA ASN B 80 -10.99 21.69 -9.82
C ASN B 80 -10.45 22.63 -10.90
N PHE B 81 -10.14 23.87 -10.52
CA PHE B 81 -9.54 24.83 -11.44
C PHE B 81 -8.18 24.36 -11.91
N ALA B 82 -7.30 24.01 -10.96
CA ALA B 82 -5.99 23.47 -11.32
C ALA B 82 -6.11 22.16 -12.09
N GLU B 83 -7.07 21.31 -11.72
CA GLU B 83 -7.25 20.04 -12.42
C GLU B 83 -7.64 20.26 -13.88
N ALA B 84 -8.53 21.23 -14.14
CA ALA B 84 -8.90 21.52 -15.52
C ALA B 84 -7.78 22.25 -16.26
N LEU B 85 -7.02 23.11 -15.58
CA LEU B 85 -5.81 23.68 -16.18
C LEU B 85 -4.83 22.61 -16.61
N ALA B 86 -4.76 21.50 -15.89
CA ALA B 86 -3.83 20.45 -16.28
C ALA B 86 -4.37 19.54 -17.37
N GLU B 87 -5.61 19.05 -17.22
CA GLU B 87 -6.11 18.02 -18.15
C GLU B 87 -7.49 18.37 -18.71
N GLY B 88 -7.74 19.64 -19.01
CA GLY B 88 -8.95 20.02 -19.70
C GLY B 88 -8.86 19.87 -21.20
N ARG B 89 -7.64 19.78 -21.74
CA ARG B 89 -7.42 19.56 -23.16
C ARG B 89 -6.69 18.24 -23.42
N SER B 90 -6.61 17.37 -22.42
CA SER B 90 -5.93 16.09 -22.60
C SER B 90 -6.73 15.17 -23.52
N LYS B 91 -8.05 15.31 -23.54
CA LYS B 91 -8.89 14.49 -24.40
C LYS B 91 -8.66 14.87 -25.86
N ALA B 92 -8.46 13.87 -26.71
CA ALA B 92 -8.21 14.11 -28.13
C ALA B 92 -9.48 14.61 -28.80
N GLN B 93 -9.37 15.72 -29.51
CA GLN B 93 -10.51 16.34 -30.18
C GLN B 93 -10.55 15.94 -31.64
N ALA B 94 -11.76 15.71 -32.15
CA ALA B 94 -11.99 15.32 -33.53
C ALA B 94 -12.83 16.36 -34.27
N ASN B 95 -12.58 17.64 -33.94
CA ASN B 95 -13.38 18.71 -34.53
C ASN B 95 -13.11 18.87 -36.02
N SER B 96 -11.86 18.68 -36.44
CA SER B 96 -11.53 18.76 -37.86
C SER B 96 -12.20 17.63 -38.65
N LEU B 97 -12.17 16.41 -38.11
CA LEU B 97 -12.83 15.29 -38.78
C LEU B 97 -14.33 15.48 -38.82
N LYS B 98 -14.92 15.99 -37.73
CA LYS B 98 -16.36 16.25 -37.72
C LYS B 98 -16.73 17.34 -38.73
N GLY B 99 -15.91 18.38 -38.84
CA GLY B 99 -16.18 19.43 -39.81
C GLY B 99 -16.05 18.97 -41.25
N VAL B 100 -15.04 18.16 -41.54
CA VAL B 100 -14.88 17.67 -42.91
C VAL B 100 -15.90 16.58 -43.23
N LYS B 101 -16.48 15.94 -42.22
CA LYS B 101 -17.62 15.06 -42.46
C LYS B 101 -18.91 15.86 -42.69
N LYS B 102 -19.06 16.97 -41.98
CA LYS B 102 -20.30 17.75 -42.03
C LYS B 102 -20.30 18.83 -43.11
N THR B 103 -19.19 19.05 -43.81
CA THR B 103 -19.21 20.05 -44.87
C THR B 103 -20.05 19.59 -46.06
N ALA B 104 -20.08 18.29 -46.34
CA ALA B 104 -20.95 17.65 -47.32
C ALA B 104 -20.86 18.26 -48.72
N PHE B 105 -21.94 18.92 -49.14
CA PHE B 105 -22.04 19.61 -50.44
C PHE B 105 -21.78 18.65 -51.61
N ALA B 106 -22.42 17.48 -51.55
CA ALA B 106 -22.23 16.49 -52.60
C ALA B 106 -23.05 16.87 -53.83
N ARG B 107 -22.56 16.43 -55.00
CA ARG B 107 -23.19 16.73 -56.28
C ARG B 107 -23.95 15.49 -56.75
N LYS B 108 -25.24 15.45 -56.41
CA LYS B 108 -26.07 14.28 -56.65
C LYS B 108 -26.56 14.22 -58.09
N LEU B 109 -26.57 13.00 -58.64
CA LEU B 109 -27.09 12.70 -59.97
C LEU B 109 -28.30 11.78 -59.89
N ARG B 110 -29.21 11.95 -60.85
CA ARG B 110 -30.29 10.99 -61.07
C ARG B 110 -30.11 10.20 -62.36
N GLU B 111 -28.99 10.40 -63.07
CA GLU B 111 -28.66 9.63 -64.26
C GLU B 111 -27.14 9.63 -64.39
N PRO B 112 -26.52 8.46 -64.56
CA PRO B 112 -25.04 8.41 -64.63
C PRO B 112 -24.52 8.94 -65.96
N LYS B 113 -24.00 10.17 -65.94
CA LYS B 113 -23.43 10.81 -67.12
C LYS B 113 -22.63 12.00 -66.62
N TYR B 114 -21.73 12.50 -67.47
CA TYR B 114 -20.82 13.59 -67.08
C TYR B 114 -21.57 14.83 -66.63
N GLY B 115 -22.69 15.14 -67.27
CA GLY B 115 -23.49 16.29 -66.90
C GLY B 115 -24.70 15.90 -66.07
N ALA B 116 -25.85 15.79 -66.73
CA ALA B 116 -27.11 15.30 -66.16
C ALA B 116 -27.62 16.18 -65.03
N ALA B 117 -28.61 15.69 -64.29
CA ALA B 117 -29.28 16.46 -63.24
C ALA B 117 -28.53 16.28 -61.94
N ALA B 118 -27.67 17.24 -61.61
CA ALA B 118 -26.88 17.24 -60.39
C ALA B 118 -27.32 18.39 -59.50
N ASP B 119 -27.44 18.13 -58.19
CA ASP B 119 -27.80 19.18 -57.26
C ASP B 119 -26.99 19.03 -55.98
N LYS B 120 -26.96 20.11 -55.19
CA LYS B 120 -26.25 20.12 -53.92
C LYS B 120 -27.06 19.34 -52.88
N VAL B 121 -26.45 18.34 -52.27
CA VAL B 121 -27.12 17.54 -51.25
C VAL B 121 -26.22 17.44 -50.01
N PRO B 122 -26.78 17.27 -48.82
CA PRO B 122 -25.96 17.06 -47.62
C PRO B 122 -25.47 15.62 -47.52
N ALA B 123 -24.80 15.32 -46.41
CA ALA B 123 -24.22 14.00 -46.21
C ALA B 123 -25.28 12.96 -45.89
N ASP B 124 -26.35 13.35 -45.19
CA ASP B 124 -27.40 12.40 -44.82
C ASP B 124 -28.28 12.01 -46.01
N GLN B 125 -28.16 12.68 -47.15
CA GLN B 125 -28.90 12.29 -48.34
C GLN B 125 -28.43 10.96 -48.89
N LEU B 126 -27.17 10.62 -48.66
CA LEU B 126 -26.60 9.39 -49.22
C LEU B 126 -27.15 8.17 -48.49
N ARG B 127 -27.24 7.05 -49.22
CA ARG B 127 -27.90 5.85 -48.74
C ARG B 127 -27.38 4.68 -49.58
N LYS B 128 -27.98 3.50 -49.41
CA LYS B 128 -27.65 2.32 -50.23
C LYS B 128 -28.11 2.55 -51.66
N GLY B 129 -27.17 2.87 -52.52
CA GLY B 129 -27.44 3.06 -53.94
C GLY B 129 -27.64 4.51 -54.27
N ASP B 130 -26.59 5.15 -54.80
CA ASP B 130 -26.62 6.57 -55.10
C ASP B 130 -25.53 6.85 -56.13
N ILE B 131 -25.68 7.96 -56.84
CA ILE B 131 -24.74 8.38 -57.87
C ILE B 131 -24.34 9.83 -57.59
N VAL B 132 -23.06 10.06 -57.31
CA VAL B 132 -22.58 11.39 -56.96
C VAL B 132 -21.29 11.69 -57.74
N LEU B 133 -21.21 12.86 -58.35
CA LEU B 133 -19.97 13.23 -59.01
C LEU B 133 -19.20 14.22 -58.15
N VAL B 134 -17.89 14.23 -58.31
CA VAL B 134 -17.01 15.04 -57.47
C VAL B 134 -16.19 16.05 -58.25
N GLU B 135 -16.36 16.12 -59.58
CA GLU B 135 -15.66 16.98 -60.54
C GLU B 135 -14.18 17.21 -60.21
N ALA B 136 -13.74 18.46 -60.18
CA ALA B 136 -12.36 18.81 -59.87
C ALA B 136 -12.32 19.76 -58.68
N GLY B 137 -11.34 19.55 -57.80
CA GLY B 137 -11.13 20.42 -56.66
C GLY B 137 -12.23 20.42 -55.63
N ASP B 138 -12.71 19.23 -55.25
CA ASP B 138 -13.77 19.10 -54.26
C ASP B 138 -13.41 17.97 -53.31
N ILE B 139 -14.37 17.59 -52.46
CA ILE B 139 -14.18 16.58 -51.43
C ILE B 139 -15.11 15.41 -51.73
N ILE B 140 -14.58 14.19 -51.63
CA ILE B 140 -15.41 13.00 -51.77
C ILE B 140 -16.38 12.93 -50.59
N PRO B 141 -17.69 12.74 -50.84
CA PRO B 141 -18.62 12.74 -49.70
C PRO B 141 -18.55 11.49 -48.85
N CYS B 142 -18.44 10.30 -49.46
CA CYS B 142 -18.46 9.06 -48.70
C CYS B 142 -17.65 8.00 -49.43
N ASP B 143 -17.42 6.89 -48.73
CA ASP B 143 -16.75 5.74 -49.32
C ASP B 143 -17.63 5.12 -50.41
N GLY B 144 -16.99 4.65 -51.47
CA GLY B 144 -17.74 4.06 -52.57
C GLY B 144 -16.81 3.54 -53.65
N GLU B 145 -17.42 3.16 -54.76
CA GLU B 145 -16.71 2.57 -55.90
C GLU B 145 -16.87 3.46 -57.13
N VAL B 146 -15.87 3.40 -58.00
CA VAL B 146 -15.85 4.21 -59.21
C VAL B 146 -16.74 3.56 -60.26
N ILE B 147 -17.61 4.36 -60.88
CA ILE B 147 -18.45 3.86 -61.96
C ILE B 147 -17.71 4.02 -63.29
N GLU B 148 -17.36 5.26 -63.62
CA GLU B 148 -16.63 5.52 -64.86
C GLU B 148 -15.71 6.71 -64.67
N GLY B 149 -14.74 6.84 -65.58
CA GLY B 149 -13.84 7.98 -65.59
C GLY B 149 -12.58 7.75 -64.77
N GLY B 150 -11.67 8.70 -64.88
CA GLY B 150 -10.40 8.66 -64.16
C GLY B 150 -10.26 9.88 -63.27
N ALA B 151 -9.66 9.67 -62.10
CA ALA B 151 -9.48 10.75 -61.13
C ALA B 151 -8.13 10.64 -60.46
N SER B 152 -7.48 11.79 -60.29
CA SER B 152 -6.25 11.90 -59.51
C SER B 152 -6.64 12.44 -58.15
N VAL B 153 -6.62 11.57 -57.14
CA VAL B 153 -7.01 11.94 -55.79
C VAL B 153 -5.77 11.91 -54.90
N ASP B 154 -5.74 12.79 -53.90
CA ASP B 154 -4.62 12.89 -52.98
C ASP B 154 -4.91 12.01 -51.77
N GLU B 155 -4.14 10.94 -51.63
CA GLU B 155 -4.28 10.02 -50.49
C GLU B 155 -3.64 10.66 -49.27
N SER B 156 -4.36 11.61 -48.67
CA SER B 156 -3.85 12.29 -47.49
C SER B 156 -4.14 11.51 -46.22
N ALA B 157 -5.36 10.99 -46.08
CA ALA B 157 -5.72 10.24 -44.89
C ALA B 157 -5.13 8.82 -44.91
N ILE B 158 -4.93 8.26 -46.09
CA ILE B 158 -4.40 6.90 -46.25
C ILE B 158 -3.01 7.00 -46.85
N THR B 159 -2.05 6.31 -46.23
CA THR B 159 -0.61 6.25 -46.52
C THR B 159 0.12 7.56 -46.23
N GLY B 160 -0.58 8.63 -45.87
CA GLY B 160 0.03 9.88 -45.45
C GLY B 160 0.90 10.57 -46.49
N GLU B 161 0.68 10.29 -47.77
CA GLU B 161 1.54 10.81 -48.83
C GLU B 161 0.78 11.83 -49.66
N ALA B 162 1.38 13.02 -49.82
CA ALA B 162 0.75 14.09 -50.59
C ALA B 162 0.83 13.85 -52.09
N ALA B 163 1.58 12.86 -52.55
CA ALA B 163 1.67 12.57 -53.97
C ALA B 163 0.34 12.04 -54.48
N PRO B 164 -0.18 12.56 -55.59
CA PRO B 164 -1.49 12.10 -56.07
C PRO B 164 -1.43 10.70 -56.63
N VAL B 165 -2.57 10.02 -56.57
CA VAL B 165 -2.72 8.67 -57.12
C VAL B 165 -3.90 8.67 -58.08
N ILE B 166 -3.71 8.02 -59.23
CA ILE B 166 -4.76 7.89 -60.23
C ILE B 166 -5.59 6.65 -59.91
N ARG B 167 -6.90 6.74 -60.14
CA ARG B 167 -7.80 5.64 -59.81
C ARG B 167 -8.37 4.95 -61.05
N GLU B 168 -8.84 5.73 -62.02
CA GLU B 168 -9.51 5.25 -63.24
C GLU B 168 -10.71 4.36 -62.91
N SER B 169 -11.10 3.50 -63.85
CA SER B 169 -12.30 2.70 -63.70
C SER B 169 -12.14 1.40 -64.46
N GLY B 170 -13.02 0.46 -64.17
CA GLY B 170 -13.00 -0.84 -64.82
C GLY B 170 -11.79 -1.68 -64.48
N GLY B 171 -11.34 -1.62 -63.23
CA GLY B 171 -10.19 -2.39 -62.81
C GLY B 171 -10.20 -2.63 -61.32
N ASP B 172 -9.02 -2.94 -60.78
CA ASP B 172 -8.89 -3.19 -59.36
C ASP B 172 -8.87 -1.91 -58.53
N PHE B 173 -8.63 -0.77 -59.15
CA PHE B 173 -8.52 0.50 -58.44
C PHE B 173 -9.82 1.28 -58.49
N ALA B 174 -10.87 0.72 -57.87
CA ALA B 174 -12.14 1.42 -57.69
C ALA B 174 -12.54 1.30 -56.22
N SER B 175 -11.96 2.17 -55.39
CA SER B 175 -12.32 2.23 -53.97
C SER B 175 -11.90 3.61 -53.47
N VAL B 176 -12.87 4.52 -53.34
CA VAL B 176 -12.60 5.87 -52.86
C VAL B 176 -13.21 6.00 -51.49
N THR B 177 -12.36 6.10 -50.46
CA THR B 177 -12.82 6.02 -49.07
C THR B 177 -13.55 7.28 -48.62
N GLY B 178 -13.37 8.40 -49.29
CA GLY B 178 -14.03 9.61 -48.85
C GLY B 178 -13.14 10.44 -47.94
N GLY B 179 -13.34 11.76 -48.03
CA GLY B 179 -12.53 12.70 -47.27
C GLY B 179 -11.20 13.04 -47.88
N THR B 180 -10.85 12.43 -49.02
CA THR B 180 -9.60 12.70 -49.70
C THR B 180 -9.84 13.71 -50.82
N ARG B 181 -9.00 14.74 -50.87
CA ARG B 181 -9.18 15.80 -51.83
C ARG B 181 -8.85 15.33 -53.24
N ILE B 182 -9.77 15.54 -54.17
CA ILE B 182 -9.51 15.24 -55.58
C ILE B 182 -8.70 16.39 -56.17
N LEU B 183 -7.64 16.04 -56.91
CA LEU B 183 -6.74 17.06 -57.43
C LEU B 183 -7.28 17.68 -58.72
N SER B 184 -7.62 16.84 -59.69
CA SER B 184 -8.09 17.32 -60.98
C SER B 184 -9.05 16.28 -61.54
N ASP B 185 -9.32 16.38 -62.84
CA ASP B 185 -10.14 15.46 -63.63
C ASP B 185 -11.57 15.49 -63.08
N TRP B 186 -12.28 14.37 -63.21
CA TRP B 186 -13.66 14.26 -62.72
C TRP B 186 -13.94 12.81 -62.41
N LEU B 187 -14.93 12.58 -61.55
CA LEU B 187 -15.27 11.21 -61.19
C LEU B 187 -16.73 11.11 -60.78
N VAL B 188 -17.33 9.97 -61.14
CA VAL B 188 -18.68 9.60 -60.73
C VAL B 188 -18.56 8.38 -59.84
N ILE B 189 -19.11 8.47 -58.63
CA ILE B 189 -18.91 7.49 -57.58
C ILE B 189 -20.27 6.96 -57.15
N GLU B 190 -20.35 5.63 -57.01
CA GLU B 190 -21.54 4.96 -56.50
C GLU B 190 -21.40 4.79 -55.00
N CYS B 191 -22.37 5.31 -54.25
CA CYS B 191 -22.35 5.24 -52.78
C CYS B 191 -22.75 3.83 -52.35
N SER B 192 -21.73 3.01 -52.05
CA SER B 192 -21.97 1.66 -51.56
C SER B 192 -21.97 1.56 -50.05
N VAL B 193 -21.34 2.49 -49.36
CA VAL B 193 -21.21 2.47 -47.91
C VAL B 193 -22.20 3.45 -47.31
N ASN B 194 -22.93 3.01 -46.28
CA ASN B 194 -24.00 3.79 -45.68
C ASN B 194 -23.42 5.01 -44.93
N PRO B 195 -24.24 6.04 -44.72
CA PRO B 195 -23.85 7.09 -43.77
C PRO B 195 -23.69 6.51 -42.38
N GLY B 196 -22.51 6.66 -41.81
CA GLY B 196 -22.15 5.94 -40.62
C GLY B 196 -21.33 4.71 -40.94
N GLU B 197 -20.34 4.43 -40.08
CA GLU B 197 -19.40 3.31 -40.22
C GLU B 197 -18.65 3.34 -41.56
N THR B 198 -18.35 4.55 -42.06
CA THR B 198 -17.51 4.70 -43.23
C THR B 198 -16.05 4.73 -42.78
N PHE B 199 -15.14 5.10 -43.69
CA PHE B 199 -13.72 5.16 -43.34
C PHE B 199 -13.44 6.27 -42.33
N LEU B 200 -14.03 7.45 -42.56
CA LEU B 200 -13.81 8.56 -41.64
C LEU B 200 -14.47 8.29 -40.28
N ASP B 201 -15.61 7.60 -40.27
CA ASP B 201 -16.24 7.25 -39.01
C ASP B 201 -15.46 6.17 -38.27
N ARG B 202 -14.87 5.22 -39.01
CA ARG B 202 -13.99 4.25 -38.37
C ARG B 202 -12.74 4.92 -37.80
N MET B 203 -12.28 5.98 -38.45
CA MET B 203 -11.19 6.77 -37.87
C MET B 203 -11.64 7.49 -36.60
N ILE B 204 -12.79 8.17 -36.66
CA ILE B 204 -13.27 8.97 -35.55
C ILE B 204 -13.70 8.10 -34.37
N ALA B 205 -13.91 6.80 -34.60
CA ALA B 205 -14.32 5.90 -33.52
C ALA B 205 -13.29 5.83 -32.40
N MET B 206 -11.99 5.73 -32.74
CA MET B 206 -10.96 5.82 -31.72
C MET B 206 -10.15 7.11 -31.78
N VAL B 207 -10.45 8.05 -32.68
CA VAL B 207 -9.99 9.41 -32.42
C VAL B 207 -10.77 10.01 -31.26
N GLU B 208 -12.09 9.78 -31.22
CA GLU B 208 -12.87 10.22 -30.06
C GLU B 208 -12.58 9.36 -28.84
N GLY B 209 -12.43 8.04 -29.04
CA GLY B 209 -12.18 7.13 -27.93
C GLY B 209 -10.72 6.92 -27.62
N ALA B 210 -10.05 7.96 -27.13
CA ALA B 210 -8.62 7.86 -26.86
C ALA B 210 -8.35 7.08 -25.58
N GLN B 211 -8.78 7.63 -24.44
CA GLN B 211 -8.66 7.02 -23.11
C GLN B 211 -7.21 6.64 -22.79
N ARG B 212 -6.37 7.67 -22.64
CA ARG B 212 -4.97 7.44 -22.28
C ARG B 212 -4.87 6.88 -20.87
N ARG B 213 -4.02 5.88 -20.70
CA ARG B 213 -3.89 5.23 -19.41
C ARG B 213 -3.12 6.10 -18.43
N LYS B 214 -3.39 5.90 -17.15
CA LYS B 214 -2.78 6.70 -16.10
C LYS B 214 -1.34 6.28 -15.87
N THR B 215 -0.48 7.26 -15.60
CA THR B 215 0.93 6.99 -15.36
C THR B 215 1.11 6.29 -14.02
N PRO B 216 2.11 5.39 -13.91
CA PRO B 216 2.28 4.63 -12.66
C PRO B 216 2.55 5.48 -11.43
N ASN B 217 3.28 6.59 -11.59
CA ASN B 217 3.50 7.50 -10.46
C ASN B 217 2.20 8.12 -10.01
N GLU B 218 1.33 8.50 -10.96
CA GLU B 218 0.03 9.06 -10.61
C GLU B 218 -0.86 8.02 -9.93
N ILE B 219 -0.81 6.77 -10.39
CA ILE B 219 -1.60 5.71 -9.76
C ILE B 219 -1.11 5.45 -8.34
N ALA B 220 0.20 5.41 -8.14
CA ALA B 220 0.75 5.20 -6.80
C ALA B 220 0.42 6.36 -5.87
N LEU B 221 0.47 7.59 -6.39
CA LEU B 221 0.07 8.74 -5.59
C LEU B 221 -1.41 8.68 -5.23
N THR B 222 -2.26 8.25 -6.16
CA THR B 222 -3.69 8.10 -5.87
C THR B 222 -3.93 7.03 -4.81
N ILE B 223 -3.18 5.93 -4.88
CA ILE B 223 -3.30 4.87 -3.88
C ILE B 223 -2.87 5.37 -2.51
N LEU B 224 -1.79 6.16 -2.46
CA LEU B 224 -1.35 6.76 -1.20
C LEU B 224 -2.40 7.73 -0.65
N LEU B 225 -3.03 8.52 -1.53
CA LEU B 225 -4.12 9.40 -1.11
C LEU B 225 -5.29 8.62 -0.54
N ILE B 226 -5.66 7.50 -1.19
CA ILE B 226 -6.74 6.67 -0.68
C ILE B 226 -6.39 6.10 0.69
N ALA B 227 -5.15 5.64 0.86
CA ALA B 227 -4.72 5.07 2.13
C ALA B 227 -4.76 6.09 3.26
N LEU B 228 -4.18 7.27 3.02
CA LEU B 228 -4.18 8.31 4.06
C LEU B 228 -5.59 8.81 4.34
N THR B 229 -6.43 8.88 3.31
CA THR B 229 -7.81 9.33 3.50
C THR B 229 -8.60 8.30 4.31
N ILE B 230 -8.35 7.01 4.07
CA ILE B 230 -8.99 5.95 4.87
C ILE B 230 -8.56 6.08 6.33
N VAL B 231 -7.26 6.33 6.56
CA VAL B 231 -6.75 6.56 7.92
C VAL B 231 -7.47 7.72 8.60
N PHE B 232 -7.56 8.85 7.91
CA PHE B 232 -8.10 10.06 8.55
C PHE B 232 -9.62 9.98 8.72
N LEU B 233 -10.32 9.39 7.75
CA LEU B 233 -11.74 9.14 7.91
C LEU B 233 -12.01 8.18 9.05
N LEU B 234 -11.16 7.16 9.20
CA LEU B 234 -11.26 6.23 10.30
C LEU B 234 -11.14 6.94 11.64
N ALA B 235 -10.13 7.81 11.76
CA ALA B 235 -9.90 8.53 13.01
C ALA B 235 -11.06 9.46 13.34
N THR B 236 -11.49 10.26 12.35
CA THR B 236 -12.57 11.21 12.61
C THR B 236 -13.91 10.51 12.82
N ALA B 237 -14.11 9.33 12.24
CA ALA B 237 -15.35 8.60 12.44
C ALA B 237 -15.37 7.93 13.81
N THR B 238 -14.24 7.37 14.26
CA THR B 238 -14.22 6.74 15.57
C THR B 238 -14.07 7.76 16.69
N LEU B 239 -13.80 9.03 16.37
CA LEU B 239 -13.78 10.05 17.40
C LEU B 239 -15.17 10.29 18.00
N TRP B 240 -16.23 10.11 17.21
CA TRP B 240 -17.59 10.31 17.71
C TRP B 240 -18.00 9.33 18.82
N PRO B 241 -17.86 8.00 18.68
CA PRO B 241 -18.26 7.13 19.79
C PRO B 241 -17.26 7.12 20.93
N PHE B 242 -16.01 7.50 20.68
CA PHE B 242 -15.01 7.51 21.74
C PHE B 242 -15.20 8.70 22.68
N SER B 243 -15.89 9.74 22.23
CA SER B 243 -16.19 10.89 23.06
C SER B 243 -17.50 10.73 23.83
N ALA B 244 -18.23 9.63 23.62
CA ALA B 244 -19.47 9.40 24.35
C ALA B 244 -19.22 9.07 25.82
N TRP B 245 -18.02 8.63 26.17
CA TRP B 245 -17.67 8.38 27.56
C TRP B 245 -17.29 9.65 28.30
N GLY B 246 -17.06 10.76 27.61
CA GLY B 246 -16.71 12.01 28.24
C GLY B 246 -17.94 12.73 28.78
N GLY B 247 -17.67 13.85 29.45
CA GLY B 247 -18.76 14.68 29.95
C GLY B 247 -19.59 15.30 28.85
N ASN B 248 -18.93 15.82 27.82
CA ASN B 248 -19.59 16.34 26.64
C ASN B 248 -18.93 15.77 25.39
N ALA B 249 -19.74 15.42 24.41
CA ALA B 249 -19.25 14.76 23.21
C ALA B 249 -18.88 15.79 22.14
N VAL B 250 -18.16 15.30 21.12
CA VAL B 250 -17.73 16.17 20.03
C VAL B 250 -18.93 16.49 19.13
N SER B 251 -18.90 17.68 18.51
CA SER B 251 -20.00 18.12 17.67
C SER B 251 -19.84 17.59 16.25
N VAL B 252 -20.98 17.43 15.57
CA VAL B 252 -20.97 16.84 14.24
C VAL B 252 -20.34 17.78 13.22
N THR B 253 -20.55 19.09 13.36
CA THR B 253 -20.00 20.03 12.39
C THR B 253 -18.48 20.17 12.56
N VAL B 254 -17.99 20.12 13.80
CA VAL B 254 -16.55 20.20 13.99
C VAL B 254 -15.89 18.87 13.61
N LEU B 255 -16.63 17.76 13.74
CA LEU B 255 -16.12 16.48 13.24
C LEU B 255 -16.03 16.49 11.72
N VAL B 256 -17.01 17.10 11.04
CA VAL B 256 -16.95 17.24 9.58
C VAL B 256 -15.78 18.14 9.18
N ALA B 257 -15.54 19.20 9.96
CA ALA B 257 -14.39 20.07 9.69
C ALA B 257 -13.07 19.32 9.85
N LEU B 258 -12.97 18.46 10.88
CA LEU B 258 -11.78 17.62 11.03
C LEU B 258 -11.63 16.65 9.85
N LEU B 259 -12.76 16.07 9.40
CA LEU B 259 -12.71 15.13 8.28
C LEU B 259 -12.23 15.79 7.00
N VAL B 260 -12.67 17.03 6.75
CA VAL B 260 -12.24 17.73 5.55
C VAL B 260 -10.89 18.41 5.70
N CYS B 261 -10.38 18.54 6.94
CA CYS B 261 -9.08 19.17 7.13
C CYS B 261 -7.94 18.17 7.19
N LEU B 262 -8.17 16.97 7.73
CA LEU B 262 -7.06 16.05 7.95
C LEU B 262 -6.58 15.41 6.66
N ILE B 263 -7.48 15.17 5.71
CA ILE B 263 -7.18 14.35 4.53
C ILE B 263 -6.17 15.03 3.61
N PRO B 264 -5.29 14.27 2.93
CA PRO B 264 -4.20 14.88 2.16
C PRO B 264 -4.66 15.56 0.88
N THR B 265 -5.32 16.70 1.02
CA THR B 265 -5.71 17.49 -0.14
C THR B 265 -4.54 18.23 -0.76
N THR B 266 -3.45 18.42 0.00
CA THR B 266 -2.24 19.06 -0.55
C THR B 266 -1.66 18.24 -1.69
N ILE B 267 -1.56 16.93 -1.50
CA ILE B 267 -0.99 16.08 -2.54
C ILE B 267 -1.95 15.97 -3.72
N GLY B 268 -3.26 16.02 -3.46
CA GLY B 268 -4.23 16.04 -4.56
C GLY B 268 -4.12 17.30 -5.40
N GLY B 269 -3.89 18.44 -4.76
CA GLY B 269 -3.59 19.65 -5.50
C GLY B 269 -2.27 19.57 -6.24
N LEU B 270 -1.28 18.90 -5.63
CA LEU B 270 0.02 18.70 -6.27
C LEU B 270 -0.09 17.89 -7.54
N LEU B 271 -1.02 16.92 -7.55
CA LEU B 271 -1.22 16.01 -8.69
C LEU B 271 -1.51 16.78 -9.97
N SER B 272 -2.10 17.97 -9.87
CA SER B 272 -2.29 18.84 -11.02
C SER B 272 -1.36 20.05 -11.03
N ALA B 273 -0.80 20.45 -9.88
CA ALA B 273 0.17 21.53 -9.87
C ALA B 273 1.42 21.15 -10.66
N ILE B 274 1.80 19.87 -10.62
CA ILE B 274 2.90 19.39 -11.45
C ILE B 274 2.57 19.57 -12.93
N GLY B 275 1.35 19.25 -13.34
CA GLY B 275 0.97 19.43 -14.73
C GLY B 275 0.89 20.89 -15.16
N VAL B 276 0.40 21.76 -14.27
CA VAL B 276 0.34 23.19 -14.56
C VAL B 276 1.75 23.75 -14.74
N ALA B 277 2.67 23.38 -13.83
CA ALA B 277 4.06 23.79 -13.98
C ALA B 277 4.69 23.19 -15.22
N GLY B 278 4.26 21.99 -15.61
CA GLY B 278 4.77 21.39 -16.84
C GLY B 278 4.36 22.14 -18.08
N MET B 279 3.09 22.53 -18.16
CA MET B 279 2.64 23.34 -19.30
C MET B 279 3.28 24.72 -19.29
N SER B 280 3.57 25.26 -18.10
CA SER B 280 4.30 26.52 -18.02
C SER B 280 5.72 26.38 -18.54
N ARG B 281 6.42 25.30 -18.14
CA ARG B 281 7.82 25.14 -18.50
C ARG B 281 8.03 24.59 -19.90
N MET B 282 6.99 24.05 -20.53
CA MET B 282 7.14 23.53 -21.90
C MET B 282 7.35 24.64 -22.92
N LEU B 283 7.03 25.89 -22.58
CA LEU B 283 7.24 26.99 -23.50
C LEU B 283 8.72 27.34 -23.67
N GLY B 284 9.58 26.84 -22.78
CA GLY B 284 11.01 27.05 -22.95
C GLY B 284 11.57 26.35 -24.17
N ALA B 285 11.05 25.17 -24.49
CA ALA B 285 11.44 24.43 -25.68
C ALA B 285 10.54 24.73 -26.88
N ASN B 286 9.66 25.73 -26.76
CA ASN B 286 8.72 26.15 -27.79
C ASN B 286 7.83 25.00 -28.24
N VAL B 287 7.05 24.48 -27.29
CA VAL B 287 6.06 23.45 -27.55
C VAL B 287 4.78 23.82 -26.81
N ILE B 288 3.67 23.89 -27.54
CA ILE B 288 2.37 24.13 -26.94
C ILE B 288 1.89 22.81 -26.34
N ALA B 289 1.93 22.71 -25.01
CA ALA B 289 1.52 21.50 -24.31
C ALA B 289 0.09 21.66 -23.83
N THR B 290 -0.81 20.83 -24.34
CA THR B 290 -2.21 20.90 -23.95
C THR B 290 -2.52 20.13 -22.67
N SER B 291 -1.58 19.34 -22.17
CA SER B 291 -1.81 18.56 -20.96
C SER B 291 -0.49 18.26 -20.29
N GLY B 292 -0.42 18.45 -18.98
CA GLY B 292 0.81 18.29 -18.24
C GLY B 292 1.13 16.87 -17.82
N ARG B 293 0.17 15.95 -17.90
CA ARG B 293 0.45 14.57 -17.52
C ARG B 293 1.40 13.90 -18.50
N ALA B 294 1.31 14.24 -19.79
CA ALA B 294 2.27 13.74 -20.76
C ALA B 294 3.65 14.34 -20.53
N VAL B 295 3.69 15.61 -20.10
CA VAL B 295 4.95 16.26 -19.78
C VAL B 295 5.61 15.57 -18.59
N GLU B 296 4.81 15.20 -17.59
CA GLU B 296 5.33 14.43 -16.46
C GLU B 296 5.80 13.04 -16.89
N ALA B 297 5.02 12.37 -17.73
CA ALA B 297 5.33 11.01 -18.15
C ALA B 297 6.45 10.93 -19.18
N ALA B 298 6.88 12.08 -19.73
CA ALA B 298 7.97 12.09 -20.69
C ALA B 298 9.29 11.58 -20.13
N GLY B 299 9.47 11.62 -18.82
CA GLY B 299 10.67 11.10 -18.21
C GLY B 299 10.73 9.60 -18.05
N ASP B 300 9.66 8.89 -18.42
CA ASP B 300 9.59 7.45 -18.27
C ASP B 300 9.21 6.79 -19.60
N VAL B 301 9.65 7.38 -20.72
CA VAL B 301 9.36 6.83 -22.03
C VAL B 301 10.48 5.90 -22.44
N ASP B 302 10.18 4.98 -23.35
CA ASP B 302 11.16 4.02 -23.83
C ASP B 302 11.19 3.84 -25.34
N VAL B 303 10.13 4.20 -26.06
CA VAL B 303 10.09 4.06 -27.51
C VAL B 303 9.56 5.34 -28.13
N LEU B 304 9.84 5.51 -29.42
CA LEU B 304 9.42 6.68 -30.18
C LEU B 304 8.95 6.20 -31.54
N LEU B 305 7.64 6.26 -31.79
CA LEU B 305 7.11 5.98 -33.11
C LEU B 305 7.16 7.25 -33.95
N LEU B 306 7.46 7.09 -35.24
CA LEU B 306 7.68 8.23 -36.12
C LEU B 306 7.12 7.99 -37.52
N PHD B 307 6.64 9.11 -38.09
CA PHD B 307 6.06 9.09 -39.45
C PHD B 307 7.03 9.71 -40.44
O PHD B 307 7.61 10.74 -40.12
CB PHD B 307 4.72 9.80 -39.44
CG PHD B 307 4.47 10.66 -40.63
OD1 PHD B 307 4.31 9.96 -41.75
OD2 PHD B 307 4.43 11.85 -40.57
P PHD B 307 2.95 9.89 -42.55
OP1 PHD B 307 3.31 9.59 -43.97
OP2 PHD B 307 2.23 11.21 -42.42
OP3 PHD B 307 2.16 8.77 -41.94
N LYS B 308 7.19 9.12 -41.64
CA LYS B 308 8.17 9.61 -42.59
C LYS B 308 7.79 10.96 -43.19
N THR B 309 6.70 10.97 -43.95
CA THR B 309 6.32 12.16 -44.72
C THR B 309 5.76 13.24 -43.78
N GLY B 310 6.55 14.28 -43.55
CA GLY B 310 6.11 15.39 -42.74
C GLY B 310 6.94 15.61 -41.49
N THR B 311 7.29 14.51 -40.81
CA THR B 311 8.08 14.59 -39.59
C THR B 311 9.56 14.40 -39.88
N ILE B 312 9.93 13.30 -40.53
CA ILE B 312 11.31 13.09 -40.96
C ILE B 312 11.56 13.73 -42.31
N THR B 313 10.60 13.62 -43.23
CA THR B 313 10.67 14.36 -44.48
C THR B 313 10.34 15.84 -44.23
N LEU B 314 10.88 16.72 -45.07
CA LEU B 314 10.52 18.13 -45.03
C LEU B 314 9.08 18.39 -45.44
N GLY B 315 8.37 17.40 -45.97
CA GLY B 315 7.06 17.65 -46.55
C GLY B 315 6.99 17.19 -47.98
N ASN B 316 6.97 18.15 -48.90
CA ASN B 316 6.95 17.85 -50.32
C ASN B 316 8.19 17.07 -50.75
N ARG B 317 8.03 16.26 -51.79
CA ARG B 317 9.13 15.45 -52.30
C ARG B 317 10.03 16.30 -53.17
N GLN B 318 11.35 16.19 -52.95
CA GLN B 318 12.33 16.98 -53.69
C GLN B 318 12.89 16.17 -54.85
N ALA B 319 13.60 16.88 -55.73
CA ALA B 319 14.24 16.28 -56.89
C ALA B 319 15.70 16.00 -56.58
N SER B 320 16.15 14.78 -56.87
CA SER B 320 17.53 14.39 -56.58
C SER B 320 18.45 14.66 -57.77
N GLU B 321 18.16 14.02 -58.92
CA GLU B 321 19.07 14.13 -60.05
C GLU B 321 18.31 13.76 -61.33
N PHE B 322 18.70 14.39 -62.44
CA PHE B 322 18.25 13.99 -63.75
C PHE B 322 19.12 12.83 -64.24
N ILE B 323 18.51 11.68 -64.50
CA ILE B 323 19.21 10.50 -64.98
C ILE B 323 18.87 10.34 -66.47
N PRO B 324 19.82 10.58 -67.37
CA PRO B 324 19.57 10.37 -68.80
C PRO B 324 20.01 8.98 -69.24
N ALA B 325 19.71 8.68 -70.50
CA ALA B 325 20.21 7.47 -71.13
C ALA B 325 21.56 7.74 -71.77
N GLN B 326 22.11 6.73 -72.45
CA GLN B 326 23.40 6.90 -73.10
C GLN B 326 23.30 7.74 -74.36
N GLY B 327 22.14 7.74 -75.01
CA GLY B 327 21.97 8.49 -76.25
C GLY B 327 21.66 9.95 -76.09
N VAL B 328 21.48 10.44 -74.87
CA VAL B 328 21.14 11.83 -74.61
C VAL B 328 22.12 12.38 -73.57
N ASP B 329 21.92 13.65 -73.20
CA ASP B 329 22.85 14.33 -72.32
C ASP B 329 22.09 15.12 -71.25
N GLU B 330 22.87 15.62 -70.29
CA GLU B 330 22.31 16.29 -69.12
C GLU B 330 21.54 17.54 -69.51
N LYS B 331 22.12 18.36 -70.41
CA LYS B 331 21.40 19.50 -70.95
C LYS B 331 20.17 19.07 -71.73
N THR B 332 20.29 17.97 -72.49
CA THR B 332 19.23 17.52 -73.38
C THR B 332 18.02 16.99 -72.64
N LEU B 333 18.14 16.58 -71.37
CA LEU B 333 16.91 16.36 -70.64
C LEU B 333 16.61 17.47 -69.64
N ALA B 334 17.60 18.29 -69.28
CA ALA B 334 17.35 19.39 -68.34
C ALA B 334 16.48 20.46 -68.97
N ASP B 335 16.70 20.76 -70.26
CA ASP B 335 15.85 21.73 -70.94
C ASP B 335 14.41 21.22 -71.03
N ALA B 336 14.24 19.93 -71.31
CA ALA B 336 12.90 19.35 -71.38
C ALA B 336 12.21 19.35 -70.01
N ALA B 337 12.97 19.07 -68.95
CA ALA B 337 12.40 19.11 -67.61
C ALA B 337 12.02 20.53 -67.21
N GLN B 338 12.85 21.51 -67.58
CA GLN B 338 12.52 22.91 -67.29
C GLN B 338 11.28 23.35 -68.05
N LEU B 339 11.13 22.91 -69.30
CA LEU B 339 9.89 23.18 -70.04
C LEU B 339 8.70 22.49 -69.39
N ALA B 340 8.89 21.25 -68.90
CA ALA B 340 7.81 20.51 -68.27
C ALA B 340 7.39 21.13 -66.94
N SER B 341 8.28 21.86 -66.28
CA SER B 341 7.97 22.51 -65.02
C SER B 341 7.91 24.03 -65.14
N LEU B 342 7.48 24.54 -66.29
CA LEU B 342 7.30 25.98 -66.43
C LEU B 342 5.98 26.43 -65.78
N ALA B 343 4.86 25.96 -66.31
CA ALA B 343 3.55 26.27 -65.73
C ALA B 343 3.12 25.19 -64.74
N ASP B 344 3.99 24.87 -63.79
CA ASP B 344 3.75 23.83 -62.80
C ASP B 344 3.63 24.48 -61.43
N GLU B 345 2.43 24.42 -60.86
CA GLU B 345 2.20 24.94 -59.52
C GLU B 345 2.72 24.01 -58.43
N THR B 346 3.13 22.80 -58.78
CA THR B 346 3.57 21.83 -57.79
C THR B 346 4.90 22.25 -57.18
N PRO B 347 5.07 22.07 -55.86
CA PRO B 347 6.40 22.28 -55.26
C PRO B 347 7.47 21.38 -55.84
N GLU B 348 7.09 20.19 -56.33
CA GLU B 348 8.02 19.38 -57.10
C GLU B 348 8.47 20.11 -58.36
N GLY B 349 7.54 20.79 -59.04
CA GLY B 349 7.92 21.58 -60.20
C GLY B 349 8.82 22.75 -59.85
N ARG B 350 8.57 23.37 -58.70
CA ARG B 350 9.48 24.42 -58.23
C ARG B 350 10.86 23.85 -57.93
N SER B 351 10.91 22.63 -57.40
CA SER B 351 12.20 21.96 -57.19
C SER B 351 12.90 21.66 -58.51
N ILE B 352 12.13 21.32 -59.55
CA ILE B 352 12.71 21.14 -60.88
C ILE B 352 13.32 22.44 -61.38
N VAL B 353 12.61 23.56 -61.19
CA VAL B 353 13.15 24.87 -61.59
C VAL B 353 14.43 25.19 -60.82
N ILE B 354 14.43 24.91 -59.51
CA ILE B 354 15.60 25.16 -58.68
C ILE B 354 16.79 24.32 -59.15
N LEU B 355 16.56 23.05 -59.45
CA LEU B 355 17.66 22.20 -59.94
C LEU B 355 18.11 22.62 -61.34
N ALA B 356 17.19 23.16 -62.15
CA ALA B 356 17.56 23.68 -63.47
C ALA B 356 18.51 24.87 -63.34
N LYS B 357 18.22 25.79 -62.42
CA LYS B 357 19.18 26.87 -62.17
C LYS B 357 20.43 26.38 -61.46
N GLN B 358 20.32 25.27 -60.70
CA GLN B 358 21.49 24.66 -60.06
C GLN B 358 22.44 24.04 -61.07
N ARG B 359 21.95 23.61 -62.22
CA ARG B 359 22.83 22.99 -63.20
C ARG B 359 23.20 23.92 -64.35
N PHE B 360 22.22 24.51 -65.03
CA PHE B 360 22.48 25.20 -66.29
C PHE B 360 22.36 26.72 -66.20
N ASN B 361 21.72 27.26 -65.16
CA ASN B 361 21.36 28.67 -65.06
C ASN B 361 20.57 29.12 -66.28
N LEU B 362 19.58 28.31 -66.64
CA LEU B 362 18.84 28.49 -67.88
C LEU B 362 17.89 29.68 -67.77
N ARG B 363 17.81 30.47 -68.84
CA ARG B 363 17.02 31.70 -68.85
C ARG B 363 16.08 31.77 -70.05
N GLU B 364 15.45 32.94 -70.23
CA GLU B 364 14.63 33.39 -71.36
C GLU B 364 13.46 32.47 -71.69
N ARG B 365 13.13 31.51 -70.83
CA ARG B 365 11.96 30.65 -71.03
C ARG B 365 10.84 31.18 -70.16
N ASP B 366 10.21 32.25 -70.62
CA ASP B 366 9.15 32.89 -69.86
C ASP B 366 7.88 32.05 -69.90
N VAL B 367 7.07 32.19 -68.85
CA VAL B 367 5.88 31.36 -68.70
C VAL B 367 4.79 31.73 -69.70
N GLN B 368 4.73 32.99 -70.12
CA GLN B 368 3.70 33.43 -71.05
C GLN B 368 4.23 33.96 -72.38
N SER B 369 5.47 34.45 -72.43
CA SER B 369 6.05 34.87 -73.70
C SER B 369 6.24 33.69 -74.63
N LEU B 370 6.74 32.57 -74.12
CA LEU B 370 6.74 31.32 -74.86
C LEU B 370 5.33 30.76 -74.87
N HIS B 371 4.87 30.31 -76.04
CA HIS B 371 3.49 29.85 -76.20
C HIS B 371 3.36 28.47 -75.55
N ALA B 372 3.20 28.48 -74.23
CA ALA B 372 3.20 27.26 -73.44
C ALA B 372 1.77 26.72 -73.39
N THR B 373 1.49 25.74 -74.25
CA THR B 373 0.19 25.07 -74.23
C THR B 373 0.24 24.02 -73.13
N PHE B 374 -0.38 24.32 -72.00
CA PHE B 374 -0.32 23.45 -70.83
C PHE B 374 -1.30 22.29 -70.99
N VAL B 375 -0.80 21.07 -70.92
CA VAL B 375 -1.64 19.88 -70.82
C VAL B 375 -1.52 19.34 -69.39
N PRO B 376 -2.62 19.24 -68.66
CA PRO B 376 -2.57 18.81 -67.27
C PRO B 376 -2.42 17.29 -67.17
N PHE B 377 -2.43 16.80 -65.93
CA PHE B 377 -2.31 15.37 -65.68
C PHE B 377 -3.60 14.70 -66.14
N THR B 378 -3.51 14.00 -67.28
CA THR B 378 -4.69 13.42 -67.91
C THR B 378 -5.23 12.26 -67.09
N ALA B 379 -6.55 12.09 -67.13
CA ALA B 379 -7.19 10.98 -66.41
C ALA B 379 -6.95 9.65 -67.11
N GLN B 380 -7.07 9.63 -68.45
CA GLN B 380 -6.99 8.39 -69.20
C GLN B 380 -5.59 8.10 -69.75
N SER B 381 -4.68 9.09 -69.72
CA SER B 381 -3.33 8.88 -70.23
C SER B 381 -2.23 9.13 -69.21
N ARG B 382 -2.53 9.84 -68.11
CA ARG B 382 -1.60 10.09 -67.01
C ARG B 382 -0.32 10.79 -67.47
N MET B 383 -0.44 11.68 -68.45
CA MET B 383 0.69 12.41 -69.01
C MET B 383 0.43 13.90 -68.84
N SER B 384 1.50 14.67 -68.60
CA SER B 384 1.32 16.09 -68.40
C SER B 384 2.55 16.86 -68.89
N GLY B 385 2.35 18.13 -69.21
CA GLY B 385 3.50 18.93 -69.60
C GLY B 385 3.10 20.17 -70.39
N ILE B 386 4.03 20.60 -71.25
CA ILE B 386 3.94 21.85 -71.98
C ILE B 386 4.24 21.58 -73.44
N ASN B 387 3.40 22.10 -74.34
CA ASN B 387 3.59 21.97 -75.76
C ASN B 387 3.94 23.33 -76.37
N ILE B 388 5.00 23.35 -77.18
CA ILE B 388 5.38 24.53 -77.96
C ILE B 388 5.13 24.15 -79.42
N ASP B 389 5.36 25.09 -80.35
CA ASP B 389 4.96 24.88 -81.74
C ASP B 389 5.72 23.75 -82.42
N ASN B 390 6.97 23.50 -82.03
CA ASN B 390 7.78 22.49 -82.69
C ASN B 390 8.29 21.41 -81.75
N ARG B 391 7.78 21.34 -80.52
CA ARG B 391 8.27 20.37 -79.55
C ARG B 391 7.17 20.08 -78.54
N MET B 392 6.88 18.80 -78.34
CA MET B 392 5.77 18.33 -77.52
C MET B 392 6.30 17.77 -76.19
N ILE B 393 6.37 18.64 -75.19
CA ILE B 393 6.93 18.30 -73.89
C ILE B 393 5.86 17.59 -73.06
N ARG B 394 6.05 16.29 -72.82
CA ARG B 394 5.20 15.56 -71.88
C ARG B 394 6.07 14.65 -71.01
N LYS B 395 5.51 14.30 -69.85
CA LYS B 395 6.19 13.51 -68.84
C LYS B 395 5.16 12.75 -68.05
N GLY B 396 5.61 11.69 -67.40
CA GLY B 396 4.72 10.87 -66.58
C GLY B 396 5.42 9.68 -65.98
N SER B 397 4.64 8.84 -65.32
CA SER B 397 5.12 7.61 -64.72
C SER B 397 5.34 6.55 -65.80
N VAL B 398 6.02 5.46 -65.40
CA VAL B 398 6.54 4.50 -66.36
C VAL B 398 5.43 3.72 -67.06
N ASP B 399 4.32 3.43 -66.37
CA ASP B 399 3.22 2.74 -67.04
C ASP B 399 2.57 3.61 -68.11
N ALA B 400 2.40 4.90 -67.82
CA ALA B 400 1.90 5.83 -68.83
C ALA B 400 2.90 6.01 -69.96
N ILE B 401 4.20 5.96 -69.63
CA ILE B 401 5.24 6.02 -70.65
C ILE B 401 5.12 4.84 -71.60
N ARG B 402 4.92 3.64 -71.04
CA ARG B 402 4.79 2.44 -71.86
C ARG B 402 3.51 2.45 -72.68
N ARG B 403 2.43 3.00 -72.12
CA ARG B 403 1.20 3.16 -72.89
C ARG B 403 1.39 4.12 -74.06
N HIS B 404 2.11 5.23 -73.84
CA HIS B 404 2.40 6.17 -74.90
C HIS B 404 3.30 5.55 -75.97
N VAL B 405 4.27 4.72 -75.55
CA VAL B 405 5.13 4.01 -76.48
C VAL B 405 4.31 3.04 -77.32
N GLU B 406 3.38 2.32 -76.69
CA GLU B 406 2.50 1.41 -77.42
C GLU B 406 1.61 2.16 -78.40
N ALA B 407 1.12 3.34 -78.01
CA ALA B 407 0.30 4.14 -78.90
C ALA B 407 1.10 4.64 -80.11
N ASN B 408 2.36 5.01 -79.88
CA ASN B 408 3.19 5.48 -80.99
C ASN B 408 3.59 4.33 -81.92
N GLY B 409 3.97 3.19 -81.34
CA GLY B 409 4.42 2.06 -82.11
C GLY B 409 5.93 1.86 -82.15
N GLY B 410 6.69 2.68 -81.42
CA GLY B 410 8.13 2.56 -81.45
C GLY B 410 8.68 1.49 -80.52
N HIS B 411 9.98 1.27 -80.62
CA HIS B 411 10.68 0.30 -79.79
C HIS B 411 10.83 0.83 -78.37
N PHE B 412 10.73 -0.08 -77.40
CA PHE B 412 10.73 0.42 -76.02
C PHE B 412 12.15 0.50 -75.46
N PRO B 413 12.44 1.56 -74.69
CA PRO B 413 13.78 1.70 -74.08
C PRO B 413 13.95 0.94 -72.78
N THR B 414 14.31 -0.35 -72.87
CA THR B 414 14.50 -1.16 -71.66
C THR B 414 15.67 -0.71 -70.81
N ASP B 415 16.64 0.00 -71.39
CA ASP B 415 17.72 0.59 -70.58
C ASP B 415 17.17 1.66 -69.64
N VAL B 416 16.24 2.47 -70.14
CA VAL B 416 15.55 3.43 -69.29
C VAL B 416 14.75 2.70 -68.22
N ASP B 417 14.17 1.54 -68.57
CA ASP B 417 13.39 0.76 -67.60
C ASP B 417 14.27 0.23 -66.47
N GLN B 418 15.46 -0.29 -66.79
CA GLN B 418 16.32 -0.76 -65.71
C GLN B 418 16.91 0.40 -64.92
N LYS B 419 17.13 1.55 -65.55
CA LYS B 419 17.55 2.72 -64.80
C LYS B 419 16.48 3.15 -63.79
N VAL B 420 15.22 3.19 -64.24
CA VAL B 420 14.17 3.69 -63.35
C VAL B 420 13.82 2.67 -62.27
N ASP B 421 13.90 1.36 -62.56
CA ASP B 421 13.64 0.45 -61.44
C ASP B 421 14.83 0.33 -60.50
N GLN B 422 16.04 0.60 -60.98
CA GLN B 422 17.19 0.73 -60.08
C GLN B 422 17.02 1.90 -59.13
N VAL B 423 16.61 3.07 -59.66
CA VAL B 423 16.42 4.21 -58.77
C VAL B 423 15.15 4.06 -57.92
N ALA B 424 14.18 3.25 -58.37
CA ALA B 424 13.03 2.96 -57.53
C ALA B 424 13.41 2.06 -56.35
N ARG B 425 14.27 1.07 -56.60
CA ARG B 425 14.82 0.27 -55.51
C ARG B 425 15.71 1.11 -54.61
N GLN B 426 16.37 2.12 -55.17
CA GLN B 426 17.09 3.10 -54.34
C GLN B 426 16.12 3.88 -53.45
N GLY B 427 14.93 4.20 -53.97
CA GLY B 427 13.92 4.87 -53.17
C GLY B 427 13.40 6.15 -53.75
N ALA B 428 13.45 6.29 -55.07
CA ALA B 428 12.98 7.47 -55.76
C ALA B 428 11.77 7.15 -56.62
N THR B 429 10.88 8.13 -56.76
CA THR B 429 9.71 7.98 -57.63
C THR B 429 10.05 8.53 -59.02
N PRO B 430 9.99 7.72 -60.07
CA PRO B 430 10.44 8.18 -61.39
C PRO B 430 9.46 9.13 -62.05
N LEU B 431 10.00 9.96 -62.94
CA LEU B 431 9.21 10.88 -63.77
C LEU B 431 9.94 10.99 -65.11
N VAL B 432 9.47 10.22 -66.09
CA VAL B 432 10.16 10.08 -67.39
C VAL B 432 9.58 11.09 -68.36
N VAL B 433 10.47 11.73 -69.15
CA VAL B 433 10.06 12.70 -70.17
C VAL B 433 10.14 12.06 -71.56
N VAL B 434 9.34 12.57 -72.50
CA VAL B 434 9.11 11.86 -73.77
C VAL B 434 9.82 12.45 -74.97
N GLU B 435 10.41 13.65 -74.88
CA GLU B 435 10.92 14.27 -76.09
C GLU B 435 12.21 13.61 -76.55
N GLY B 436 12.67 14.03 -77.73
CA GLY B 436 13.89 13.48 -78.32
C GLY B 436 13.80 11.99 -78.59
N SER B 437 12.69 11.57 -79.20
CA SER B 437 12.27 10.17 -79.32
C SER B 437 12.13 9.52 -77.94
N ARG B 438 12.22 8.20 -77.87
CA ARG B 438 11.95 7.49 -76.63
C ARG B 438 13.17 7.37 -75.73
N VAL B 439 14.29 7.99 -76.10
CA VAL B 439 15.56 7.75 -75.42
C VAL B 439 15.90 8.88 -74.45
N LEU B 440 14.92 9.66 -74.01
CA LEU B 440 15.19 10.69 -73.02
C LEU B 440 14.92 10.16 -71.61
N GLY B 441 15.41 10.89 -70.62
CA GLY B 441 15.60 10.36 -69.29
C GLY B 441 14.47 10.60 -68.31
N VAL B 442 14.85 10.62 -67.04
CA VAL B 442 13.94 10.52 -65.91
C VAL B 442 14.43 11.47 -64.82
N ILE B 443 13.49 12.04 -64.06
CA ILE B 443 13.81 12.82 -62.88
C ILE B 443 13.67 11.92 -61.66
N ALA B 444 14.71 11.87 -60.83
CA ALA B 444 14.69 11.05 -59.62
C ALA B 444 14.08 11.88 -58.50
N LEU B 445 12.78 11.71 -58.26
CA LEU B 445 12.10 12.37 -57.16
C LEU B 445 12.15 11.45 -55.97
N LYS B 446 13.03 11.76 -55.01
CA LYS B 446 13.25 10.94 -53.85
C LYS B 446 12.94 11.72 -52.58
N ASP B 447 12.72 10.97 -51.50
CA ASP B 447 12.49 11.58 -50.20
C ASP B 447 13.77 12.24 -49.69
N ILE B 448 13.60 13.28 -48.89
CA ILE B 448 14.70 14.11 -48.41
C ILE B 448 14.70 14.14 -46.88
N VAL B 449 15.89 14.10 -46.31
CA VAL B 449 16.09 14.05 -44.86
C VAL B 449 16.33 15.47 -44.36
N LYS B 450 15.87 15.75 -43.14
CA LYS B 450 15.96 17.08 -42.55
C LYS B 450 17.34 17.34 -41.96
N GLY B 451 17.47 18.42 -41.19
CA GLY B 451 18.76 18.94 -40.80
C GLY B 451 19.51 18.18 -39.73
N GLY B 452 20.17 17.08 -40.13
CA GLY B 452 21.07 16.36 -39.26
C GLY B 452 20.42 15.66 -38.09
N ILE B 453 19.30 14.96 -38.35
CA ILE B 453 18.62 14.21 -37.29
C ILE B 453 19.31 12.91 -36.94
N LYS B 454 20.33 12.50 -37.71
CA LYS B 454 21.01 11.23 -37.42
C LYS B 454 21.79 11.29 -36.11
N GLU B 455 22.44 12.42 -35.83
CA GLU B 455 23.16 12.56 -34.57
C GLU B 455 22.20 12.58 -33.38
N ARG B 456 21.05 13.22 -33.54
CA ARG B 456 20.04 13.22 -32.49
C ARG B 456 19.45 11.83 -32.29
N PHE B 457 19.30 11.06 -33.36
CA PHE B 457 18.81 9.68 -33.23
C PHE B 457 19.84 8.79 -32.56
N ALA B 458 21.13 9.03 -32.83
CA ALA B 458 22.18 8.33 -32.10
C ALA B 458 22.17 8.71 -30.62
N GLN B 459 21.88 9.98 -30.32
CA GLN B 459 21.73 10.39 -28.93
C GLN B 459 20.54 9.71 -28.27
N LEU B 460 19.45 9.53 -29.02
CA LEU B 460 18.31 8.77 -28.52
C LEU B 460 18.69 7.32 -28.25
N ARG B 461 19.50 6.72 -29.14
CA ARG B 461 19.98 5.36 -28.94
C ARG B 461 20.84 5.26 -27.68
N LYS B 462 21.70 6.26 -27.46
CA LYS B 462 22.51 6.29 -26.24
C LYS B 462 21.65 6.45 -24.99
N MET B 463 20.62 7.30 -25.07
CA MET B 463 19.75 7.52 -23.93
C MET B 463 18.93 6.27 -23.60
N GLY B 464 18.50 5.54 -24.62
CA GLY B 464 17.72 4.33 -24.43
C GLY B 464 16.38 4.31 -25.13
N ILE B 465 16.04 5.33 -25.91
CA ILE B 465 14.77 5.36 -26.62
C ILE B 465 14.91 4.59 -27.93
N LYS B 466 14.01 3.63 -28.15
CA LYS B 466 14.00 2.83 -29.37
C LYS B 466 13.14 3.55 -30.40
N THR B 467 13.76 4.00 -31.49
CA THR B 467 13.05 4.74 -32.54
C THR B 467 12.58 3.77 -33.61
N VAL B 468 11.27 3.70 -33.81
CA VAL B 468 10.66 2.84 -34.81
C VAL B 468 9.86 3.74 -35.75
N MET B 469 10.17 3.66 -37.04
CA MET B 469 9.55 4.54 -38.04
C MET B 469 8.42 3.78 -38.72
N ILE B 470 7.21 4.32 -38.62
CA ILE B 470 6.02 3.72 -39.21
C ILE B 470 5.25 4.81 -39.93
N THR B 471 5.04 4.64 -41.23
CA THR B 471 4.45 5.69 -42.05
C THR B 471 3.33 5.24 -42.99
N GLY B 472 3.27 3.96 -43.36
CA GLY B 472 2.28 3.52 -44.33
C GLY B 472 2.63 3.82 -45.77
N ASP B 473 3.81 4.37 -46.04
CA ASP B 473 4.23 4.73 -47.39
C ASP B 473 4.93 3.51 -47.99
N ASN B 474 5.62 3.70 -49.13
CA ASN B 474 6.29 2.59 -49.81
C ASN B 474 7.43 2.03 -48.97
N ARG B 475 7.54 0.69 -48.97
CA ARG B 475 8.49 0.02 -48.09
C ARG B 475 9.93 0.31 -48.47
N LEU B 476 10.22 0.41 -49.77
CA LEU B 476 11.59 0.62 -50.23
C LEU B 476 12.12 1.98 -49.80
N THR B 477 11.35 3.05 -50.06
CA THR B 477 11.80 4.37 -49.65
C THR B 477 11.70 4.54 -48.13
N ALA B 478 10.80 3.82 -47.48
CA ALA B 478 10.75 3.84 -46.02
C ALA B 478 12.02 3.24 -45.41
N ALA B 479 12.47 2.10 -45.96
CA ALA B 479 13.71 1.50 -45.50
C ALA B 479 14.91 2.40 -45.82
N ALA B 480 14.89 3.05 -46.98
CA ALA B 480 15.98 3.97 -47.33
C ALA B 480 16.05 5.14 -46.36
N ILE B 481 14.90 5.72 -46.01
CA ILE B 481 14.88 6.83 -45.06
C ILE B 481 15.30 6.38 -43.67
N ALA B 482 14.87 5.18 -43.26
CA ALA B 482 15.30 4.64 -41.97
C ALA B 482 16.81 4.44 -41.93
N ALA B 483 17.40 3.90 -43.00
CA ALA B 483 18.84 3.71 -43.06
C ALA B 483 19.58 5.05 -43.07
N GLU B 484 19.05 6.04 -43.79
CA GLU B 484 19.72 7.34 -43.86
C GLU B 484 19.62 8.10 -42.54
N ALA B 485 18.53 7.91 -41.79
CA ALA B 485 18.34 8.61 -40.52
C ALA B 485 18.85 7.80 -39.33
N GLY B 486 19.33 6.58 -39.54
CA GLY B 486 19.82 5.80 -38.42
C GLY B 486 18.72 5.21 -37.56
N VAL B 487 17.52 5.05 -38.12
CA VAL B 487 16.40 4.51 -37.37
C VAL B 487 16.62 3.02 -37.12
N ASP B 488 16.08 2.52 -36.00
CA ASP B 488 16.07 1.09 -35.71
C ASP B 488 15.00 0.39 -36.54
N ASP B 489 14.65 -0.84 -36.15
CA ASP B 489 13.68 -1.63 -36.91
C ASP B 489 12.35 -0.91 -37.08
N PHE B 490 11.74 -1.08 -38.26
CA PHE B 490 10.68 -0.21 -38.71
C PHE B 490 9.55 -1.01 -39.32
N LEU B 491 8.43 -0.33 -39.55
CA LEU B 491 7.26 -0.90 -40.21
C LEU B 491 6.84 0.02 -41.35
N ALA B 492 6.30 -0.59 -42.41
CA ALA B 492 5.86 0.16 -43.57
C ALA B 492 4.58 -0.46 -44.11
N GLU B 493 3.86 0.33 -44.92
CA GLU B 493 2.55 -0.03 -45.48
C GLU B 493 1.57 -0.43 -44.38
N ALA B 494 1.40 0.46 -43.41
CA ALA B 494 0.58 0.21 -42.24
C ALA B 494 -0.64 1.12 -42.25
N THR B 495 -1.79 0.55 -41.93
CA THR B 495 -3.02 1.29 -41.80
C THR B 495 -3.00 2.12 -40.52
N PRO B 496 -3.89 3.13 -40.40
CA PRO B 496 -4.06 3.78 -39.09
C PRO B 496 -4.50 2.81 -38.00
N GLU B 497 -5.28 1.79 -38.36
CA GLU B 497 -5.59 0.73 -37.41
C GLU B 497 -4.33 -0.07 -37.04
N ALA B 498 -3.40 -0.24 -37.99
CA ALA B 498 -2.14 -0.90 -37.66
C ALA B 498 -1.29 -0.04 -36.72
N LYS B 499 -1.30 1.28 -36.92
CA LYS B 499 -0.62 2.17 -35.99
C LYS B 499 -1.25 2.11 -34.61
N LEU B 500 -2.59 2.04 -34.55
CA LEU B 500 -3.28 1.84 -33.28
C LEU B 500 -2.87 0.53 -32.62
N ALA B 501 -2.79 -0.54 -33.40
CA ALA B 501 -2.41 -1.84 -32.85
C ALA B 501 -0.98 -1.82 -32.33
N LEU B 502 -0.09 -1.12 -33.02
CA LEU B 502 1.29 -0.99 -32.54
C LEU B 502 1.35 -0.19 -31.23
N ILE B 503 0.54 0.88 -31.13
CA ILE B 503 0.47 1.65 -29.89
C ILE B 503 -0.05 0.79 -28.74
N ARG B 504 -1.11 0.01 -29.00
CA ARG B 504 -1.65 -0.89 -27.97
C ARG B 504 -0.66 -1.97 -27.58
N GLN B 505 0.12 -2.47 -28.55
CA GLN B 505 1.14 -3.47 -28.23
C GLN B 505 2.23 -2.88 -27.35
N TYR B 506 2.71 -1.67 -27.68
CA TYR B 506 3.74 -1.05 -26.87
C TYR B 506 3.21 -0.64 -25.50
N GLN B 507 1.92 -0.36 -25.39
CA GLN B 507 1.33 -0.06 -24.08
C GLN B 507 1.16 -1.32 -23.25
N ALA B 508 0.79 -2.44 -23.90
CA ALA B 508 0.62 -3.70 -23.20
C ALA B 508 1.96 -4.30 -22.79
N GLU B 509 3.05 -3.97 -23.49
CA GLU B 509 4.36 -4.42 -23.06
C GLU B 509 4.79 -3.76 -21.75
N GLY B 510 4.21 -2.62 -21.39
CA GLY B 510 4.46 -1.95 -20.13
C GLY B 510 5.12 -0.59 -20.29
N ARG B 511 5.97 -0.43 -21.30
CA ARG B 511 6.71 0.81 -21.48
C ARG B 511 5.79 1.91 -22.03
N LEU B 512 6.12 3.15 -21.68
CA LEU B 512 5.42 4.29 -22.25
C LEU B 512 5.86 4.52 -23.68
N VAL B 513 4.92 4.96 -24.52
CA VAL B 513 5.16 5.11 -25.96
C VAL B 513 4.91 6.57 -26.35
N ALA B 514 5.80 7.11 -27.17
CA ALA B 514 5.70 8.46 -27.69
C ALA B 514 5.55 8.40 -29.20
N MET B 515 4.58 9.13 -29.73
CA MET B 515 4.31 9.15 -31.16
C MET B 515 4.34 10.59 -31.66
N THR B 516 5.04 10.82 -32.77
CA THR B 516 5.13 12.14 -33.37
C THR B 516 4.74 12.04 -34.84
N GLY B 517 3.88 12.94 -35.28
CA GLY B 517 3.41 12.92 -36.66
C GLY B 517 2.80 14.24 -37.05
N ASP B 518 2.36 14.32 -38.30
CA ASP B 518 1.86 15.56 -38.85
C ASP B 518 0.52 15.41 -39.58
N GLY B 519 0.24 14.21 -40.07
CA GLY B 519 -0.89 14.00 -40.96
C GLY B 519 -2.16 13.59 -40.23
N THR B 520 -3.22 13.46 -41.04
CA THR B 520 -4.49 12.94 -40.54
C THR B 520 -4.41 11.43 -40.33
N ASN B 521 -3.47 10.76 -41.00
CA ASN B 521 -3.34 9.31 -40.96
C ASN B 521 -3.11 8.79 -39.54
N ASP B 522 -2.17 9.39 -38.83
CA ASP B 522 -1.77 8.93 -37.51
C ASP B 522 -2.45 9.71 -36.39
N ALA B 523 -3.63 10.26 -36.66
CA ALA B 523 -4.44 10.84 -35.59
C ALA B 523 -4.88 9.82 -34.54
N PRO B 524 -5.32 8.59 -34.87
CA PRO B 524 -5.50 7.59 -33.80
C PRO B 524 -4.23 7.25 -33.05
N ALA B 525 -3.08 7.24 -33.74
CA ALA B 525 -1.82 6.98 -33.05
C ALA B 525 -1.50 8.08 -32.05
N LEU B 526 -1.74 9.34 -32.42
CA LEU B 526 -1.54 10.44 -31.48
C LEU B 526 -2.58 10.42 -30.36
N ALA B 527 -3.79 9.97 -30.66
CA ALA B 527 -4.83 9.91 -29.63
C ALA B 527 -4.53 8.83 -28.59
N GLN B 528 -4.01 7.69 -29.04
CA GLN B 528 -3.70 6.61 -28.12
C GLN B 528 -2.27 6.68 -27.57
N ALA B 529 -1.45 7.59 -28.07
CA ALA B 529 -0.09 7.73 -27.58
C ALA B 529 -0.08 8.33 -26.19
N ASP B 530 0.98 8.01 -25.43
CA ASP B 530 1.11 8.51 -24.07
C ASP B 530 1.67 9.92 -24.05
N VAL B 531 2.78 10.14 -24.74
CA VAL B 531 3.36 11.47 -24.91
C VAL B 531 3.34 11.75 -26.41
N ALA B 532 2.27 12.38 -26.88
CA ALA B 532 2.08 12.61 -28.31
C ALA B 532 2.45 14.03 -28.68
N VAL B 533 3.27 14.16 -29.73
CA VAL B 533 3.72 15.46 -30.22
C VAL B 533 3.21 15.64 -31.63
N ALA B 534 2.50 16.74 -31.87
CA ALA B 534 2.02 17.07 -33.20
C ALA B 534 3.10 17.82 -33.97
N MET B 535 2.76 18.33 -35.14
CA MET B 535 3.70 19.08 -35.95
C MET B 535 3.00 20.30 -36.53
N ASN B 536 3.67 21.45 -36.48
CA ASN B 536 3.06 22.67 -36.99
C ASN B 536 2.99 22.69 -38.52
N SER B 537 3.85 21.91 -39.18
CA SER B 537 3.80 21.82 -40.64
C SER B 537 2.72 20.89 -41.14
N GLY B 538 2.03 20.18 -40.25
CA GLY B 538 1.01 19.23 -40.63
C GLY B 538 -0.38 19.84 -40.67
N THR B 539 -1.37 18.96 -40.79
CA THR B 539 -2.75 19.37 -40.91
C THR B 539 -3.32 19.76 -39.54
N GLN B 540 -4.58 20.19 -39.54
CA GLN B 540 -5.23 20.62 -38.31
C GLN B 540 -5.63 19.44 -37.42
N ALA B 541 -5.88 18.28 -38.01
CA ALA B 541 -6.34 17.12 -37.23
C ALA B 541 -5.25 16.63 -36.28
N ALA B 542 -4.00 16.61 -36.74
CA ALA B 542 -2.90 16.16 -35.88
C ALA B 542 -2.65 17.14 -34.74
N LYS B 543 -2.81 18.44 -35.01
CA LYS B 543 -2.66 19.43 -33.95
C LYS B 543 -3.81 19.37 -32.96
N GLU B 544 -5.02 19.06 -33.45
CA GLU B 544 -6.17 18.90 -32.56
C GLU B 544 -6.01 17.67 -31.67
N ALA B 545 -5.52 16.58 -32.24
CA ALA B 545 -5.24 15.38 -31.44
C ALA B 545 -3.91 15.53 -30.73
N GLY B 546 -3.57 14.55 -29.91
CA GLY B 546 -2.31 14.55 -29.20
C GLY B 546 -2.30 15.50 -28.01
N ASN B 547 -1.17 15.51 -27.32
CA ASN B 547 -0.98 16.34 -26.14
C ASN B 547 -0.01 17.50 -26.36
N MET B 548 0.86 17.41 -27.35
CA MET B 548 1.86 18.44 -27.61
C MET B 548 1.80 18.86 -29.06
N VAL B 549 2.05 20.15 -29.30
CA VAL B 549 2.17 20.68 -30.65
C VAL B 549 3.50 21.40 -30.74
N ASP B 550 4.36 20.93 -31.64
CA ASP B 550 5.65 21.57 -31.84
C ASP B 550 5.47 22.90 -32.55
N LEU B 551 6.06 23.96 -32.00
CA LEU B 551 6.00 25.25 -32.65
C LEU B 551 6.94 25.33 -33.84
N ASP B 552 8.11 24.69 -33.75
CA ASP B 552 9.04 24.65 -34.86
C ASP B 552 8.80 23.37 -35.68
N SER B 553 9.57 23.21 -36.74
CA SER B 553 9.49 22.03 -37.58
C SER B 553 10.40 20.91 -37.11
N ASN B 554 11.14 21.11 -36.03
CA ASN B 554 12.17 20.16 -35.61
C ASN B 554 11.54 18.90 -35.06
N PRO B 555 11.81 17.72 -35.63
CA PRO B 555 11.20 16.48 -35.12
C PRO B 555 11.84 16.00 -33.83
N THR B 556 13.12 16.33 -33.62
CA THR B 556 13.84 15.87 -32.43
C THR B 556 13.74 16.87 -31.27
N LYS B 557 12.52 17.32 -31.00
CA LYS B 557 12.26 18.09 -29.79
C LYS B 557 12.07 17.19 -28.58
N LEU B 558 11.90 15.88 -28.81
CA LEU B 558 11.68 14.94 -27.72
C LEU B 558 12.90 14.82 -26.81
N ILE B 559 14.09 15.22 -27.28
CA ILE B 559 15.26 15.28 -26.40
C ILE B 559 15.02 16.27 -25.27
N GLU B 560 14.61 17.50 -25.63
CA GLU B 560 14.29 18.50 -24.63
C GLU B 560 13.06 18.12 -23.82
N VAL B 561 12.10 17.44 -24.46
CA VAL B 561 10.91 16.98 -23.74
C VAL B 561 11.27 15.98 -22.65
N VAL B 562 12.14 15.02 -22.98
CA VAL B 562 12.56 14.01 -22.00
C VAL B 562 13.44 14.64 -20.92
N HIS B 563 14.29 15.61 -21.30
CA HIS B 563 15.12 16.29 -20.30
C HIS B 563 14.26 17.04 -19.29
N ILE B 564 13.28 17.81 -19.77
CA ILE B 564 12.41 18.53 -18.85
C ILE B 564 11.51 17.57 -18.09
N GLY B 565 11.18 16.42 -18.69
CA GLY B 565 10.40 15.42 -17.97
C GLY B 565 11.15 14.78 -16.83
N LYS B 566 12.44 14.48 -17.03
CA LYS B 566 13.26 13.94 -15.95
C LYS B 566 13.48 14.96 -14.85
N GLN B 567 13.75 16.22 -15.24
CA GLN B 567 13.94 17.29 -14.26
C GLN B 567 12.67 17.50 -13.44
N MET B 568 11.51 17.43 -14.09
CA MET B 568 10.27 17.66 -13.40
C MET B 568 9.75 16.43 -12.67
N LEU B 569 10.21 15.23 -13.04
CA LEU B 569 10.04 14.08 -12.15
C LEU B 569 10.82 14.26 -10.86
N MET B 570 12.05 14.78 -10.97
CA MET B 570 12.84 15.06 -9.78
C MET B 570 12.17 16.10 -8.88
N THR B 571 11.68 17.19 -9.48
CA THR B 571 10.99 18.20 -8.69
C THR B 571 9.64 17.71 -8.19
N ARG B 572 9.00 16.78 -8.91
CA ARG B 572 7.76 16.18 -8.43
C ARG B 572 8.01 15.31 -7.21
N GLY B 573 9.12 14.56 -7.20
CA GLY B 573 9.50 13.83 -6.01
C GLY B 573 9.80 14.76 -4.84
N SER B 574 10.45 15.89 -5.11
CA SER B 574 10.72 16.88 -4.07
C SER B 574 9.43 17.46 -3.50
N LEU B 575 8.49 17.82 -4.38
CA LEU B 575 7.22 18.35 -3.92
C LEU B 575 6.39 17.30 -3.20
N THR B 576 6.49 16.03 -3.61
CA THR B 576 5.81 14.95 -2.90
C THR B 576 6.38 14.78 -1.51
N THR B 577 7.70 14.90 -1.36
CA THR B 577 8.33 14.91 -0.04
C THR B 577 7.74 16.00 0.83
N PHE B 578 7.69 17.23 0.29
CA PHE B 578 7.17 18.37 1.03
C PHE B 578 5.71 18.18 1.41
N SER B 579 4.91 17.65 0.48
CA SER B 579 3.48 17.51 0.73
C SER B 579 3.18 16.42 1.74
N ILE B 580 3.90 15.28 1.67
CA ILE B 580 3.71 14.21 2.65
C ILE B 580 4.09 14.69 4.04
N ALA B 581 5.24 15.38 4.15
CA ALA B 581 5.64 15.92 5.44
C ALA B 581 4.66 16.98 5.94
N ASN B 582 4.11 17.78 5.01
CA ASN B 582 3.14 18.80 5.37
C ASN B 582 1.87 18.19 5.95
N ASP B 583 1.36 17.14 5.30
CA ASP B 583 0.13 16.50 5.80
C ASP B 583 0.36 15.80 7.14
N VAL B 584 1.51 15.13 7.28
CA VAL B 584 1.83 14.45 8.53
C VAL B 584 1.97 15.45 9.68
N ALA B 585 2.63 16.58 9.42
CA ALA B 585 2.75 17.60 10.47
C ALA B 585 1.43 18.30 10.76
N LYS B 586 0.59 18.48 9.73
CA LYS B 586 -0.69 19.15 9.92
C LYS B 586 -1.64 18.31 10.77
N TYR B 587 -1.56 16.97 10.62
CA TYR B 587 -2.35 16.08 11.48
C TYR B 587 -2.03 16.32 12.96
N PHE B 588 -0.74 16.35 13.31
CA PHE B 588 -0.34 16.62 14.68
C PHE B 588 -0.67 18.05 15.09
N ALA B 589 -0.61 19.00 14.15
CA ALA B 589 -0.84 20.40 14.48
C ALA B 589 -2.30 20.65 14.86
N ILE B 590 -3.24 20.05 14.15
CA ILE B 590 -4.65 20.33 14.39
C ILE B 590 -5.38 19.19 15.07
N ILE B 591 -4.68 18.12 15.45
CA ILE B 591 -5.31 17.04 16.21
C ILE B 591 -5.65 17.38 17.67
N PRO B 592 -4.92 18.23 18.44
CA PRO B 592 -5.37 18.45 19.82
C PRO B 592 -6.64 19.28 19.95
N ALA B 593 -7.04 19.99 18.88
CA ALA B 593 -8.27 20.78 18.92
C ALA B 593 -9.51 19.92 19.05
N ALA B 594 -9.41 18.62 18.73
CA ALA B 594 -10.51 17.70 18.94
C ALA B 594 -10.64 17.25 20.39
N PHE B 595 -9.69 17.60 21.26
CA PHE B 595 -9.67 17.09 22.62
C PHE B 595 -10.03 18.11 23.68
N ALA B 596 -9.86 19.41 23.40
CA ALA B 596 -10.16 20.42 24.41
C ALA B 596 -11.66 20.54 24.65
N ALA B 597 -12.49 20.25 23.65
CA ALA B 597 -13.93 20.35 23.82
C ALA B 597 -14.47 19.22 24.70
N THR B 598 -14.04 17.99 24.44
CA THR B 598 -14.57 16.83 25.15
C THR B 598 -13.84 16.53 26.44
N TYR B 599 -12.67 17.10 26.68
CA TYR B 599 -11.91 16.81 27.88
C TYR B 599 -11.11 18.04 28.31
N PRO B 600 -11.32 18.52 29.53
CA PRO B 600 -10.66 19.77 29.94
C PRO B 600 -9.17 19.62 30.22
N GLN B 601 -8.70 18.45 30.63
CA GLN B 601 -7.32 18.29 31.07
C GLN B 601 -6.36 18.00 29.93
N LEU B 602 -6.82 17.95 28.68
CA LEU B 602 -5.96 17.71 27.53
C LEU B 602 -5.56 18.99 26.81
N ASN B 603 -5.92 20.15 27.36
CA ASN B 603 -5.49 21.42 26.77
C ASN B 603 -3.98 21.60 26.86
N ALA B 604 -3.35 20.94 27.83
CA ALA B 604 -1.88 20.91 27.88
C ALA B 604 -1.27 20.16 26.72
N LEU B 605 -2.05 19.30 26.05
CA LEU B 605 -1.63 18.68 24.80
C LEU B 605 -1.70 19.65 23.62
N ASN B 606 -2.27 20.84 23.83
CA ASN B 606 -2.51 21.78 22.75
C ASN B 606 -1.19 22.42 22.30
N ILE B 607 -0.16 22.36 23.15
CA ILE B 607 1.21 22.80 22.89
C ILE B 607 1.30 24.29 22.59
N MET B 608 0.72 24.75 21.48
CA MET B 608 0.87 26.14 21.10
C MET B 608 0.02 27.09 21.92
N CYS B 609 -0.91 26.57 22.72
CA CYS B 609 -1.95 27.35 23.40
C CYS B 609 -2.76 28.16 22.37
N LEU B 610 -3.43 27.42 21.50
CA LEU B 610 -4.36 28.01 20.54
C LEU B 610 -5.51 28.69 21.28
N HIS B 611 -6.07 29.74 20.64
CA HIS B 611 -7.10 30.54 21.30
C HIS B 611 -8.35 29.72 21.57
N SER B 612 -8.82 28.97 20.58
CA SER B 612 -9.98 28.11 20.74
C SER B 612 -9.88 26.99 19.72
N PRO B 613 -10.47 25.83 19.99
CA PRO B 613 -10.46 24.75 18.98
C PRO B 613 -11.15 25.14 17.68
N ASP B 614 -12.23 25.91 17.76
CA ASP B 614 -12.91 26.37 16.56
C ASP B 614 -12.02 27.29 15.73
N SER B 615 -11.29 28.19 16.40
CA SER B 615 -10.35 29.06 15.70
C SER B 615 -9.21 28.26 15.09
N ALA B 616 -8.71 27.25 15.80
CA ALA B 616 -7.63 26.42 15.28
C ALA B 616 -8.07 25.65 14.05
N ILE B 617 -9.28 25.10 14.07
CA ILE B 617 -9.73 24.30 12.92
C ILE B 617 -10.14 25.20 11.76
N LEU B 618 -10.64 26.41 12.03
CA LEU B 618 -10.85 27.37 10.96
C LEU B 618 -9.54 27.80 10.34
N SER B 619 -8.49 27.95 11.16
CA SER B 619 -7.15 28.20 10.64
C SER B 619 -6.65 27.02 9.81
N ALA B 620 -7.04 25.80 10.19
CA ALA B 620 -6.72 24.64 9.37
C ALA B 620 -7.42 24.70 8.01
N VAL B 621 -8.66 25.19 7.99
CA VAL B 621 -9.37 25.38 6.72
C VAL B 621 -8.65 26.42 5.86
N ILE B 622 -8.19 27.51 6.49
CA ILE B 622 -7.45 28.54 5.75
C ILE B 622 -6.13 27.99 5.21
N PHE B 623 -5.45 27.17 6.01
CA PHE B 623 -4.22 26.52 5.56
C PHE B 623 -4.49 25.57 4.39
N ASN B 624 -5.60 24.85 4.46
CA ASN B 624 -6.05 24.00 3.36
C ASN B 624 -6.26 24.82 2.09
N ALA B 625 -6.92 25.96 2.21
CA ALA B 625 -7.18 26.78 1.03
C ALA B 625 -5.92 27.45 0.50
N LEU B 626 -4.93 27.68 1.37
CA LEU B 626 -3.75 28.44 0.97
C LEU B 626 -2.62 27.57 0.43
N ILE B 627 -2.48 26.34 0.90
CA ILE B 627 -1.34 25.51 0.51
C ILE B 627 -1.45 25.08 -0.95
N ILE B 628 -2.65 24.70 -1.39
CA ILE B 628 -2.85 24.33 -2.79
C ILE B 628 -2.62 25.52 -3.71
N VAL B 629 -2.92 26.74 -3.23
CA VAL B 629 -2.61 27.93 -4.01
C VAL B 629 -1.10 28.14 -4.08
N PHE B 630 -0.42 28.02 -2.94
CA PHE B 630 1.01 28.29 -2.89
C PHE B 630 1.87 27.19 -3.51
N LEU B 631 1.28 26.03 -3.82
CA LEU B 631 2.05 24.96 -4.43
C LEU B 631 2.53 25.33 -5.83
N ILE B 632 1.70 26.03 -6.60
CA ILE B 632 2.10 26.39 -7.97
C ILE B 632 3.28 27.35 -8.01
N PRO B 633 3.35 28.41 -7.19
CA PRO B 633 4.64 29.14 -7.09
C PRO B 633 5.78 28.29 -6.56
N LEU B 634 5.50 27.31 -5.69
CA LEU B 634 6.55 26.41 -5.24
C LEU B 634 6.90 25.38 -6.31
N ALA B 635 5.92 24.99 -7.14
CA ALA B 635 6.22 24.14 -8.29
C ALA B 635 7.11 24.87 -9.28
N LEU B 636 6.85 26.15 -9.49
CA LEU B 636 7.73 26.97 -10.31
C LEU B 636 9.02 27.27 -9.57
N LYS B 637 10.10 27.47 -10.35
CA LYS B 637 11.41 27.88 -9.85
C LYS B 637 11.95 26.91 -8.79
N GLY B 638 12.22 25.68 -9.24
CA GLY B 638 12.72 24.66 -8.34
C GLY B 638 14.14 24.94 -7.89
N VAL B 639 14.54 24.26 -6.83
CA VAL B 639 15.85 24.44 -6.21
C VAL B 639 16.83 23.37 -6.65
N SER B 640 16.43 22.10 -6.53
CA SER B 640 17.30 20.98 -6.88
C SER B 640 16.99 20.52 -8.30
N TYR B 641 18.01 20.51 -9.15
CA TYR B 641 17.85 20.06 -10.53
C TYR B 641 18.96 19.18 -11.05
N LYS B 642 20.11 19.11 -10.38
CA LYS B 642 21.18 18.26 -10.91
C LYS B 642 21.03 16.84 -10.35
N PRO B 643 21.25 15.82 -11.19
CA PRO B 643 21.05 14.44 -10.72
C PRO B 643 22.16 13.98 -9.78
N LEU B 644 21.77 13.18 -8.79
CA LEU B 644 22.71 12.51 -7.90
C LEU B 644 22.39 11.02 -7.87
N THR B 645 23.05 10.28 -6.98
CA THR B 645 22.67 8.90 -6.78
C THR B 645 21.39 8.83 -5.95
N ALA B 646 20.82 7.61 -5.86
CA ALA B 646 19.50 7.45 -5.27
C ALA B 646 19.50 7.77 -3.78
N SER B 647 20.43 7.19 -3.02
CA SER B 647 20.43 7.36 -1.58
C SER B 647 20.76 8.79 -1.18
N ALA B 648 21.79 9.38 -1.79
CA ALA B 648 22.18 10.75 -1.45
C ALA B 648 21.13 11.75 -1.90
N MET B 649 20.52 11.52 -3.08
CA MET B 649 19.49 12.43 -3.55
C MET B 649 18.25 12.35 -2.67
N LEU B 650 17.89 11.14 -2.23
CA LEU B 650 16.78 11.00 -1.30
C LEU B 650 17.10 11.66 0.05
N ARG B 651 18.35 11.55 0.51
CA ARG B 651 18.74 12.18 1.77
C ARG B 651 18.64 13.70 1.67
N ARG B 652 19.18 14.27 0.60
CA ARG B 652 19.12 15.72 0.40
C ARG B 652 17.68 16.20 0.26
N ASN B 653 16.87 15.48 -0.52
CA ASN B 653 15.48 15.83 -0.71
C ASN B 653 14.70 15.76 0.60
N LEU B 654 14.89 14.65 1.35
CA LEU B 654 14.18 14.45 2.60
C LEU B 654 14.55 15.50 3.62
N TRP B 655 15.84 15.86 3.70
CA TRP B 655 16.27 16.94 4.59
C TRP B 655 15.60 18.26 4.20
N ILE B 656 15.87 18.73 2.97
CA ILE B 656 15.52 20.09 2.58
C ILE B 656 14.02 20.28 2.46
N TYR B 657 13.24 19.20 2.30
CA TYR B 657 11.80 19.38 2.22
C TYR B 657 11.03 18.80 3.39
N GLY B 658 11.65 17.96 4.22
CA GLY B 658 11.04 17.61 5.48
C GLY B 658 11.15 18.72 6.49
N LEU B 659 12.23 19.51 6.43
CA LEU B 659 12.28 20.72 7.26
C LEU B 659 11.16 21.68 6.87
N GLY B 660 10.91 21.82 5.56
CA GLY B 660 9.81 22.66 5.12
C GLY B 660 8.45 22.09 5.50
N GLY B 661 8.26 20.78 5.30
CA GLY B 661 6.99 20.16 5.62
C GLY B 661 6.72 20.00 7.10
N LEU B 662 7.73 20.22 7.94
CA LEU B 662 7.49 20.33 9.38
C LEU B 662 7.27 21.77 9.81
N LEU B 663 8.07 22.71 9.30
CA LEU B 663 7.98 24.08 9.78
C LEU B 663 6.76 24.82 9.22
N VAL B 664 6.42 24.59 7.95
CA VAL B 664 5.28 25.30 7.34
C VAL B 664 3.95 25.03 8.02
N PRO B 665 3.56 23.80 8.38
CA PRO B 665 2.24 23.64 9.04
C PRO B 665 2.09 24.35 10.37
N PHE B 666 3.07 24.19 11.27
CA PHE B 666 2.97 24.81 12.59
C PHE B 666 2.97 26.33 12.49
N ILE B 667 3.87 26.89 11.66
CA ILE B 667 3.96 28.32 11.45
C ILE B 667 2.67 28.85 10.83
N GLY B 668 2.14 28.13 9.83
CA GLY B 668 0.93 28.56 9.16
C GLY B 668 -0.28 28.59 10.08
N ILE B 669 -0.48 27.53 10.88
CA ILE B 669 -1.60 27.49 11.80
C ILE B 669 -1.48 28.59 12.84
N LYS B 670 -0.27 28.78 13.39
CA LYS B 670 -0.07 29.83 14.40
C LYS B 670 -0.31 31.22 13.82
N VAL B 671 0.20 31.49 12.62
CA VAL B 671 0.06 32.81 12.00
C VAL B 671 -1.40 33.09 11.65
N ILE B 672 -2.11 32.10 11.11
CA ILE B 672 -3.50 32.32 10.74
C ILE B 672 -4.37 32.50 11.98
N ASP B 673 -4.10 31.76 13.07
CA ASP B 673 -4.87 31.96 14.28
C ASP B 673 -4.58 33.33 14.90
N LEU B 674 -3.32 33.78 14.83
CA LEU B 674 -3.00 35.12 15.32
C LEU B 674 -3.72 36.19 14.50
N LEU B 675 -3.78 36.01 13.18
CA LEU B 675 -4.52 36.94 12.33
C LEU B 675 -6.00 36.94 12.65
N LEU B 676 -6.58 35.75 12.88
CA LEU B 676 -8.00 35.66 13.24
C LEU B 676 -8.27 36.31 14.59
N THR B 677 -7.35 36.14 15.54
CA THR B 677 -7.53 36.72 16.87
C THR B 677 -7.44 38.24 16.82
N VAL B 678 -6.50 38.78 16.05
CA VAL B 678 -6.41 40.24 15.96
C VAL B 678 -7.48 40.81 15.04
N CYS B 679 -8.12 39.98 14.21
CA CYS B 679 -9.27 40.43 13.44
C CYS B 679 -10.59 40.28 14.21
N GLY B 680 -10.59 39.51 15.29
CA GLY B 680 -11.78 39.40 16.12
C GLY B 680 -12.91 38.59 15.54
N LEU B 681 -12.62 37.70 14.58
CA LEU B 681 -13.66 36.89 13.95
C LEU B 681 -14.11 35.73 14.83
N VAL B 682 -13.41 35.43 15.91
CA VAL B 682 -13.78 34.35 16.80
C VAL B 682 -14.77 34.83 17.85
N SER C 2 -12.37 -29.38 -0.58
CA SER C 2 -11.92 -30.73 -0.89
C SER C 2 -10.80 -31.17 0.04
N GLY C 3 -9.57 -30.87 -0.35
CA GLY C 3 -8.40 -31.23 0.47
C GLY C 3 -7.90 -32.65 0.33
N LEU C 4 -8.81 -33.63 0.43
CA LEU C 4 -8.53 -35.05 0.25
C LEU C 4 -7.52 -35.57 1.27
N ARG C 5 -6.82 -36.65 0.90
CA ARG C 5 -5.81 -37.25 1.78
C ARG C 5 -4.67 -36.31 2.18
N PRO C 6 -4.03 -35.53 1.28
CA PRO C 6 -2.91 -34.69 1.75
C PRO C 6 -3.29 -33.62 2.76
N ALA C 7 -4.57 -33.28 2.89
CA ALA C 7 -5.03 -32.42 3.97
C ALA C 7 -5.47 -33.21 5.19
N LEU C 8 -6.33 -34.22 4.99
CA LEU C 8 -6.93 -34.92 6.12
C LEU C 8 -5.90 -35.74 6.89
N SER C 9 -5.10 -36.55 6.18
CA SER C 9 -4.11 -37.38 6.85
C SER C 9 -3.02 -36.54 7.48
N THR C 10 -2.66 -35.42 6.87
CA THR C 10 -1.69 -34.52 7.48
C THR C 10 -2.22 -33.92 8.78
N PHE C 11 -3.49 -33.50 8.79
CA PHE C 11 -4.06 -32.94 10.02
C PHE C 11 -4.18 -34.00 11.10
N ILE C 12 -4.57 -35.23 10.74
CA ILE C 12 -4.66 -36.31 11.73
C ILE C 12 -3.28 -36.65 12.28
N PHE C 13 -2.25 -36.67 11.42
CA PHE C 13 -0.90 -36.94 11.90
C PHE C 13 -0.39 -35.84 12.82
N LEU C 14 -0.65 -34.58 12.48
CA LEU C 14 -0.22 -33.47 13.34
C LEU C 14 -0.96 -33.52 14.68
N LEU C 15 -2.27 -33.77 14.66
CA LEU C 15 -3.03 -33.88 15.88
C LEU C 15 -2.54 -35.02 16.75
N LEU C 16 -2.27 -36.18 16.14
CA LEU C 16 -1.80 -37.34 16.88
C LEU C 16 -0.43 -37.09 17.50
N ILE C 17 0.50 -36.54 16.72
CA ILE C 17 1.86 -36.34 17.20
C ILE C 17 1.90 -35.27 18.29
N THR C 18 1.25 -34.15 18.07
CA THR C 18 1.34 -33.03 18.99
C THR C 18 0.24 -33.01 20.04
N GLY C 19 -0.65 -34.01 20.06
CA GLY C 19 -1.63 -34.11 21.12
C GLY C 19 -1.55 -35.39 21.92
N GLY C 20 -1.10 -36.47 21.31
CA GLY C 20 -0.87 -37.67 22.09
C GLY C 20 0.60 -37.89 22.43
N VAL C 21 1.46 -37.86 21.41
CA VAL C 21 2.84 -38.26 21.58
C VAL C 21 3.60 -37.23 22.41
N TYR C 22 3.46 -35.95 22.07
CA TYR C 22 4.11 -34.89 22.84
C TYR C 22 3.68 -34.82 24.31
N PRO C 23 2.39 -34.72 24.66
CA PRO C 23 2.08 -34.64 26.10
C PRO C 23 2.28 -35.96 26.82
N LEU C 24 2.10 -37.09 26.14
CA LEU C 24 2.37 -38.38 26.76
C LEU C 24 3.85 -38.53 27.10
N LEU C 25 4.73 -38.18 26.16
CA LEU C 25 6.17 -38.29 26.41
C LEU C 25 6.62 -37.28 27.45
N THR C 26 6.07 -36.07 27.43
CA THR C 26 6.46 -35.07 28.42
C THR C 26 5.97 -35.46 29.81
N THR C 27 4.76 -36.02 29.92
CA THR C 27 4.25 -36.52 31.19
C THR C 27 5.11 -37.68 31.70
N VAL C 28 5.49 -38.60 30.81
CA VAL C 28 6.32 -39.72 31.20
C VAL C 28 7.68 -39.24 31.70
N LEU C 29 8.29 -38.29 30.99
CA LEU C 29 9.58 -37.74 31.40
C LEU C 29 9.48 -37.03 32.74
N GLY C 30 8.42 -36.24 32.94
CA GLY C 30 8.26 -35.51 34.19
C GLY C 30 8.04 -36.43 35.38
N GLN C 31 7.17 -37.43 35.21
CA GLN C 31 6.92 -38.36 36.30
C GLN C 31 8.11 -39.27 36.57
N TRP C 32 8.89 -39.59 35.54
CA TRP C 32 10.05 -40.46 35.74
C TRP C 32 11.21 -39.72 36.38
N TRP C 33 11.39 -38.44 36.04
CA TRP C 33 12.56 -37.70 36.53
C TRP C 33 12.24 -36.91 37.80
N PHE C 34 11.23 -36.04 37.74
CA PHE C 34 11.01 -34.99 38.73
C PHE C 34 9.60 -35.12 39.30
N PRO C 35 9.35 -36.12 40.16
CA PRO C 35 7.98 -36.36 40.61
C PRO C 35 7.47 -35.32 41.60
N TRP C 36 8.31 -34.89 42.55
CA TRP C 36 7.86 -33.90 43.53
C TRP C 36 7.63 -32.55 42.89
N GLN C 37 8.48 -32.17 41.93
CA GLN C 37 8.28 -30.91 41.21
C GLN C 37 7.09 -31.00 40.27
N ALA C 38 6.92 -32.13 39.59
CA ALA C 38 5.85 -32.28 38.62
C ALA C 38 4.50 -32.61 39.24
N ASN C 39 4.45 -32.89 40.54
CA ASN C 39 3.20 -33.19 41.21
C ASN C 39 2.62 -31.98 41.94
N GLY C 40 3.28 -30.83 41.88
CA GLY C 40 2.77 -29.61 42.48
C GLY C 40 3.57 -29.08 43.65
N SER C 41 4.72 -29.69 43.97
CA SER C 41 5.59 -29.28 45.08
C SER C 41 4.84 -29.24 46.41
N LEU C 42 4.03 -30.26 46.65
CA LEU C 42 3.18 -30.30 47.83
C LEU C 42 4.00 -30.58 49.09
N ILE C 43 3.45 -30.17 50.23
CA ILE C 43 3.97 -30.54 51.54
C ILE C 43 3.06 -31.64 52.08
N ARG C 44 3.62 -32.83 52.24
CA ARG C 44 2.89 -34.02 52.64
C ARG C 44 3.42 -34.46 54.00
N GLU C 45 2.85 -33.89 55.07
CA GLU C 45 3.12 -34.32 56.44
C GLU C 45 2.02 -35.30 56.84
N GLY C 46 2.39 -36.57 56.99
CA GLY C 46 1.39 -37.61 57.15
C GLY C 46 0.65 -37.83 55.83
N ASP C 47 -0.61 -38.23 55.94
CA ASP C 47 -1.47 -38.41 54.78
C ASP C 47 -2.28 -37.18 54.45
N THR C 48 -2.08 -36.08 55.17
CA THR C 48 -2.81 -34.84 54.96
C THR C 48 -1.89 -33.81 54.31
N VAL C 49 -2.40 -33.14 53.28
CA VAL C 49 -1.62 -32.14 52.57
C VAL C 49 -1.63 -30.84 53.39
N ARG C 50 -0.45 -30.35 53.75
CA ARG C 50 -0.34 -29.12 54.50
C ARG C 50 -0.28 -27.90 53.59
N GLY C 51 -0.28 -28.09 52.28
CA GLY C 51 -0.17 -27.03 51.31
C GLY C 51 0.85 -27.35 50.24
N SER C 52 1.05 -26.38 49.35
CA SER C 52 2.06 -26.47 48.31
C SER C 52 3.02 -25.30 48.44
N ALA C 53 4.27 -25.54 48.03
CA ALA C 53 5.35 -24.58 48.25
C ALA C 53 5.41 -23.48 47.19
N LEU C 54 4.35 -23.27 46.43
CA LEU C 54 4.37 -22.24 45.40
C LEU C 54 3.21 -21.26 45.51
N ILE C 55 2.03 -21.71 45.90
CA ILE C 55 0.83 -20.87 45.81
C ILE C 55 0.77 -19.88 46.98
N GLY C 56 0.71 -20.38 48.20
CA GLY C 56 0.52 -19.51 49.33
C GLY C 56 -0.89 -19.59 49.89
N GLN C 57 -1.01 -19.26 51.17
CA GLN C 57 -2.27 -19.39 51.90
C GLN C 57 -2.66 -18.04 52.48
N ASN C 58 -3.72 -18.04 53.29
CA ASN C 58 -4.28 -16.79 53.80
C ASN C 58 -3.42 -16.20 54.90
N PHE C 59 -3.21 -16.97 55.98
CA PHE C 59 -2.37 -16.59 57.13
C PHE C 59 -2.87 -15.30 57.79
N THR C 60 -4.11 -15.36 58.26
CA THR C 60 -4.74 -14.21 58.90
C THR C 60 -4.45 -14.11 60.39
N GLY C 61 -3.83 -15.12 60.99
CA GLY C 61 -3.54 -15.10 62.41
C GLY C 61 -2.31 -14.28 62.74
N ASN C 62 -2.24 -13.85 64.00
CA ASN C 62 -1.10 -13.07 64.46
C ASN C 62 0.13 -13.97 64.61
N GLY C 63 1.28 -13.43 64.24
CA GLY C 63 2.51 -14.19 64.31
C GLY C 63 2.65 -15.25 63.24
N TYR C 64 1.90 -15.15 62.15
CA TYR C 64 1.95 -16.11 61.07
C TYR C 64 2.52 -15.53 59.78
N PHE C 65 3.20 -14.39 59.86
CA PHE C 65 3.88 -13.75 58.72
C PHE C 65 2.89 -13.45 57.58
N HIS C 66 2.02 -12.46 57.85
CA HIS C 66 1.00 -12.03 56.90
C HIS C 66 1.58 -11.76 55.52
N GLY C 67 1.00 -12.42 54.52
CA GLY C 67 1.51 -12.37 53.17
C GLY C 67 0.92 -11.22 52.35
N ARG C 68 1.17 -11.28 51.05
CA ARG C 68 0.69 -10.26 50.14
C ARG C 68 -0.84 -10.36 49.99
N PRO C 69 -1.50 -9.24 49.70
CA PRO C 69 -2.96 -9.30 49.49
C PRO C 69 -3.31 -10.11 48.25
N SER C 70 -4.48 -10.76 48.31
CA SER C 70 -4.90 -11.67 47.26
C SER C 70 -5.90 -11.04 46.30
N ALA C 71 -7.06 -10.61 46.84
CA ALA C 71 -8.15 -10.00 46.06
C ALA C 71 -8.60 -10.91 44.91
N THR C 72 -8.87 -12.16 45.24
CA THR C 72 -9.34 -13.12 44.24
C THR C 72 -10.86 -13.00 44.09
N ALA C 73 -11.48 -13.99 43.45
CA ALA C 73 -12.88 -13.89 43.09
C ALA C 73 -13.80 -14.13 44.28
N GLU C 74 -13.77 -15.34 44.83
CA GLU C 74 -14.74 -15.73 45.86
C GLU C 74 -14.24 -15.46 47.27
N MET C 75 -13.12 -16.08 47.64
CA MET C 75 -12.52 -15.92 48.95
C MET C 75 -11.05 -15.54 48.78
N PRO C 76 -10.45 -14.87 49.77
CA PRO C 76 -9.03 -14.54 49.67
C PRO C 76 -8.15 -15.79 49.57
N TYR C 77 -7.12 -15.69 48.73
CA TYR C 77 -6.17 -16.77 48.44
C TYR C 77 -6.89 -18.03 47.95
N ASN C 78 -7.91 -17.84 47.12
CA ASN C 78 -8.57 -18.98 46.50
C ASN C 78 -7.76 -19.43 45.30
N PRO C 79 -7.23 -20.65 45.29
CA PRO C 79 -6.34 -21.05 44.19
C PRO C 79 -7.12 -21.35 42.91
N GLN C 80 -8.39 -21.74 43.05
CA GLN C 80 -9.20 -22.04 41.87
C GLN C 80 -9.61 -20.79 41.10
N ALA C 81 -9.63 -19.63 41.77
CA ALA C 81 -9.98 -18.39 41.07
C ALA C 81 -8.83 -17.90 40.21
N SER C 82 -7.66 -17.69 40.82
CA SER C 82 -6.42 -17.29 40.17
C SER C 82 -6.56 -15.95 39.44
N GLY C 83 -7.46 -15.10 39.90
CA GLY C 83 -7.58 -13.75 39.39
C GLY C 83 -6.82 -12.75 40.23
N GLY C 84 -6.80 -11.50 39.76
CA GLY C 84 -6.08 -10.45 40.45
C GLY C 84 -6.90 -9.19 40.53
N SER C 85 -6.48 -8.30 41.43
CA SER C 85 -7.08 -6.99 41.56
C SER C 85 -6.70 -6.16 40.34
N ASN C 86 -7.64 -6.00 39.42
CA ASN C 86 -7.40 -5.26 38.18
C ASN C 86 -7.79 -3.79 38.30
N LEU C 87 -7.69 -3.23 39.50
CA LEU C 87 -8.08 -1.84 39.73
C LEU C 87 -7.04 -0.90 39.16
N ALA C 88 -7.50 0.22 38.60
CA ALA C 88 -6.62 1.13 37.89
C ALA C 88 -5.93 2.10 38.85
N VAL C 89 -5.12 3.00 38.29
CA VAL C 89 -4.46 4.02 39.09
C VAL C 89 -5.47 5.03 39.62
N SER C 90 -6.35 5.51 38.75
CA SER C 90 -7.30 6.55 39.09
C SER C 90 -8.57 6.02 39.75
N ASN C 91 -8.68 4.72 39.94
CA ASN C 91 -9.87 4.14 40.54
C ASN C 91 -9.90 4.44 42.04
N PRO C 92 -10.95 5.10 42.55
CA PRO C 92 -11.02 5.34 44.00
C PRO C 92 -11.30 4.09 44.82
N GLU C 93 -11.79 3.01 44.20
CA GLU C 93 -12.00 1.77 44.93
C GLU C 93 -10.68 1.19 45.41
N LEU C 94 -9.65 1.25 44.56
CA LEU C 94 -8.32 0.81 44.98
C LEU C 94 -7.78 1.68 46.12
N ASP C 95 -8.04 2.99 46.07
CA ASP C 95 -7.60 3.88 47.13
C ASP C 95 -8.29 3.56 48.46
N LYS C 96 -9.61 3.32 48.43
CA LYS C 96 -10.32 2.95 49.65
C LYS C 96 -9.84 1.60 50.18
N LEU C 97 -9.62 0.64 49.30
CA LEU C 97 -9.14 -0.68 49.71
C LEU C 97 -7.75 -0.60 50.34
N ILE C 98 -6.85 0.17 49.71
CA ILE C 98 -5.49 0.27 50.24
C ILE C 98 -5.48 1.10 51.52
N ALA C 99 -6.39 2.07 51.67
CA ALA C 99 -6.46 2.82 52.93
C ALA C 99 -6.96 1.95 54.06
N ALA C 100 -8.00 1.14 53.81
CA ALA C 100 -8.48 0.22 54.83
C ALA C 100 -7.43 -0.82 55.18
N ARG C 101 -6.69 -1.32 54.18
CA ARG C 101 -5.68 -2.33 54.45
C ARG C 101 -4.50 -1.75 55.20
N VAL C 102 -4.07 -0.53 54.87
CA VAL C 102 -2.96 0.07 55.60
C VAL C 102 -3.38 0.45 57.01
N ALA C 103 -4.66 0.81 57.21
CA ALA C 103 -5.16 1.02 58.57
C ALA C 103 -5.14 -0.27 59.38
N ALA C 104 -5.55 -1.39 58.75
CA ALA C 104 -5.50 -2.67 59.44
C ALA C 104 -4.07 -3.09 59.75
N LEU C 105 -3.15 -2.85 58.82
CA LEU C 105 -1.74 -3.17 59.04
C LEU C 105 -1.14 -2.33 60.16
N ARG C 106 -1.50 -1.04 60.21
CA ARG C 106 -1.01 -0.18 61.29
C ARG C 106 -1.61 -0.58 62.63
N ALA C 107 -2.87 -1.03 62.63
CA ALA C 107 -3.48 -1.51 63.87
C ALA C 107 -2.83 -2.80 64.34
N ALA C 108 -2.49 -3.69 63.40
CA ALA C 108 -1.90 -4.97 63.78
C ALA C 108 -0.46 -4.79 64.26
N ASN C 109 0.33 -3.99 63.55
CA ASN C 109 1.72 -3.74 63.91
C ASN C 109 1.86 -2.31 64.42
N PRO C 110 1.98 -2.10 65.73
CA PRO C 110 2.00 -0.72 66.24
C PRO C 110 3.38 -0.07 66.21
N ASP C 111 4.46 -0.85 66.17
CA ASP C 111 5.81 -0.29 66.26
C ASP C 111 6.76 -0.95 65.27
N ALA C 112 6.24 -1.52 64.18
CA ALA C 112 7.10 -2.14 63.18
C ALA C 112 7.96 -1.10 62.47
N SER C 113 7.33 -0.05 61.95
CA SER C 113 8.00 1.06 61.28
C SER C 113 7.00 2.20 61.13
N ALA C 114 7.53 3.39 60.85
CA ALA C 114 6.68 4.52 60.55
C ALA C 114 5.94 4.32 59.23
N SER C 115 6.62 3.75 58.24
CA SER C 115 6.06 3.51 56.93
C SER C 115 5.64 2.04 56.80
N VAL C 116 5.22 1.65 55.59
CA VAL C 116 4.80 0.28 55.31
C VAL C 116 5.39 -0.11 53.97
N PRO C 117 5.81 -1.36 53.78
CA PRO C 117 6.23 -1.80 52.44
C PRO C 117 5.06 -1.81 51.46
N VAL C 118 5.37 -1.52 50.20
CA VAL C 118 4.33 -1.42 49.18
C VAL C 118 3.77 -2.80 48.84
N GLU C 119 4.61 -3.82 48.83
CA GLU C 119 4.16 -5.15 48.41
C GLU C 119 3.31 -5.85 49.46
N LEU C 120 3.44 -5.47 50.73
CA LEU C 120 2.61 -6.05 51.77
C LEU C 120 1.21 -5.44 51.82
N VAL C 121 0.94 -4.39 51.06
CA VAL C 121 -0.35 -3.75 51.06
C VAL C 121 -1.00 -3.70 49.67
N THR C 122 -0.22 -3.85 48.60
CA THR C 122 -0.77 -3.90 47.26
C THR C 122 -0.95 -5.34 46.81
N ALA C 123 -2.10 -5.62 46.17
CA ALA C 123 -2.46 -6.98 45.80
C ALA C 123 -1.56 -7.50 44.69
N SER C 124 -1.40 -8.82 44.65
CA SER C 124 -0.55 -9.46 43.67
C SER C 124 -1.28 -9.63 42.33
N ALA C 125 -0.51 -9.99 41.31
CA ALA C 125 -1.05 -10.09 39.96
C ALA C 125 -1.99 -11.29 39.81
N SER C 126 -1.54 -12.46 40.27
CA SER C 126 -2.34 -13.68 40.16
C SER C 126 -3.25 -13.91 41.36
N GLY C 127 -3.15 -13.07 42.39
CA GLY C 127 -3.88 -13.29 43.62
C GLY C 127 -3.26 -14.31 44.54
N LEU C 128 -2.21 -15.00 44.10
CA LEU C 128 -1.57 -16.07 44.86
C LEU C 128 -0.07 -15.84 44.80
N ASP C 129 0.47 -15.11 45.77
CA ASP C 129 1.91 -14.83 45.85
C ASP C 129 2.43 -15.35 47.18
N ASN C 130 3.25 -16.40 47.12
CA ASN C 130 3.81 -17.03 48.31
C ASN C 130 5.19 -16.46 48.61
N ASN C 131 5.63 -15.45 47.86
CA ASN C 131 6.98 -14.94 48.00
C ASN C 131 6.94 -13.46 48.36
N ILE C 132 7.84 -13.06 49.25
CA ILE C 132 7.90 -11.70 49.78
C ILE C 132 9.36 -11.25 49.79
N THR C 133 9.60 -9.99 49.41
CA THR C 133 10.96 -9.44 49.44
C THR C 133 11.49 -9.43 50.88
N PRO C 134 12.81 -9.61 51.06
CA PRO C 134 13.35 -9.72 52.42
C PRO C 134 13.15 -8.48 53.28
N GLN C 135 13.13 -7.28 52.69
CA GLN C 135 12.88 -6.09 53.48
C GLN C 135 11.43 -6.05 53.98
N ALA C 136 10.48 -6.49 53.16
CA ALA C 136 9.09 -6.54 53.60
C ALA C 136 8.85 -7.67 54.60
N ALA C 137 9.60 -8.76 54.47
CA ALA C 137 9.50 -9.83 55.46
C ALA C 137 10.13 -9.42 56.79
N ALA C 138 11.21 -8.64 56.74
CA ALA C 138 11.87 -8.14 57.93
C ALA C 138 11.17 -6.93 58.53
N TRP C 139 10.22 -6.34 57.80
CA TRP C 139 9.42 -5.26 58.37
C TRP C 139 8.55 -5.75 59.53
N GLN C 140 8.13 -7.01 59.51
CA GLN C 140 7.21 -7.55 60.50
C GLN C 140 7.90 -8.50 61.48
N ILE C 141 9.19 -8.28 61.75
CA ILE C 141 9.87 -9.07 62.78
C ILE C 141 9.30 -8.89 64.18
N PRO C 142 9.16 -7.66 64.73
CA PRO C 142 8.84 -7.57 66.16
C PRO C 142 7.45 -8.03 66.54
N ARG C 143 6.45 -7.86 65.67
CA ARG C 143 5.11 -8.34 65.99
C ARG C 143 5.08 -9.85 66.11
N VAL C 144 5.70 -10.56 65.16
CA VAL C 144 5.76 -12.01 65.21
C VAL C 144 6.62 -12.47 66.39
N ALA C 145 7.68 -11.72 66.70
CA ALA C 145 8.53 -12.08 67.84
C ALA C 145 7.77 -11.95 69.16
N LYS C 146 6.99 -10.87 69.31
CA LYS C 146 6.19 -10.71 70.53
C LYS C 146 5.05 -11.71 70.59
N ALA C 147 4.49 -12.10 69.44
CA ALA C 147 3.40 -13.06 69.44
C ALA C 147 3.89 -14.46 69.79
N ARG C 148 5.00 -14.89 69.21
CA ARG C 148 5.48 -16.26 69.37
C ARG C 148 6.57 -16.40 70.43
N ASN C 149 6.88 -15.32 71.16
CA ASN C 149 7.93 -15.31 72.20
C ASN C 149 9.28 -15.75 71.63
N LEU C 150 9.67 -15.14 70.52
CA LEU C 150 10.90 -15.48 69.83
C LEU C 150 11.84 -14.29 69.82
N SER C 151 13.08 -14.52 69.38
CA SER C 151 14.07 -13.47 69.31
C SER C 151 14.29 -13.04 67.87
N VAL C 152 14.56 -11.74 67.70
CA VAL C 152 14.74 -11.16 66.37
C VAL C 152 15.96 -11.75 65.68
N GLU C 153 16.95 -12.20 66.46
CA GLU C 153 18.15 -12.81 65.91
C GLU C 153 17.81 -14.09 65.16
N GLN C 154 17.28 -15.09 65.88
CA GLN C 154 16.92 -16.36 65.25
C GLN C 154 15.81 -16.17 64.22
N LEU C 155 14.95 -15.16 64.39
CA LEU C 155 13.95 -14.88 63.38
C LEU C 155 14.59 -14.43 62.06
N THR C 156 15.61 -13.56 62.13
CA THR C 156 16.19 -13.11 60.87
C THR C 156 17.10 -14.18 60.26
N GLN C 157 17.71 -15.08 61.05
CA GLN C 157 18.36 -16.20 60.35
C GLN C 157 17.35 -17.17 59.78
N LEU C 158 16.16 -17.29 60.37
CA LEU C 158 15.12 -18.10 59.74
C LEU C 158 14.68 -17.51 58.40
N ILE C 159 14.50 -16.19 58.36
CA ILE C 159 14.15 -15.51 57.12
C ILE C 159 15.26 -15.66 56.09
N ALA C 160 16.52 -15.54 56.53
CA ALA C 160 17.64 -15.70 55.61
C ALA C 160 17.78 -17.14 55.12
N LYS C 161 17.46 -18.12 55.96
CA LYS C 161 17.64 -19.52 55.58
C LYS C 161 16.53 -19.99 54.64
N TYR C 162 15.30 -19.51 54.84
CA TYR C 162 14.26 -19.69 53.83
C TYR C 162 14.19 -18.46 52.92
N SER C 163 15.27 -18.25 52.18
CA SER C 163 15.33 -17.21 51.16
C SER C 163 15.76 -17.83 49.84
N GLN C 164 15.02 -17.50 48.79
CA GLN C 164 15.37 -17.87 47.43
C GLN C 164 16.00 -16.67 46.74
N GLN C 165 17.21 -16.87 46.20
CA GLN C 165 17.96 -15.85 45.51
C GLN C 165 18.07 -16.19 44.04
N PRO C 166 17.87 -15.24 43.13
CA PRO C 166 17.99 -15.54 41.70
C PRO C 166 19.45 -15.75 41.31
N LEU C 167 19.64 -16.26 40.09
CA LEU C 167 20.98 -16.50 39.58
C LEU C 167 21.76 -15.21 39.41
N VAL C 168 21.08 -14.15 38.93
CA VAL C 168 21.66 -12.83 38.84
C VAL C 168 20.72 -11.83 39.50
N LYS C 169 21.26 -10.65 39.81
CA LYS C 169 20.50 -9.68 40.58
C LYS C 169 19.42 -9.00 39.75
N TYR C 170 19.74 -8.66 38.49
CA TYR C 170 18.85 -7.84 37.69
C TYR C 170 17.67 -8.60 37.09
N ILE C 171 17.67 -9.94 37.17
CA ILE C 171 16.63 -10.72 36.52
C ILE C 171 15.33 -10.65 37.32
N GLY C 172 15.40 -10.32 38.60
CA GLY C 172 14.23 -10.27 39.45
C GLY C 172 14.54 -9.68 40.81
N GLN C 173 14.00 -10.27 41.87
CA GLN C 173 14.22 -9.82 43.23
C GLN C 173 14.48 -11.01 44.12
N PRO C 174 15.32 -10.85 45.15
CA PRO C 174 15.42 -11.88 46.19
C PRO C 174 14.11 -12.00 46.94
N VAL C 175 13.76 -13.23 47.34
CA VAL C 175 12.45 -13.50 47.94
C VAL C 175 12.61 -14.46 49.11
N VAL C 176 11.52 -14.57 49.89
CA VAL C 176 11.35 -15.59 50.91
C VAL C 176 9.98 -16.22 50.71
N ASN C 177 9.85 -17.47 51.13
CA ASN C 177 8.62 -18.23 50.99
C ASN C 177 7.83 -18.16 52.28
N ILE C 178 6.56 -17.76 52.20
CA ILE C 178 5.75 -17.59 53.39
C ILE C 178 5.34 -18.94 53.97
N VAL C 179 4.93 -19.87 53.11
CA VAL C 179 4.33 -21.13 53.58
C VAL C 179 5.38 -21.99 54.28
N GLU C 180 6.57 -22.11 53.68
CA GLU C 180 7.64 -22.90 54.31
C GLU C 180 8.10 -22.27 55.62
N LEU C 181 8.15 -20.95 55.68
CA LEU C 181 8.50 -20.27 56.92
C LEU C 181 7.45 -20.51 58.01
N ASN C 182 6.17 -20.47 57.65
CA ASN C 182 5.12 -20.72 58.62
C ASN C 182 5.13 -22.17 59.10
N LEU C 183 5.39 -23.11 58.20
CA LEU C 183 5.50 -24.50 58.61
C LEU C 183 6.74 -24.73 59.48
N ALA C 184 7.82 -24.00 59.22
CA ALA C 184 8.98 -24.04 60.10
C ALA C 184 8.64 -23.50 61.48
N LEU C 185 7.83 -22.44 61.53
CA LEU C 185 7.39 -21.91 62.82
C LEU C 185 6.53 -22.92 63.58
N ASP C 186 5.63 -23.60 62.85
CA ASP C 186 4.79 -24.62 63.48
C ASP C 186 5.62 -25.81 63.97
N LYS C 187 6.67 -26.16 63.23
CA LYS C 187 7.59 -27.20 63.70
C LYS C 187 8.41 -26.74 64.89
N LEU C 188 8.75 -25.44 64.94
CA LEU C 188 9.48 -24.85 66.05
C LEU C 188 8.59 -24.60 67.26
N ASP C 189 7.27 -24.75 67.12
CA ASP C 189 6.38 -24.69 68.28
C ASP C 189 6.70 -25.79 69.29
N GLU C 190 7.03 -26.97 68.81
CA GLU C 190 7.47 -28.06 69.68
C GLU C 190 8.76 -28.70 69.16
N MET D 1 -33.16 6.58 20.70
CA MET D 1 -33.39 7.05 19.34
C MET D 1 -32.15 7.75 18.78
N SER D 2 -31.76 7.37 17.57
CA SER D 2 -30.62 7.98 16.87
C SER D 2 -31.19 8.99 15.87
N ALA D 3 -31.10 10.27 16.23
CA ALA D 3 -31.60 11.32 15.34
C ALA D 3 -30.75 11.43 14.08
N GLY D 4 -29.44 11.38 14.21
CA GLY D 4 -28.56 11.43 13.07
C GLY D 4 -27.38 10.48 13.20
N VAL D 5 -27.35 9.73 14.30
CA VAL D 5 -26.24 8.83 14.57
C VAL D 5 -26.21 7.68 13.57
N ILE D 6 -27.36 7.06 13.33
CA ILE D 6 -27.43 5.95 12.38
C ILE D 6 -27.18 6.44 10.95
N THR D 7 -27.62 7.65 10.62
CA THR D 7 -27.31 8.23 9.32
C THR D 7 -25.81 8.48 9.17
N GLY D 8 -25.16 8.93 10.23
CA GLY D 8 -23.72 9.09 10.20
C GLY D 8 -22.98 7.78 10.03
N VAL D 9 -23.44 6.73 10.72
CA VAL D 9 -22.83 5.40 10.58
C VAL D 9 -22.99 4.89 9.14
N LEU D 10 -24.18 5.07 8.56
CA LEU D 10 -24.40 4.64 7.18
C LEU D 10 -23.54 5.44 6.21
N LEU D 11 -23.39 6.74 6.46
CA LEU D 11 -22.54 7.58 5.60
C LEU D 11 -21.09 7.15 5.68
N VAL D 12 -20.58 6.87 6.89
CA VAL D 12 -19.20 6.40 7.04
C VAL D 12 -19.01 5.06 6.37
N PHE D 13 -19.98 4.14 6.51
CA PHE D 13 -19.87 2.83 5.87
C PHE D 13 -19.84 2.94 4.36
N LEU D 14 -20.73 3.76 3.79
CA LEU D 14 -20.78 3.95 2.34
C LEU D 14 -19.52 4.64 1.84
N LEU D 15 -19.01 5.62 2.59
CA LEU D 15 -17.82 6.34 2.17
C LEU D 15 -16.58 5.45 2.26
N LEU D 16 -16.50 4.59 3.27
CA LEU D 16 -15.40 3.64 3.36
C LEU D 16 -15.47 2.61 2.25
N GLY D 17 -16.67 2.15 1.90
CA GLY D 17 -16.82 1.26 0.75
C GLY D 17 -16.40 1.90 -0.55
N TYR D 18 -16.75 3.18 -0.73
CA TYR D 18 -16.32 3.92 -1.91
C TYR D 18 -14.81 4.09 -1.94
N LEU D 19 -14.20 4.33 -0.78
CA LEU D 19 -12.74 4.45 -0.71
C LEU D 19 -12.05 3.15 -1.05
N VAL D 20 -12.59 2.02 -0.58
CA VAL D 20 -12.03 0.72 -0.94
C VAL D 20 -12.20 0.44 -2.43
N TYR D 21 -13.35 0.86 -2.99
CA TYR D 21 -13.57 0.73 -4.43
C TYR D 21 -12.54 1.53 -5.22
N ALA D 22 -12.27 2.77 -4.79
CA ALA D 22 -11.28 3.59 -5.46
C ALA D 22 -9.86 3.06 -5.25
N LEU D 23 -9.62 2.35 -4.14
CA LEU D 23 -8.33 1.70 -3.96
C LEU D 23 -8.17 0.53 -4.92
N ILE D 24 -9.21 -0.29 -5.08
CA ILE D 24 -9.11 -1.44 -5.97
C ILE D 24 -8.96 -1.00 -7.42
N ASN D 25 -9.77 -0.05 -7.87
CA ASN D 25 -9.75 0.38 -9.26
C ASN D 25 -9.18 1.79 -9.35
N ALA D 26 -8.10 1.93 -10.13
CA ALA D 26 -7.46 3.23 -10.36
C ALA D 26 -8.36 4.05 -11.28
N GLU D 27 -9.06 5.02 -10.70
CA GLU D 27 -10.01 5.84 -11.43
C GLU D 27 -9.33 6.80 -12.40
K K E . -1.50 -10.16 12.06
#